data_4MJT
#
_entry.id   4MJT
#
_cell.length_a   162.400
_cell.length_b   146.200
_cell.length_c   144.320
_cell.angle_alpha   90.00
_cell.angle_beta   122.80
_cell.angle_gamma   90.00
#
_symmetry.space_group_name_H-M   'C 1 2 1'
#
loop_
_entity.id
_entity.type
_entity.pdbx_description
1 polymer MONALYSIN
2 polymer Monalysin
3 non-polymer 'ZINC ION'
4 water water
#
loop_
_entity_poly.entity_id
_entity_poly.type
_entity_poly.pdbx_seq_one_letter_code
_entity_poly.pdbx_strand_id
1 'polypeptide(L)'
;SGRFDQYPTKKGDFAIDGYLLDYSSPKQGCWVDGITVYGDIYIGKQNWGTYTRPVFAYLQYVETISIPQNVTTTLSYQLT
KGHTRSFETSVNAKYSVGANIDIVNVGSEISTGFTRSESWSTTQSFTDTTEMKGPGTFVIYQVVLVYAHNATSAGRQNAN
AFAYSKTQAVGSRVDLYYLSAITQRKRVIVPSSNAVTPLDWDTVQRNVLMENYNPGSNSGHFSFDWSAYNDPHRRY
;
A,B,C,D,E,F,G,H,I
2 'polypeptide(L)' QPQSHSIELDEVSKEAASTRAALTSNL J,K,L,M,N,O,P,Q,R
#
loop_
_chem_comp.id
_chem_comp.type
_chem_comp.name
_chem_comp.formula
ZN non-polymer 'ZINC ION' 'Zn 2'
#
# COMPACT_ATOMS: atom_id res chain seq x y z
N SER A 1 34.95 7.28 -42.42
CA SER A 1 35.15 6.73 -43.76
C SER A 1 35.99 5.45 -43.72
N GLY A 2 37.33 5.55 -43.75
CA GLY A 2 38.25 4.41 -43.68
C GLY A 2 38.24 3.69 -42.34
N ARG A 3 37.40 4.21 -41.40
CA ARG A 3 37.15 3.69 -40.05
C ARG A 3 36.38 2.37 -40.16
N PHE A 4 35.66 2.17 -41.28
CA PHE A 4 34.87 0.98 -41.54
C PHE A 4 35.73 -0.28 -41.68
N ASP A 5 36.99 -0.14 -42.14
CA ASP A 5 37.91 -1.27 -42.23
C ASP A 5 38.44 -1.63 -40.83
N GLN A 6 38.33 -0.68 -39.87
CA GLN A 6 38.74 -0.87 -38.47
C GLN A 6 37.68 -1.57 -37.61
N TYR A 7 36.39 -1.53 -38.01
CA TYR A 7 35.30 -2.22 -37.28
C TYR A 7 35.47 -3.75 -37.42
N PRO A 8 35.28 -4.52 -36.33
CA PRO A 8 35.44 -5.98 -36.43
C PRO A 8 34.23 -6.67 -37.07
N THR A 9 34.37 -7.98 -37.34
CA THR A 9 33.30 -8.81 -37.87
C THR A 9 32.83 -9.70 -36.74
N LYS A 10 31.50 -9.71 -36.52
CA LYS A 10 30.85 -10.48 -35.47
C LYS A 10 29.83 -11.47 -36.02
N LYS A 11 29.71 -12.65 -35.35
CA LYS A 11 28.82 -13.75 -35.73
C LYS A 11 27.85 -14.12 -34.61
N GLY A 12 26.56 -14.04 -34.92
CA GLY A 12 25.49 -14.38 -33.99
C GLY A 12 25.22 -13.25 -33.02
N ASP A 13 24.08 -13.33 -32.29
CA ASP A 13 23.69 -12.28 -31.34
C ASP A 13 24.65 -12.12 -30.19
N PHE A 14 25.13 -13.23 -29.58
CA PHE A 14 26.05 -13.20 -28.45
C PHE A 14 27.25 -12.27 -28.72
N ALA A 15 27.90 -12.42 -29.90
CA ALA A 15 29.03 -11.61 -30.33
C ALA A 15 28.62 -10.17 -30.65
N ILE A 16 27.53 -9.97 -31.43
CA ILE A 16 27.01 -8.65 -31.81
C ILE A 16 26.57 -7.83 -30.58
N ASP A 17 25.63 -8.36 -29.78
CA ASP A 17 25.11 -7.72 -28.57
C ASP A 17 26.19 -7.48 -27.54
N GLY A 18 27.08 -8.46 -27.37
CA GLY A 18 28.19 -8.37 -26.42
C GLY A 18 29.11 -7.21 -26.76
N TYR A 19 29.37 -7.01 -28.06
CA TYR A 19 30.21 -5.94 -28.57
C TYR A 19 29.55 -4.57 -28.46
N LEU A 20 28.36 -4.38 -29.08
CA LEU A 20 27.64 -3.11 -29.12
C LEU A 20 27.03 -2.67 -27.79
N LEU A 21 26.31 -3.56 -27.09
CA LEU A 21 25.68 -3.23 -25.82
C LEU A 21 26.72 -3.27 -24.71
N ASP A 22 27.42 -2.15 -24.53
CA ASP A 22 28.46 -1.97 -23.52
C ASP A 22 28.32 -0.53 -23.00
N TYR A 23 27.78 -0.36 -21.77
CA TYR A 23 27.55 0.97 -21.17
C TYR A 23 28.87 1.69 -20.80
N SER A 24 29.93 0.89 -20.52
CA SER A 24 31.25 1.40 -20.17
C SER A 24 31.98 1.86 -21.42
N SER A 25 32.15 0.97 -22.41
CA SER A 25 32.85 1.29 -23.65
C SER A 25 31.93 1.07 -24.87
N PRO A 26 31.05 2.04 -25.21
CA PRO A 26 30.15 1.83 -26.37
C PRO A 26 30.87 1.86 -27.70
N LYS A 27 30.32 1.10 -28.67
CA LYS A 27 30.87 0.96 -30.00
C LYS A 27 29.89 1.36 -31.06
N GLN A 28 30.39 2.04 -32.08
CA GLN A 28 29.62 2.55 -33.21
C GLN A 28 28.93 1.48 -34.03
N GLY A 29 29.69 0.46 -34.44
CA GLY A 29 29.18 -0.62 -35.26
C GLY A 29 30.15 -1.77 -35.44
N CYS A 30 29.72 -2.79 -36.20
CA CYS A 30 30.49 -4.00 -36.50
C CYS A 30 29.92 -4.67 -37.73
N TRP A 31 30.78 -5.34 -38.52
CA TRP A 31 30.34 -6.10 -39.70
C TRP A 31 29.71 -7.39 -39.16
N VAL A 32 28.72 -7.93 -39.89
CA VAL A 32 28.03 -9.15 -39.47
C VAL A 32 28.25 -10.29 -40.46
N ASP A 33 28.70 -11.45 -39.96
CA ASP A 33 28.86 -12.66 -40.76
C ASP A 33 27.51 -13.39 -40.71
N GLY A 34 26.83 -13.46 -41.84
CA GLY A 34 25.54 -14.12 -41.95
C GLY A 34 25.29 -14.93 -43.21
N ILE A 35 24.29 -15.80 -43.16
CA ILE A 35 23.89 -16.64 -44.29
C ILE A 35 23.13 -15.83 -45.37
N THR A 36 23.20 -16.29 -46.64
CA THR A 36 22.49 -15.65 -47.76
C THR A 36 21.18 -16.44 -47.99
N VAL A 37 20.05 -15.73 -48.24
CA VAL A 37 18.75 -16.35 -48.49
C VAL A 37 18.16 -15.85 -49.80
N TYR A 38 17.31 -16.66 -50.44
CA TYR A 38 16.66 -16.28 -51.68
C TYR A 38 15.15 -16.36 -51.56
N GLY A 39 14.48 -15.31 -52.03
CA GLY A 39 13.03 -15.20 -52.01
C GLY A 39 12.56 -13.87 -52.50
N ASP A 40 11.23 -13.72 -52.67
CA ASP A 40 10.62 -12.49 -53.17
C ASP A 40 10.73 -11.31 -52.21
N ILE A 41 10.88 -10.11 -52.77
CA ILE A 41 10.84 -8.79 -52.13
C ILE A 41 10.11 -7.89 -53.13
N TYR A 42 9.03 -7.24 -52.68
CA TYR A 42 8.24 -6.35 -53.53
C TYR A 42 8.89 -4.98 -53.61
N ILE A 43 9.29 -4.57 -54.83
CA ILE A 43 9.87 -3.25 -55.09
C ILE A 43 9.17 -2.63 -56.31
N GLY A 44 8.57 -1.48 -56.11
CA GLY A 44 7.88 -0.74 -57.17
C GLY A 44 6.52 -1.26 -57.57
N LYS A 45 6.48 -2.04 -58.68
CA LYS A 45 5.24 -2.58 -59.24
C LYS A 45 5.12 -4.11 -59.19
N GLN A 46 6.16 -4.83 -58.70
CA GLN A 46 6.14 -6.29 -58.64
C GLN A 46 7.11 -6.84 -57.62
N ASN A 47 7.10 -8.18 -57.44
CA ASN A 47 8.03 -8.92 -56.60
C ASN A 47 9.26 -9.24 -57.43
N TRP A 48 10.42 -9.35 -56.77
CA TRP A 48 11.69 -9.71 -57.40
C TRP A 48 12.38 -10.76 -56.53
N GLY A 49 13.00 -11.75 -57.18
CA GLY A 49 13.75 -12.79 -56.49
C GLY A 49 15.01 -12.14 -55.96
N THR A 50 15.09 -11.95 -54.63
CA THR A 50 16.17 -11.24 -54.00
C THR A 50 17.08 -12.13 -53.13
N TYR A 51 18.40 -11.85 -53.20
CA TYR A 51 19.41 -12.47 -52.36
C TYR A 51 19.63 -11.50 -51.20
N THR A 52 19.45 -11.98 -49.95
CA THR A 52 19.55 -11.18 -48.73
C THR A 52 20.51 -11.79 -47.73
N ARG A 53 21.44 -10.97 -47.24
CA ARG A 53 22.38 -11.41 -46.20
C ARG A 53 22.64 -10.31 -45.16
N PRO A 54 22.79 -10.65 -43.85
CA PRO A 54 23.17 -9.60 -42.87
C PRO A 54 24.59 -9.13 -43.16
N VAL A 55 24.84 -7.81 -43.11
CA VAL A 55 26.18 -7.30 -43.39
C VAL A 55 26.76 -6.44 -42.28
N PHE A 56 25.92 -5.69 -41.57
CA PHE A 56 26.39 -4.74 -40.56
C PHE A 56 25.36 -4.54 -39.46
N ALA A 57 25.82 -4.07 -38.31
CA ALA A 57 24.99 -3.75 -37.15
C ALA A 57 25.57 -2.52 -36.47
N TYR A 58 24.73 -1.51 -36.18
CA TYR A 58 25.20 -0.29 -35.55
C TYR A 58 24.21 0.28 -34.53
N LEU A 59 24.70 1.16 -33.64
CA LEU A 59 23.89 1.84 -32.61
C LEU A 59 23.26 3.12 -33.18
N GLN A 60 21.94 3.12 -33.31
CA GLN A 60 21.14 4.27 -33.77
C GLN A 60 20.80 5.13 -32.56
N TYR A 61 20.91 6.45 -32.70
CA TYR A 61 20.60 7.38 -31.63
C TYR A 61 19.09 7.40 -31.34
N VAL A 62 18.72 7.44 -30.05
CA VAL A 62 17.32 7.50 -29.59
C VAL A 62 17.02 8.84 -28.91
N GLU A 63 17.66 9.10 -27.75
CA GLU A 63 17.39 10.30 -26.96
C GLU A 63 18.52 10.63 -25.97
N THR A 64 18.58 11.90 -25.54
CA THR A 64 19.48 12.41 -24.51
C THR A 64 18.60 12.72 -23.29
N ILE A 65 18.94 12.15 -22.13
CA ILE A 65 18.19 12.28 -20.88
C ILE A 65 18.99 13.09 -19.87
N SER A 66 18.35 14.07 -19.22
CA SER A 66 18.97 14.89 -18.20
C SER A 66 18.29 14.74 -16.83
N ILE A 67 19.04 14.27 -15.82
CA ILE A 67 18.59 14.12 -14.44
C ILE A 67 19.51 15.05 -13.62
N PRO A 68 19.04 16.24 -13.17
CA PRO A 68 19.96 17.17 -12.47
C PRO A 68 20.29 16.86 -11.01
N GLN A 69 19.53 15.95 -10.35
CA GLN A 69 19.75 15.65 -8.92
C GLN A 69 19.90 14.17 -8.58
N ASN A 70 20.39 13.88 -7.35
CA ASN A 70 20.54 12.52 -6.83
C ASN A 70 19.16 11.97 -6.43
N VAL A 71 18.30 11.78 -7.45
CA VAL A 71 16.92 11.34 -7.36
C VAL A 71 16.74 10.10 -8.23
N THR A 72 16.13 9.04 -7.67
CA THR A 72 15.81 7.82 -8.41
C THR A 72 14.47 8.06 -9.12
N THR A 73 14.46 7.80 -10.43
CA THR A 73 13.31 8.02 -11.30
C THR A 73 13.10 6.88 -12.28
N THR A 74 11.94 6.87 -12.96
CA THR A 74 11.57 5.88 -13.95
C THR A 74 11.47 6.61 -15.29
N LEU A 75 12.35 6.24 -16.23
CA LEU A 75 12.42 6.87 -17.56
C LEU A 75 11.49 6.24 -18.56
N SER A 76 10.91 7.07 -19.42
CA SER A 76 10.00 6.70 -20.49
C SER A 76 10.54 7.28 -21.78
N TYR A 77 10.88 6.41 -22.72
CA TYR A 77 11.44 6.78 -24.05
C TYR A 77 10.77 5.96 -25.14
N GLN A 78 10.88 6.41 -26.39
CA GLN A 78 10.28 5.75 -27.54
C GLN A 78 11.30 5.03 -28.41
N LEU A 79 11.08 3.71 -28.62
CA LEU A 79 11.92 2.89 -29.49
C LEU A 79 11.08 2.56 -30.72
N THR A 80 11.62 1.82 -31.71
CA THR A 80 10.81 1.48 -32.89
C THR A 80 10.91 -0.04 -33.23
N LYS A 81 9.91 -0.56 -34.00
CA LYS A 81 9.79 -1.93 -34.49
C LYS A 81 9.84 -1.85 -36.02
N GLY A 82 10.26 -2.95 -36.64
CA GLY A 82 10.31 -3.08 -38.10
C GLY A 82 11.45 -2.34 -38.75
N HIS A 83 11.24 -1.88 -40.00
CA HIS A 83 12.23 -1.12 -40.76
C HIS A 83 12.56 0.19 -40.01
N THR A 84 13.74 0.79 -40.25
CA THR A 84 14.12 2.01 -39.53
C THR A 84 13.41 3.22 -40.10
N ARG A 85 13.32 4.31 -39.31
CA ARG A 85 12.66 5.53 -39.79
C ARG A 85 13.41 6.07 -41.00
N SER A 86 14.76 5.98 -40.97
CA SER A 86 15.63 6.44 -42.04
C SER A 86 15.46 5.63 -43.31
N PHE A 87 15.39 4.28 -43.21
CA PHE A 87 15.20 3.42 -44.38
C PHE A 87 13.87 3.72 -45.09
N GLU A 88 12.76 3.86 -44.33
CA GLU A 88 11.42 4.17 -44.85
C GLU A 88 11.40 5.41 -45.76
N THR A 89 12.08 6.50 -45.35
CA THR A 89 12.14 7.74 -46.13
C THR A 89 13.12 7.63 -47.30
N SER A 90 14.15 6.77 -47.20
CA SER A 90 15.18 6.57 -48.22
C SER A 90 14.69 5.85 -49.50
N VAL A 91 13.46 5.28 -49.48
CA VAL A 91 12.84 4.55 -50.59
C VAL A 91 11.62 5.33 -51.09
N ASN A 92 11.50 5.49 -52.42
CA ASN A 92 10.36 6.20 -53.01
C ASN A 92 9.33 5.22 -53.64
N ALA A 93 9.78 4.06 -54.11
CA ALA A 93 8.88 3.05 -54.65
C ALA A 93 8.16 2.28 -53.52
N LYS A 94 7.12 1.50 -53.88
CA LYS A 94 6.38 0.66 -52.93
C LYS A 94 7.36 -0.44 -52.51
N TYR A 95 7.51 -0.67 -51.20
CA TYR A 95 8.46 -1.65 -50.69
C TYR A 95 7.80 -2.55 -49.65
N SER A 96 7.82 -3.87 -49.88
CA SER A 96 7.22 -4.85 -48.99
C SER A 96 8.01 -6.14 -48.95
N VAL A 97 8.23 -6.69 -47.75
CA VAL A 97 8.95 -7.95 -47.52
C VAL A 97 8.03 -8.94 -46.77
N GLY A 98 8.04 -10.20 -47.20
CA GLY A 98 7.28 -11.24 -46.53
C GLY A 98 8.00 -11.69 -45.27
N ALA A 99 7.25 -11.82 -44.15
CA ALA A 99 7.75 -12.22 -42.84
C ALA A 99 8.64 -13.48 -42.82
N ASN A 100 8.46 -14.38 -43.80
CA ASN A 100 9.23 -15.63 -43.92
C ASN A 100 10.73 -15.41 -44.22
N ILE A 101 11.12 -14.16 -44.57
CA ILE A 101 12.52 -13.78 -44.81
C ILE A 101 13.38 -13.98 -43.55
N ASP A 102 12.76 -13.94 -42.34
CA ASP A 102 13.44 -14.08 -41.04
C ASP A 102 14.28 -15.36 -40.88
N ILE A 103 14.21 -16.29 -41.85
CA ILE A 103 15.07 -17.49 -41.89
C ILE A 103 16.53 -17.01 -41.91
N VAL A 104 16.75 -15.82 -42.54
CA VAL A 104 18.04 -15.13 -42.64
C VAL A 104 18.65 -14.91 -41.24
N ASN A 105 17.83 -14.44 -40.29
CA ASN A 105 18.25 -14.22 -38.91
C ASN A 105 18.41 -15.52 -38.14
N VAL A 106 17.45 -16.47 -38.25
CA VAL A 106 17.53 -17.78 -37.58
C VAL A 106 18.87 -18.47 -37.97
N GLY A 107 19.16 -18.53 -39.28
CA GLY A 107 20.36 -19.14 -39.83
C GLY A 107 21.63 -18.40 -39.48
N SER A 108 21.54 -17.05 -39.37
CA SER A 108 22.67 -16.19 -39.02
C SER A 108 22.84 -16.08 -37.49
N GLU A 109 22.03 -16.85 -36.72
CA GLU A 109 22.03 -16.90 -35.25
C GLU A 109 21.64 -15.54 -34.60
N ILE A 110 20.71 -14.80 -35.24
CA ILE A 110 20.22 -13.48 -34.82
C ILE A 110 18.69 -13.56 -34.52
N SER A 111 18.26 -12.86 -33.47
CA SER A 111 16.86 -12.75 -33.07
C SER A 111 16.59 -11.28 -32.77
N THR A 112 15.65 -10.67 -33.51
CA THR A 112 15.28 -9.26 -33.36
C THR A 112 14.67 -8.93 -31.99
N GLY A 113 13.85 -9.83 -31.45
CA GLY A 113 13.15 -9.62 -30.19
C GLY A 113 11.72 -9.14 -30.40
N PHE A 114 11.32 -9.05 -31.66
CA PHE A 114 9.97 -8.70 -32.08
C PHE A 114 9.44 -9.93 -32.82
N THR A 115 8.16 -9.93 -33.15
CA THR A 115 7.55 -11.06 -33.85
C THR A 115 7.97 -11.00 -35.32
N ARG A 116 7.99 -12.16 -36.00
CA ARG A 116 8.35 -12.34 -37.40
C ARG A 116 7.70 -11.28 -38.31
N SER A 117 6.40 -10.94 -38.07
CA SER A 117 5.66 -9.92 -38.83
C SER A 117 6.04 -8.47 -38.44
N GLU A 118 6.23 -8.18 -37.13
CA GLU A 118 6.62 -6.85 -36.64
C GLU A 118 8.00 -6.46 -37.22
N SER A 119 8.97 -7.41 -37.11
CA SER A 119 10.38 -7.31 -37.50
C SER A 119 10.67 -6.72 -38.87
N TRP A 120 9.90 -7.14 -39.88
CA TRP A 120 10.14 -6.75 -41.27
C TRP A 120 9.07 -5.83 -41.87
N SER A 121 8.26 -5.17 -41.03
CA SER A 121 7.21 -4.27 -41.53
C SER A 121 7.54 -2.79 -41.34
N THR A 122 6.53 -1.90 -41.52
CA THR A 122 6.66 -0.45 -41.37
C THR A 122 7.13 -0.05 -39.98
N THR A 123 7.86 1.08 -39.89
CA THR A 123 8.37 1.59 -38.62
C THR A 123 7.21 1.94 -37.67
N GLN A 124 7.24 1.36 -36.45
CA GLN A 124 6.22 1.57 -35.42
C GLN A 124 6.88 1.89 -34.10
N SER A 125 6.52 3.05 -33.52
CA SER A 125 7.05 3.48 -32.23
C SER A 125 6.39 2.72 -31.08
N PHE A 126 7.10 2.56 -29.97
CA PHE A 126 6.61 1.89 -28.76
C PHE A 126 7.34 2.40 -27.53
N THR A 127 6.71 2.34 -26.36
CA THR A 127 7.30 2.84 -25.11
C THR A 127 8.05 1.77 -24.35
N ASP A 128 9.26 2.11 -23.88
CA ASP A 128 10.11 1.26 -23.04
C ASP A 128 10.44 2.07 -21.80
N THR A 129 10.74 1.39 -20.69
CA THR A 129 10.97 2.01 -19.40
C THR A 129 12.27 1.49 -18.73
N THR A 130 12.96 2.38 -17.98
CA THR A 130 14.18 2.07 -17.23
C THR A 130 14.26 2.88 -15.93
N GLU A 131 14.62 2.22 -14.81
CA GLU A 131 14.80 2.87 -13.51
C GLU A 131 16.21 3.48 -13.50
N MET A 132 16.30 4.81 -13.33
CA MET A 132 17.56 5.55 -13.37
C MET A 132 17.72 6.51 -12.21
N LYS A 133 18.95 6.65 -11.68
CA LYS A 133 19.23 7.62 -10.62
C LYS A 133 20.28 8.63 -11.08
N GLY A 134 20.05 9.90 -10.77
CA GLY A 134 20.97 10.98 -11.13
C GLY A 134 21.95 11.31 -10.02
N PRO A 135 22.70 12.43 -10.12
CA PRO A 135 22.73 13.42 -11.22
C PRO A 135 23.54 12.95 -12.42
N GLY A 136 23.14 13.40 -13.61
CA GLY A 136 23.82 13.06 -14.84
C GLY A 136 23.02 13.21 -16.12
N THR A 137 23.75 13.19 -17.25
CA THR A 137 23.20 13.23 -18.60
C THR A 137 23.51 11.88 -19.26
N PHE A 138 22.51 11.30 -19.93
CA PHE A 138 22.61 9.97 -20.54
C PHE A 138 22.14 9.95 -21.97
N VAL A 139 22.71 9.04 -22.77
CA VAL A 139 22.36 8.88 -24.18
C VAL A 139 21.83 7.47 -24.36
N ILE A 140 20.70 7.34 -25.07
CA ILE A 140 20.06 6.06 -25.36
C ILE A 140 20.26 5.73 -26.83
N TYR A 141 20.70 4.51 -27.13
CA TYR A 141 20.91 3.99 -28.48
C TYR A 141 20.12 2.69 -28.63
N GLN A 142 19.64 2.38 -29.84
CA GLN A 142 18.94 1.11 -30.12
C GLN A 142 19.73 0.39 -31.21
N VAL A 143 19.78 -0.95 -31.16
CA VAL A 143 20.48 -1.75 -32.17
C VAL A 143 19.74 -1.75 -33.51
N VAL A 144 20.49 -1.55 -34.60
CA VAL A 144 19.98 -1.59 -35.96
C VAL A 144 20.74 -2.70 -36.69
N LEU A 145 20.01 -3.50 -37.51
CA LEU A 145 20.56 -4.57 -38.33
C LEU A 145 20.47 -4.17 -39.79
N VAL A 146 21.63 -4.17 -40.49
CA VAL A 146 21.74 -3.79 -41.90
C VAL A 146 21.86 -5.07 -42.76
N TYR A 147 21.10 -5.10 -43.86
CA TYR A 147 21.08 -6.21 -44.81
C TYR A 147 21.44 -5.72 -46.19
N ALA A 148 22.18 -6.55 -46.93
CA ALA A 148 22.56 -6.24 -48.31
C ALA A 148 21.66 -7.06 -49.20
N HIS A 149 21.10 -6.43 -50.24
CA HIS A 149 20.17 -7.11 -51.12
C HIS A 149 20.57 -7.04 -52.58
N ASN A 150 20.25 -8.13 -53.31
CA ASN A 150 20.40 -8.22 -54.76
C ASN A 150 19.01 -8.55 -55.31
N ALA A 151 18.23 -7.49 -55.61
CA ALA A 151 16.90 -7.63 -56.18
C ALA A 151 17.09 -7.81 -57.68
N THR A 152 17.12 -9.09 -58.09
CA THR A 152 17.35 -9.54 -59.45
C THR A 152 16.33 -8.97 -60.44
N SER A 153 16.82 -8.38 -61.55
CA SER A 153 16.06 -7.75 -62.66
C SER A 153 15.38 -6.42 -62.30
N ALA A 154 15.49 -5.98 -61.03
CA ALA A 154 14.85 -4.74 -60.55
C ALA A 154 15.53 -3.45 -60.97
N GLY A 155 16.80 -3.54 -61.35
CA GLY A 155 17.65 -2.41 -61.73
C GLY A 155 17.08 -1.46 -62.76
N ARG A 156 16.46 -2.01 -63.80
CA ARG A 156 15.86 -1.21 -64.88
C ARG A 156 14.71 -0.35 -64.43
N GLN A 157 13.83 -0.91 -63.59
CA GLN A 157 12.63 -0.24 -63.08
C GLN A 157 12.86 0.62 -61.83
N ASN A 158 13.67 0.13 -60.86
CA ASN A 158 13.82 0.79 -59.57
C ASN A 158 15.22 1.30 -59.21
N ALA A 159 16.07 1.66 -60.20
CA ALA A 159 17.42 2.18 -59.93
C ALA A 159 17.36 3.47 -59.09
N ASN A 160 16.48 4.39 -59.52
CA ASN A 160 16.20 5.69 -58.91
C ASN A 160 15.35 5.64 -57.63
N ALA A 161 14.77 4.46 -57.30
CA ALA A 161 13.91 4.27 -56.12
C ALA A 161 14.65 4.50 -54.79
N PHE A 162 15.90 4.01 -54.69
CA PHE A 162 16.75 4.11 -53.50
C PHE A 162 17.77 5.24 -53.66
N ALA A 163 18.06 5.95 -52.54
CA ALA A 163 19.02 7.05 -52.52
C ALA A 163 20.45 6.57 -52.81
N TYR A 164 20.80 5.35 -52.33
CA TYR A 164 22.10 4.71 -52.54
C TYR A 164 21.83 3.32 -53.11
N SER A 165 22.25 3.11 -54.37
CA SER A 165 22.05 1.83 -55.09
C SER A 165 23.14 1.58 -56.12
N LYS A 166 23.23 0.34 -56.60
CA LYS A 166 24.20 -0.09 -57.62
C LYS A 166 23.56 -1.06 -58.58
N THR A 167 23.65 -0.80 -59.89
CA THR A 167 23.12 -1.70 -60.92
C THR A 167 24.25 -2.56 -61.50
N GLN A 168 23.90 -3.78 -61.92
CA GLN A 168 24.84 -4.73 -62.51
C GLN A 168 24.12 -5.54 -63.58
N ALA A 169 24.55 -5.38 -64.84
CA ALA A 169 23.96 -6.12 -65.97
C ALA A 169 24.50 -7.56 -66.01
N VAL A 170 23.58 -8.54 -65.98
CA VAL A 170 23.88 -9.97 -66.06
C VAL A 170 23.10 -10.46 -67.29
N GLY A 171 23.73 -10.37 -68.46
CA GLY A 171 23.12 -10.69 -69.73
C GLY A 171 22.12 -9.63 -70.14
N SER A 172 20.88 -10.05 -70.42
CA SER A 172 19.77 -9.17 -70.81
C SER A 172 19.05 -8.58 -69.58
N ARG A 173 19.50 -8.98 -68.39
CA ARG A 173 18.95 -8.66 -67.07
C ARG A 173 19.79 -7.60 -66.35
N VAL A 174 19.11 -6.73 -65.53
CA VAL A 174 19.77 -5.68 -64.74
C VAL A 174 19.46 -5.84 -63.23
N ASP A 175 20.44 -6.37 -62.46
CA ASP A 175 20.35 -6.57 -61.02
C ASP A 175 20.39 -5.25 -60.25
N LEU A 176 19.70 -5.18 -59.09
CA LEU A 176 19.68 -3.99 -58.23
C LEU A 176 20.26 -4.31 -56.85
N TYR A 177 21.33 -3.60 -56.50
CA TYR A 177 22.03 -3.76 -55.24
C TYR A 177 21.76 -2.57 -54.35
N TYR A 178 21.17 -2.82 -53.17
CA TYR A 178 20.81 -1.81 -52.19
C TYR A 178 20.94 -2.39 -50.78
N LEU A 179 20.74 -1.54 -49.77
CA LEU A 179 20.82 -1.88 -48.35
C LEU A 179 19.52 -1.54 -47.64
N SER A 180 19.15 -2.37 -46.65
CA SER A 180 17.94 -2.15 -45.83
C SER A 180 18.26 -2.30 -44.36
N ALA A 181 17.52 -1.58 -43.51
CA ALA A 181 17.74 -1.57 -42.06
C ALA A 181 16.47 -1.82 -41.24
N ILE A 182 16.58 -2.69 -40.23
CA ILE A 182 15.52 -3.05 -39.30
C ILE A 182 16.04 -2.85 -37.91
N THR A 183 15.16 -2.76 -36.93
CA THR A 183 15.55 -2.46 -35.56
C THR A 183 15.47 -3.72 -34.64
N GLN A 184 16.20 -3.73 -33.53
CA GLN A 184 16.21 -4.85 -32.58
C GLN A 184 15.68 -4.39 -31.23
N ARG A 185 15.05 -5.31 -30.46
CA ARG A 185 14.54 -5.01 -29.12
C ARG A 185 15.70 -4.97 -28.12
N LYS A 186 16.77 -4.25 -28.48
CA LYS A 186 17.99 -4.09 -27.69
C LYS A 186 18.33 -2.64 -27.70
N ARG A 187 18.64 -2.12 -26.53
CA ARG A 187 18.94 -0.72 -26.34
C ARG A 187 19.98 -0.55 -25.27
N VAL A 188 20.79 0.50 -25.37
CA VAL A 188 21.83 0.72 -24.37
C VAL A 188 21.76 2.19 -23.86
N ILE A 189 21.89 2.37 -22.53
CA ILE A 189 21.88 3.68 -21.90
C ILE A 189 23.28 3.95 -21.39
N VAL A 190 23.94 4.94 -22.01
CA VAL A 190 25.34 5.31 -21.77
C VAL A 190 25.45 6.70 -21.12
N PRO A 191 26.31 6.90 -20.06
CA PRO A 191 26.51 8.27 -19.52
C PRO A 191 27.12 9.15 -20.61
N SER A 192 26.65 10.39 -20.79
CA SER A 192 27.06 11.32 -21.86
C SER A 192 28.59 11.52 -22.00
N SER A 193 29.35 11.42 -20.89
CA SER A 193 30.82 11.53 -20.86
C SER A 193 31.47 10.37 -21.61
N ASN A 194 30.78 9.22 -21.65
CA ASN A 194 31.19 7.99 -22.31
C ASN A 194 30.51 7.78 -23.65
N ALA A 195 29.60 8.67 -24.04
CA ALA A 195 28.82 8.55 -25.28
C ALA A 195 29.66 8.64 -26.53
N VAL A 196 29.39 7.74 -27.49
CA VAL A 196 30.06 7.65 -28.78
C VAL A 196 29.21 8.34 -29.86
N THR A 197 29.85 8.93 -30.89
CA THR A 197 29.11 9.60 -31.97
C THR A 197 28.39 8.52 -32.79
N PRO A 198 27.04 8.53 -32.87
CA PRO A 198 26.36 7.48 -33.63
C PRO A 198 26.50 7.63 -35.14
N LEU A 199 26.56 6.50 -35.85
CA LEU A 199 26.59 6.47 -37.30
C LEU A 199 25.15 6.73 -37.76
N ASP A 200 24.99 7.31 -38.96
CA ASP A 200 23.67 7.54 -39.54
C ASP A 200 23.48 6.67 -40.80
N TRP A 201 22.24 6.57 -41.31
CA TRP A 201 21.91 5.72 -42.46
C TRP A 201 22.74 6.05 -43.70
N ASP A 202 22.77 7.35 -44.10
CA ASP A 202 23.54 7.86 -45.24
C ASP A 202 25.03 7.41 -45.16
N THR A 203 25.71 7.63 -44.00
CA THR A 203 27.10 7.20 -43.77
C THR A 203 27.26 5.69 -44.02
N VAL A 204 26.50 4.84 -43.25
CA VAL A 204 26.50 3.36 -43.30
C VAL A 204 26.30 2.85 -44.75
N GLN A 205 25.39 3.48 -45.53
CA GLN A 205 25.14 3.12 -46.93
C GLN A 205 26.33 3.48 -47.84
N ARG A 206 26.92 4.70 -47.64
CA ARG A 206 28.09 5.22 -48.38
C ARG A 206 29.29 4.29 -48.20
N ASN A 207 29.53 3.86 -46.95
CA ASN A 207 30.66 3.02 -46.62
C ASN A 207 30.48 1.53 -46.83
N VAL A 208 29.32 0.97 -46.44
CA VAL A 208 29.09 -0.48 -46.58
C VAL A 208 28.88 -0.86 -48.05
N LEU A 209 27.90 -0.25 -48.73
CA LEU A 209 27.62 -0.58 -50.12
C LEU A 209 28.53 0.10 -51.13
N MET A 210 28.46 1.45 -51.21
CA MET A 210 29.18 2.28 -52.19
C MET A 210 30.69 2.14 -52.15
N GLU A 211 31.30 2.10 -50.96
CA GLU A 211 32.76 2.01 -50.83
C GLU A 211 33.33 0.61 -50.60
N ASN A 212 32.60 -0.30 -49.95
CA ASN A 212 33.12 -1.63 -49.62
C ASN A 212 32.47 -2.83 -50.34
N TYR A 213 31.74 -2.58 -51.45
CA TYR A 213 31.17 -3.71 -52.19
C TYR A 213 31.18 -3.49 -53.71
N ASN A 214 31.74 -4.49 -54.43
CA ASN A 214 31.83 -4.48 -55.88
C ASN A 214 30.91 -5.55 -56.50
N PRO A 215 29.77 -5.13 -57.13
CA PRO A 215 28.83 -6.11 -57.70
C PRO A 215 29.40 -6.99 -58.82
N GLY A 216 30.32 -6.42 -59.62
CA GLY A 216 30.99 -7.07 -60.73
C GLY A 216 31.77 -8.31 -60.37
N SER A 217 32.56 -8.22 -59.31
CA SER A 217 33.40 -9.31 -58.80
C SER A 217 32.77 -10.05 -57.61
N ASN A 218 31.63 -9.52 -57.05
CA ASN A 218 30.94 -10.01 -55.85
C ASN A 218 32.00 -10.12 -54.72
N SER A 219 32.68 -9.00 -54.46
CA SER A 219 33.73 -8.92 -53.45
C SER A 219 33.83 -7.53 -52.85
N GLY A 220 34.57 -7.45 -51.76
CA GLY A 220 34.81 -6.25 -50.98
C GLY A 220 34.94 -6.66 -49.53
N HIS A 221 34.24 -5.95 -48.62
CA HIS A 221 34.30 -6.34 -47.22
C HIS A 221 33.38 -7.54 -46.91
N PHE A 222 32.49 -7.87 -47.87
CA PHE A 222 31.55 -8.99 -47.81
C PHE A 222 31.20 -9.50 -49.22
N SER A 223 30.63 -10.71 -49.30
CA SER A 223 30.16 -11.28 -50.55
C SER A 223 28.90 -12.15 -50.34
N PHE A 224 28.00 -12.16 -51.35
CA PHE A 224 26.78 -12.96 -51.33
C PHE A 224 27.11 -14.41 -51.62
N ASP A 225 26.30 -15.34 -51.12
CA ASP A 225 26.41 -16.77 -51.35
C ASP A 225 25.24 -17.18 -52.26
N TRP A 226 25.49 -17.20 -53.58
CA TRP A 226 24.46 -17.55 -54.56
C TRP A 226 23.94 -19.01 -54.47
N SER A 227 24.56 -19.87 -53.62
CA SER A 227 24.10 -21.25 -53.44
C SER A 227 22.74 -21.37 -52.73
N ALA A 228 22.23 -20.23 -52.19
CA ALA A 228 20.94 -20.10 -51.52
C ALA A 228 19.79 -20.49 -52.45
N TYR A 229 19.95 -20.20 -53.77
CA TYR A 229 18.99 -20.52 -54.83
C TYR A 229 18.68 -22.04 -54.92
N ASN A 230 19.63 -22.89 -54.52
CA ASN A 230 19.46 -24.34 -54.60
C ASN A 230 19.26 -25.02 -53.24
N ASP A 231 19.27 -24.24 -52.13
CA ASP A 231 19.04 -24.78 -50.78
C ASP A 231 17.58 -24.55 -50.38
N PRO A 232 16.78 -25.62 -50.10
CA PRO A 232 15.38 -25.40 -49.67
C PRO A 232 15.30 -24.79 -48.28
N HIS A 233 16.33 -25.03 -47.44
CA HIS A 233 16.43 -24.51 -46.08
C HIS A 233 16.73 -23.02 -46.09
N ARG A 234 17.19 -22.49 -47.24
CA ARG A 234 17.53 -21.07 -47.40
C ARG A 234 16.69 -20.35 -48.46
N ARG A 235 15.48 -20.87 -48.73
CA ARG A 235 14.50 -20.29 -49.65
C ARG A 235 13.18 -20.08 -48.92
N TYR A 236 12.52 -18.91 -49.13
CA TYR A 236 11.25 -18.60 -48.46
C TYR A 236 10.12 -18.27 -49.43
N SER B 1 35.31 -27.88 -32.40
CA SER B 1 35.32 -29.15 -33.14
C SER B 1 35.74 -30.32 -32.23
N GLY B 2 37.04 -30.57 -32.09
CA GLY B 2 37.60 -31.62 -31.24
C GLY B 2 37.37 -31.39 -29.76
N ARG B 3 36.74 -30.24 -29.44
CA ARG B 3 36.34 -29.78 -28.10
C ARG B 3 35.22 -30.68 -27.57
N PHE B 4 34.47 -31.32 -28.49
CA PHE B 4 33.36 -32.21 -28.17
C PHE B 4 33.79 -33.47 -27.45
N ASP B 5 35.03 -33.93 -27.69
CA ASP B 5 35.56 -35.09 -26.97
C ASP B 5 35.99 -34.66 -25.55
N GLN B 6 36.18 -33.35 -25.33
CA GLN B 6 36.52 -32.78 -24.02
C GLN B 6 35.30 -32.54 -23.10
N TYR B 7 34.07 -32.48 -23.67
CA TYR B 7 32.84 -32.31 -22.89
C TYR B 7 32.55 -33.60 -22.10
N PRO B 8 32.15 -33.51 -20.82
CA PRO B 8 31.87 -34.74 -20.06
C PRO B 8 30.51 -35.35 -20.40
N THR B 9 30.26 -36.56 -19.86
CA THR B 9 28.98 -37.25 -20.01
C THR B 9 28.25 -37.15 -18.68
N LYS B 10 26.98 -36.72 -18.71
CA LYS B 10 26.15 -36.57 -17.52
C LYS B 10 24.88 -37.44 -17.62
N LYS B 11 24.40 -37.94 -16.47
CA LYS B 11 23.20 -38.77 -16.39
C LYS B 11 22.19 -38.17 -15.38
N GLY B 12 20.98 -37.86 -15.87
CA GLY B 12 19.89 -37.31 -15.08
C GLY B 12 19.98 -35.82 -14.90
N ASP B 13 18.83 -35.19 -14.63
CA ASP B 13 18.68 -33.76 -14.40
C ASP B 13 19.65 -33.18 -13.34
N PHE B 14 19.86 -33.88 -12.19
CA PHE B 14 20.76 -33.41 -11.13
C PHE B 14 22.18 -33.12 -11.65
N ALA B 15 22.76 -34.09 -12.41
CA ALA B 15 24.09 -34.00 -13.01
C ALA B 15 24.13 -32.97 -14.15
N ILE B 16 23.14 -33.00 -15.07
CA ILE B 16 23.04 -32.09 -16.21
C ILE B 16 22.87 -30.63 -15.74
N ASP B 17 21.81 -30.35 -14.96
CA ASP B 17 21.49 -29.01 -14.44
C ASP B 17 22.62 -28.47 -13.56
N GLY B 18 23.18 -29.33 -12.71
CA GLY B 18 24.28 -28.97 -11.83
C GLY B 18 25.49 -28.48 -12.60
N TYR B 19 25.80 -29.17 -13.70
CA TYR B 19 26.91 -28.87 -14.58
C TYR B 19 26.69 -27.56 -15.38
N LEU B 20 25.60 -27.49 -16.16
CA LEU B 20 25.30 -26.35 -17.02
C LEU B 20 24.87 -25.09 -16.28
N LEU B 21 23.99 -25.21 -15.28
CA LEU B 21 23.50 -24.06 -14.54
C LEU B 21 24.46 -23.60 -13.41
N ASP B 22 25.55 -22.96 -13.83
CA ASP B 22 26.58 -22.41 -12.97
C ASP B 22 26.77 -20.96 -13.39
N TYR B 23 26.31 -20.01 -12.56
CA TYR B 23 26.43 -18.57 -12.88
C TYR B 23 27.89 -18.08 -12.79
N SER B 24 28.71 -18.73 -11.95
CA SER B 24 30.11 -18.40 -11.73
C SER B 24 30.97 -18.81 -12.92
N SER B 25 30.77 -20.05 -13.42
CA SER B 25 31.50 -20.61 -14.56
C SER B 25 30.50 -21.43 -15.41
N PRO B 26 29.74 -20.79 -16.33
CA PRO B 26 28.80 -21.58 -17.15
C PRO B 26 29.51 -22.52 -18.13
N LYS B 27 28.88 -23.65 -18.42
CA LYS B 27 29.46 -24.62 -19.34
C LYS B 27 28.68 -24.72 -20.64
N GLN B 28 29.40 -24.79 -21.77
CA GLN B 28 28.84 -24.84 -23.11
C GLN B 28 27.84 -25.98 -23.32
N GLY B 29 28.25 -27.20 -22.96
CA GLY B 29 27.44 -28.39 -23.13
C GLY B 29 28.02 -29.62 -22.47
N CYS B 30 27.31 -30.74 -22.59
CA CYS B 30 27.71 -32.04 -22.05
C CYS B 30 26.96 -33.14 -22.78
N TRP B 31 27.59 -34.32 -22.89
CA TRP B 31 26.93 -35.49 -23.49
C TRP B 31 25.94 -36.03 -22.46
N VAL B 32 24.85 -36.64 -22.91
CA VAL B 32 23.82 -37.16 -22.00
C VAL B 32 23.69 -38.67 -22.14
N ASP B 33 23.77 -39.39 -21.01
CA ASP B 33 23.56 -40.83 -20.97
C ASP B 33 22.05 -41.04 -20.74
N GLY B 34 21.37 -41.61 -21.74
CA GLY B 34 19.93 -41.83 -21.65
C GLY B 34 19.40 -43.10 -22.29
N ILE B 35 18.14 -43.45 -21.98
CA ILE B 35 17.46 -44.64 -22.50
C ILE B 35 16.98 -44.48 -23.96
N THR B 36 16.79 -45.60 -24.66
CA THR B 36 16.31 -45.63 -26.05
C THR B 36 14.86 -46.08 -26.02
N VAL B 37 13.97 -45.35 -26.70
CA VAL B 37 12.56 -45.71 -26.79
C VAL B 37 12.24 -45.93 -28.27
N TYR B 38 11.14 -46.65 -28.56
CA TYR B 38 10.66 -46.92 -29.91
C TYR B 38 9.18 -46.56 -30.02
N GLY B 39 8.85 -45.86 -31.09
CA GLY B 39 7.48 -45.45 -31.38
C GLY B 39 7.42 -44.57 -32.62
N ASP B 40 6.20 -44.24 -33.06
CA ASP B 40 5.99 -43.43 -34.26
C ASP B 40 6.46 -41.98 -34.12
N ILE B 41 6.95 -41.41 -35.23
CA ILE B 41 7.31 -40.01 -35.44
C ILE B 41 6.88 -39.71 -36.86
N TYR B 42 6.05 -38.69 -37.05
CA TYR B 42 5.57 -38.30 -38.38
C TYR B 42 6.61 -37.45 -39.10
N ILE B 43 7.12 -37.94 -40.24
CA ILE B 43 8.07 -37.22 -41.09
C ILE B 43 7.58 -37.28 -42.54
N GLY B 44 7.37 -36.11 -43.14
CA GLY B 44 6.95 -36.00 -44.52
C GLY B 44 5.49 -36.31 -44.80
N LYS B 45 5.20 -37.55 -45.26
CA LYS B 45 3.85 -37.98 -45.65
C LYS B 45 3.27 -39.10 -44.77
N GLN B 46 4.05 -39.62 -43.80
CA GLN B 46 3.58 -40.72 -42.94
C GLN B 46 4.34 -40.79 -41.62
N ASN B 47 3.93 -41.73 -40.75
CA ASN B 47 4.59 -42.03 -39.49
C ASN B 47 5.67 -43.06 -39.77
N TRP B 48 6.74 -43.05 -38.97
CA TRP B 48 7.84 -44.00 -39.06
C TRP B 48 8.18 -44.48 -37.66
N GLY B 49 8.46 -45.78 -37.52
CA GLY B 49 8.87 -46.36 -36.25
C GLY B 49 10.27 -45.88 -35.95
N THR B 50 10.39 -44.96 -34.97
CA THR B 50 11.65 -44.29 -34.67
C THR B 50 12.25 -44.70 -33.33
N TYR B 51 13.59 -44.84 -33.30
CA TYR B 51 14.37 -45.07 -32.09
C TYR B 51 14.88 -43.69 -31.66
N THR B 52 14.63 -43.29 -30.41
CA THR B 52 15.03 -41.99 -29.88
C THR B 52 15.75 -42.19 -28.58
N ARG B 53 16.80 -41.40 -28.37
CA ARG B 53 17.57 -41.41 -27.12
C ARG B 53 18.15 -40.01 -26.87
N PRO B 54 18.25 -39.53 -25.61
CA PRO B 54 18.90 -38.22 -25.39
C PRO B 54 20.40 -38.38 -25.65
N VAL B 55 21.09 -37.41 -26.27
CA VAL B 55 22.53 -37.55 -26.49
C VAL B 55 23.37 -36.35 -26.02
N PHE B 56 22.79 -35.17 -25.97
CA PHE B 56 23.55 -33.98 -25.63
C PHE B 56 22.64 -32.91 -25.01
N ALA B 57 23.22 -32.01 -24.24
CA ALA B 57 22.50 -30.90 -23.62
C ALA B 57 23.41 -29.69 -23.65
N TYR B 58 22.91 -28.54 -24.11
CA TYR B 58 23.72 -27.34 -24.20
C TYR B 58 22.96 -26.06 -23.84
N LEU B 59 23.70 -24.98 -23.54
CA LEU B 59 23.15 -23.67 -23.20
C LEU B 59 22.93 -22.85 -24.47
N GLN B 60 21.68 -22.58 -24.80
CA GLN B 60 21.26 -21.77 -25.95
C GLN B 60 21.21 -20.31 -25.48
N TYR B 61 21.70 -19.40 -26.33
CA TYR B 61 21.70 -17.98 -26.01
C TYR B 61 20.28 -17.42 -26.05
N VAL B 62 19.95 -16.54 -25.08
CA VAL B 62 18.65 -15.87 -24.99
C VAL B 62 18.78 -14.36 -25.22
N GLU B 63 19.49 -13.64 -24.32
CA GLU B 63 19.63 -12.18 -24.39
C GLU B 63 20.82 -11.67 -23.58
N THR B 64 21.29 -10.44 -23.94
CA THR B 64 22.32 -9.69 -23.22
C THR B 64 21.58 -8.50 -22.56
N ILE B 65 21.73 -8.36 -21.25
CA ILE B 65 21.07 -7.32 -20.45
C ILE B 65 22.10 -6.32 -19.94
N SER B 66 21.79 -5.02 -20.09
CA SER B 66 22.66 -3.94 -19.63
C SER B 66 21.98 -3.08 -18.57
N ILE B 67 22.55 -3.05 -17.34
CA ILE B 67 22.09 -2.23 -16.23
C ILE B 67 23.25 -1.28 -15.91
N PRO B 68 23.19 0.01 -16.31
CA PRO B 68 24.36 0.90 -16.08
C PRO B 68 24.56 1.43 -14.66
N GLN B 69 23.56 1.31 -13.75
CA GLN B 69 23.66 1.85 -12.39
C GLN B 69 23.34 0.87 -11.27
N ASN B 70 23.70 1.23 -10.02
CA ASN B 70 23.44 0.45 -8.81
C ASN B 70 21.96 0.60 -8.42
N VAL B 71 21.09 0.07 -9.29
CA VAL B 71 19.63 0.14 -9.20
C VAL B 71 19.07 -1.27 -9.26
N THR B 72 18.17 -1.62 -8.33
CA THR B 72 17.48 -2.90 -8.31
C THR B 72 16.27 -2.78 -9.24
N THR B 73 16.16 -3.68 -10.21
CA THR B 73 15.07 -3.69 -11.20
C THR B 73 14.53 -5.10 -11.46
N THR B 74 13.36 -5.20 -12.12
CA THR B 74 12.71 -6.48 -12.43
C THR B 74 12.82 -6.71 -13.93
N LEU B 75 13.45 -7.84 -14.33
CA LEU B 75 13.70 -8.19 -15.73
C LEU B 75 12.58 -8.91 -16.40
N SER B 76 12.45 -8.64 -17.69
CA SER B 76 11.47 -9.30 -18.53
C SER B 76 12.19 -9.74 -19.80
N TYR B 77 12.24 -11.05 -20.01
CA TYR B 77 12.91 -11.70 -21.15
C TYR B 77 12.02 -12.82 -21.69
N GLN B 78 12.27 -13.24 -22.93
CA GLN B 78 11.49 -14.28 -23.58
C GLN B 78 12.23 -15.60 -23.69
N LEU B 79 11.63 -16.67 -23.14
CA LEU B 79 12.09 -18.06 -23.21
C LEU B 79 11.13 -18.79 -24.17
N THR B 80 11.46 -20.02 -24.61
CA THR B 80 10.58 -20.81 -25.49
C THR B 80 10.24 -22.19 -24.90
N LYS B 81 9.11 -22.78 -25.36
CA LYS B 81 8.58 -24.11 -25.00
C LYS B 81 8.66 -24.95 -26.28
N GLY B 82 8.75 -26.26 -26.12
CA GLY B 82 8.75 -27.17 -27.26
C GLY B 82 10.04 -27.17 -28.06
N HIS B 83 9.96 -27.65 -29.32
CA HIS B 83 11.11 -27.72 -30.24
C HIS B 83 11.74 -26.35 -30.35
N THR B 84 13.06 -26.28 -30.51
CA THR B 84 13.78 -25.01 -30.59
C THR B 84 13.48 -24.36 -31.93
N ARG B 85 13.66 -23.03 -32.01
CA ARG B 85 13.41 -22.26 -33.23
C ARG B 85 14.37 -22.73 -34.34
N SER B 86 15.63 -23.05 -33.95
CA SER B 86 16.65 -23.56 -34.88
C SER B 86 16.25 -24.92 -35.44
N PHE B 87 15.67 -25.81 -34.62
CA PHE B 87 15.24 -27.11 -35.12
C PHE B 87 14.09 -26.95 -36.12
N GLU B 88 13.05 -26.15 -35.76
CA GLU B 88 11.87 -25.89 -36.59
C GLU B 88 12.21 -25.46 -38.00
N THR B 89 13.17 -24.52 -38.17
CA THR B 89 13.61 -24.03 -39.48
C THR B 89 14.50 -25.03 -40.21
N SER B 90 15.23 -25.89 -39.47
CA SER B 90 16.15 -26.90 -40.03
C SER B 90 15.46 -28.08 -40.75
N VAL B 91 14.12 -28.21 -40.61
CA VAL B 91 13.29 -29.27 -41.23
C VAL B 91 12.36 -28.67 -42.28
N ASN B 92 12.29 -29.28 -43.47
CA ASN B 92 11.43 -28.81 -44.55
C ASN B 92 10.16 -29.67 -44.71
N ALA B 93 10.23 -30.96 -44.35
CA ALA B 93 9.06 -31.84 -44.40
C ALA B 93 8.14 -31.58 -43.19
N LYS B 94 6.90 -32.13 -43.23
CA LYS B 94 5.95 -32.07 -42.12
C LYS B 94 6.55 -32.92 -41.00
N TYR B 95 6.62 -32.36 -39.79
CA TYR B 95 7.23 -33.06 -38.65
C TYR B 95 6.34 -32.97 -37.43
N SER B 96 5.95 -34.12 -36.89
CA SER B 96 5.08 -34.20 -35.72
C SER B 96 5.43 -35.39 -34.82
N VAL B 97 5.49 -35.16 -33.50
CA VAL B 97 5.80 -36.17 -32.48
C VAL B 97 4.63 -36.25 -31.48
N GLY B 98 4.25 -37.47 -31.11
CA GLY B 98 3.21 -37.70 -30.11
C GLY B 98 3.79 -37.51 -28.73
N ALA B 99 3.08 -36.75 -27.85
CA ALA B 99 3.49 -36.43 -26.46
C ALA B 99 3.98 -37.62 -25.64
N ASN B 100 3.48 -38.86 -25.93
CA ASN B 100 3.84 -40.11 -25.24
C ASN B 100 5.32 -40.49 -25.36
N ILE B 101 6.07 -39.82 -26.27
CA ILE B 101 7.52 -39.99 -26.46
C ILE B 101 8.30 -39.62 -25.17
N ASP B 102 7.69 -38.77 -24.29
CA ASP B 102 8.24 -38.27 -23.03
C ASP B 102 8.70 -39.37 -22.08
N ILE B 103 8.37 -40.64 -22.36
CA ILE B 103 8.89 -41.80 -21.60
C ILE B 103 10.42 -41.78 -21.66
N VAL B 104 10.99 -41.25 -22.78
CA VAL B 104 12.44 -41.13 -22.98
C VAL B 104 13.04 -40.26 -21.86
N ASN B 105 12.33 -39.18 -21.46
CA ASN B 105 12.77 -38.28 -20.39
C ASN B 105 12.61 -38.92 -19.03
N VAL B 106 11.44 -39.51 -18.74
CA VAL B 106 11.19 -40.19 -17.46
C VAL B 106 12.26 -41.28 -17.23
N GLY B 107 12.47 -42.13 -18.24
CA GLY B 107 13.41 -43.24 -18.21
C GLY B 107 14.86 -42.85 -18.14
N SER B 108 15.20 -41.64 -18.65
CA SER B 108 16.55 -41.09 -18.65
C SER B 108 16.73 -40.09 -17.49
N GLU B 109 15.75 -40.02 -16.56
CA GLU B 109 15.75 -39.18 -15.36
C GLU B 109 15.80 -37.67 -15.69
N ILE B 110 15.06 -37.28 -16.74
CA ILE B 110 14.95 -35.89 -17.22
C ILE B 110 13.49 -35.42 -17.12
N SER B 111 13.31 -34.14 -16.78
CA SER B 111 12.01 -33.47 -16.69
C SER B 111 12.21 -32.07 -17.27
N THR B 112 11.54 -31.76 -18.41
CA THR B 112 11.67 -30.46 -19.08
C THR B 112 11.19 -29.29 -18.23
N GLY B 113 10.14 -29.51 -17.43
CA GLY B 113 9.54 -28.47 -16.60
C GLY B 113 8.27 -27.93 -17.23
N PHE B 114 7.92 -28.47 -18.40
CA PHE B 114 6.71 -28.13 -19.14
C PHE B 114 5.85 -29.39 -19.18
N THR B 115 4.59 -29.25 -19.63
CA THR B 115 3.66 -30.35 -19.80
C THR B 115 4.15 -31.16 -21.02
N ARG B 116 3.93 -32.49 -21.05
CA ARG B 116 4.45 -33.30 -22.16
C ARG B 116 3.85 -32.89 -23.52
N SER B 117 2.71 -32.17 -23.52
CA SER B 117 2.12 -31.64 -24.76
C SER B 117 2.88 -30.40 -25.25
N GLU B 118 3.28 -29.51 -24.30
CA GLU B 118 4.07 -28.31 -24.58
C GLU B 118 5.49 -28.69 -25.01
N SER B 119 6.14 -29.58 -24.24
CA SER B 119 7.51 -30.07 -24.41
C SER B 119 7.87 -30.52 -25.82
N TRP B 120 6.99 -31.31 -26.48
CA TRP B 120 7.29 -31.88 -27.79
C TRP B 120 6.54 -31.26 -28.97
N SER B 121 5.93 -30.09 -28.78
CA SER B 121 5.22 -29.46 -29.90
C SER B 121 5.99 -28.25 -30.45
N THR B 122 5.33 -27.42 -31.27
CA THR B 122 5.90 -26.24 -31.93
C THR B 122 6.49 -25.25 -30.93
N THR B 123 7.55 -24.55 -31.36
CA THR B 123 8.19 -23.56 -30.50
C THR B 123 7.19 -22.43 -30.17
N GLN B 124 7.06 -22.13 -28.86
CA GLN B 124 6.17 -21.10 -28.32
C GLN B 124 6.92 -20.23 -27.34
N SER B 125 6.94 -18.91 -27.57
CA SER B 125 7.60 -17.95 -26.70
C SER B 125 6.75 -17.70 -25.45
N PHE B 126 7.40 -17.35 -24.33
CA PHE B 126 6.74 -17.03 -23.07
C PHE B 126 7.61 -16.10 -22.25
N THR B 127 6.99 -15.29 -21.39
CA THR B 127 7.72 -14.32 -20.57
C THR B 127 8.10 -14.88 -19.21
N ASP B 128 9.36 -14.65 -18.82
CA ASP B 128 9.89 -15.01 -17.51
C ASP B 128 10.47 -13.74 -16.90
N THR B 129 10.52 -13.69 -15.57
CA THR B 129 10.93 -12.51 -14.82
C THR B 129 12.01 -12.85 -13.77
N THR B 130 12.97 -11.92 -13.56
CA THR B 130 14.05 -12.04 -12.57
C THR B 130 14.45 -10.67 -11.99
N GLU B 131 14.57 -10.61 -10.65
CA GLU B 131 14.97 -9.40 -9.93
C GLU B 131 16.49 -9.28 -10.06
N MET B 132 16.95 -8.18 -10.64
CA MET B 132 18.38 -7.93 -10.89
C MET B 132 18.84 -6.55 -10.44
N LYS B 133 20.06 -6.49 -9.86
CA LYS B 133 20.65 -5.21 -9.45
C LYS B 133 21.96 -4.95 -10.17
N GLY B 134 22.14 -3.73 -10.65
CA GLY B 134 23.36 -3.34 -11.36
C GLY B 134 24.40 -2.70 -10.47
N PRO B 135 25.47 -2.08 -11.04
CA PRO B 135 25.80 -1.96 -12.47
C PRO B 135 26.42 -3.23 -13.05
N GLY B 136 26.17 -3.48 -14.32
CA GLY B 136 26.72 -4.63 -15.01
C GLY B 136 26.00 -5.06 -16.28
N THR B 137 26.67 -5.93 -17.05
CA THR B 137 26.16 -6.54 -18.27
C THR B 137 26.03 -8.04 -17.98
N PHE B 138 24.88 -8.63 -18.38
CA PHE B 138 24.55 -10.03 -18.10
C PHE B 138 24.09 -10.76 -19.32
N VAL B 139 24.31 -12.08 -19.33
CA VAL B 139 23.95 -12.97 -20.44
C VAL B 139 23.02 -14.05 -19.92
N ILE B 140 21.88 -14.25 -20.63
CA ILE B 140 20.87 -15.24 -20.26
C ILE B 140 20.95 -16.38 -21.25
N TYR B 141 20.97 -17.62 -20.74
CA TYR B 141 21.01 -18.85 -21.52
C TYR B 141 19.85 -19.73 -21.07
N GLN B 142 19.32 -20.57 -21.99
CA GLN B 142 18.25 -21.54 -21.70
C GLN B 142 18.73 -22.92 -22.12
N VAL B 143 18.41 -23.95 -21.31
CA VAL B 143 18.83 -25.32 -21.56
C VAL B 143 18.10 -25.95 -22.72
N VAL B 144 18.88 -26.55 -23.64
CA VAL B 144 18.37 -27.27 -24.80
C VAL B 144 18.75 -28.76 -24.66
N LEU B 145 17.79 -29.66 -24.88
CA LEU B 145 18.02 -31.12 -24.86
C LEU B 145 18.03 -31.63 -26.30
N VAL B 146 19.12 -32.30 -26.68
CA VAL B 146 19.32 -32.86 -28.03
C VAL B 146 19.04 -34.37 -28.02
N TYR B 147 18.28 -34.83 -29.01
CA TYR B 147 17.92 -36.24 -29.16
C TYR B 147 18.41 -36.75 -30.49
N ALA B 148 18.84 -38.01 -30.50
CA ALA B 148 19.30 -38.68 -31.72
C ALA B 148 18.17 -39.61 -32.13
N HIS B 149 17.82 -39.59 -33.41
CA HIS B 149 16.73 -40.41 -33.92
C HIS B 149 17.11 -41.31 -35.08
N ASN B 150 16.49 -42.49 -35.12
CA ASN B 150 16.58 -43.45 -36.23
C ASN B 150 15.17 -43.69 -36.75
N ALA B 151 14.74 -42.87 -37.71
CA ALA B 151 13.42 -42.98 -38.32
C ALA B 151 13.54 -44.05 -39.40
N THR B 152 13.19 -45.28 -39.01
CA THR B 152 13.26 -46.48 -39.84
C THR B 152 12.44 -46.36 -41.14
N SER B 153 13.10 -46.67 -42.29
CA SER B 153 12.57 -46.64 -43.67
C SER B 153 12.33 -45.22 -44.24
N ALA B 154 12.57 -44.17 -43.44
CA ALA B 154 12.33 -42.79 -43.85
C ALA B 154 13.39 -42.20 -44.79
N GLY B 155 14.57 -42.82 -44.84
CA GLY B 155 15.74 -42.39 -45.61
C GLY B 155 15.53 -42.14 -47.09
N ARG B 156 14.67 -42.93 -47.71
CA ARG B 156 14.40 -42.80 -49.14
C ARG B 156 13.54 -41.56 -49.46
N GLN B 157 12.54 -41.29 -48.62
CA GLN B 157 11.60 -40.17 -48.78
C GLN B 157 12.09 -38.86 -48.19
N ASN B 158 12.71 -38.89 -46.99
CA ASN B 158 13.09 -37.71 -46.21
C ASN B 158 14.59 -37.47 -45.98
N ALA B 159 15.47 -37.92 -46.88
CA ALA B 159 16.92 -37.69 -46.72
C ALA B 159 17.25 -36.20 -46.76
N ASN B 160 16.71 -35.50 -47.77
CA ASN B 160 16.86 -34.08 -48.04
C ASN B 160 16.01 -33.16 -47.10
N ALA B 161 15.09 -33.74 -46.29
CA ALA B 161 14.23 -32.99 -45.37
C ALA B 161 15.00 -32.20 -44.29
N PHE B 162 16.05 -32.84 -43.73
CA PHE B 162 16.89 -32.26 -42.67
C PHE B 162 18.20 -31.72 -43.25
N ALA B 163 18.70 -30.60 -42.70
CA ALA B 163 19.94 -29.97 -43.12
C ALA B 163 21.17 -30.86 -42.87
N TYR B 164 21.15 -31.62 -41.74
CA TYR B 164 22.18 -32.58 -41.34
C TYR B 164 21.51 -33.89 -41.07
N SER B 165 21.81 -34.91 -41.90
CA SER B 165 21.23 -36.25 -41.79
C SER B 165 22.19 -37.33 -42.30
N LYS B 166 21.90 -38.61 -41.98
CA LYS B 166 22.67 -39.75 -42.41
C LYS B 166 21.75 -40.91 -42.76
N THR B 167 21.92 -41.51 -43.94
CA THR B 167 21.13 -42.67 -44.37
C THR B 167 21.93 -43.95 -44.17
N GLN B 168 21.23 -45.05 -43.90
CA GLN B 168 21.83 -46.35 -43.67
C GLN B 168 20.90 -47.44 -44.22
N ALA B 169 21.36 -48.14 -45.28
CA ALA B 169 20.58 -49.23 -45.90
C ALA B 169 20.64 -50.50 -45.04
N VAL B 170 19.47 -51.02 -44.64
CA VAL B 170 19.31 -52.25 -43.86
C VAL B 170 18.43 -53.16 -44.74
N GLY B 171 19.07 -53.91 -45.62
CA GLY B 171 18.40 -54.77 -46.59
C GLY B 171 17.76 -53.93 -47.68
N SER B 172 16.45 -54.11 -47.89
CA SER B 172 15.66 -53.38 -48.90
C SER B 172 15.14 -52.04 -48.34
N ARG B 173 15.44 -51.76 -47.06
CA ARG B 173 15.01 -50.62 -46.27
C ARG B 173 16.14 -49.57 -46.12
N VAL B 174 15.77 -48.27 -46.05
CA VAL B 174 16.72 -47.15 -45.87
C VAL B 174 16.38 -46.33 -44.60
N ASP B 175 17.15 -46.54 -43.50
CA ASP B 175 17.00 -45.83 -42.23
C ASP B 175 17.46 -44.37 -42.33
N LEU B 176 16.81 -43.46 -41.57
CA LEU B 176 17.16 -42.04 -41.54
C LEU B 176 17.63 -41.64 -40.14
N TYR B 177 18.85 -41.09 -40.06
CA TYR B 177 19.48 -40.67 -38.81
C TYR B 177 19.58 -39.16 -38.82
N TYR B 178 18.97 -38.54 -37.79
CA TYR B 178 18.94 -37.09 -37.62
C TYR B 178 18.90 -36.76 -36.15
N LEU B 179 18.98 -35.46 -35.84
CA LEU B 179 18.97 -34.92 -34.48
C LEU B 179 17.82 -33.89 -34.34
N SER B 180 17.22 -33.85 -33.14
CA SER B 180 16.14 -32.91 -32.80
C SER B 180 16.42 -32.27 -31.44
N ALA B 181 15.93 -31.06 -31.23
CA ALA B 181 16.17 -30.34 -29.98
C ALA B 181 14.90 -29.71 -29.41
N ILE B 182 14.78 -29.71 -28.08
CA ILE B 182 13.66 -29.12 -27.32
C ILE B 182 14.25 -28.34 -26.16
N THR B 183 13.52 -27.35 -25.63
CA THR B 183 14.00 -26.54 -24.51
C THR B 183 13.46 -27.05 -23.19
N GLN B 184 14.13 -26.65 -22.09
CA GLN B 184 13.72 -26.95 -20.73
C GLN B 184 13.37 -25.65 -20.04
N ARG B 185 12.48 -25.71 -19.03
CA ARG B 185 12.09 -24.56 -18.21
C ARG B 185 13.24 -24.33 -17.21
N LYS B 186 14.45 -24.08 -17.75
CA LYS B 186 15.70 -23.90 -17.02
C LYS B 186 16.55 -22.85 -17.72
N ARG B 187 16.96 -21.83 -16.96
CA ARG B 187 17.77 -20.72 -17.49
C ARG B 187 18.85 -20.27 -16.51
N VAL B 188 20.01 -19.84 -17.04
CA VAL B 188 21.08 -19.29 -16.19
C VAL B 188 21.40 -17.84 -16.60
N ILE B 189 21.55 -16.95 -15.59
CA ILE B 189 21.90 -15.54 -15.79
C ILE B 189 23.33 -15.35 -15.30
N VAL B 190 24.24 -15.07 -16.24
CA VAL B 190 25.68 -15.00 -16.01
C VAL B 190 26.21 -13.56 -16.19
N PRO B 191 27.11 -13.05 -15.31
CA PRO B 191 27.71 -11.73 -15.60
C PRO B 191 28.57 -11.89 -16.85
N SER B 192 28.45 -10.94 -17.81
CA SER B 192 29.17 -11.00 -19.09
C SER B 192 30.68 -11.25 -18.95
N SER B 193 31.28 -10.94 -17.79
CA SER B 193 32.71 -11.16 -17.51
C SER B 193 33.03 -12.66 -17.40
N ASN B 194 32.03 -13.47 -17.03
CA ASN B 194 32.10 -14.92 -16.87
C ASN B 194 31.39 -15.67 -18.01
N ALA B 195 30.74 -14.93 -18.92
CA ALA B 195 29.98 -15.47 -20.04
C ALA B 195 30.81 -16.32 -20.99
N VAL B 196 30.26 -17.47 -21.36
CA VAL B 196 30.87 -18.44 -22.26
C VAL B 196 30.22 -18.31 -23.66
N THR B 197 31.00 -18.59 -24.72
CA THR B 197 30.47 -18.55 -26.09
C THR B 197 29.45 -19.70 -26.28
N PRO B 198 28.16 -19.42 -26.56
CA PRO B 198 27.20 -20.52 -26.70
C PRO B 198 27.37 -21.30 -28.01
N LEU B 199 27.09 -22.59 -27.95
CA LEU B 199 27.10 -23.46 -29.12
C LEU B 199 25.81 -23.20 -29.88
N ASP B 200 25.82 -23.40 -31.21
CA ASP B 200 24.63 -23.25 -32.04
C ASP B 200 24.22 -24.61 -32.62
N TRP B 201 22.98 -24.74 -33.13
CA TRP B 201 22.42 -25.97 -33.69
C TRP B 201 23.29 -26.57 -34.84
N ASP B 202 23.80 -25.69 -35.69
CA ASP B 202 24.72 -25.93 -36.79
C ASP B 202 25.92 -26.78 -36.25
N THR B 203 26.69 -26.25 -35.26
CA THR B 203 27.84 -26.87 -34.60
C THR B 203 27.50 -28.18 -33.89
N VAL B 204 26.41 -28.18 -33.10
CA VAL B 204 25.95 -29.35 -32.34
C VAL B 204 25.65 -30.52 -33.28
N GLN B 205 24.99 -30.27 -34.43
CA GLN B 205 24.69 -31.31 -35.41
C GLN B 205 25.92 -31.85 -36.13
N ARG B 206 26.85 -30.94 -36.55
CA ARG B 206 28.12 -31.28 -37.23
C ARG B 206 28.98 -32.17 -36.34
N ASN B 207 29.07 -31.84 -35.05
CA ASN B 207 29.90 -32.58 -34.11
C ASN B 207 29.25 -33.79 -33.48
N VAL B 208 27.98 -33.70 -33.06
CA VAL B 208 27.31 -34.84 -32.39
C VAL B 208 26.98 -35.94 -33.40
N LEU B 209 26.22 -35.61 -34.47
CA LEU B 209 25.84 -36.61 -35.47
C LEU B 209 26.92 -36.91 -36.51
N MET B 210 27.28 -35.91 -37.33
CA MET B 210 28.20 -36.02 -38.46
C MET B 210 29.59 -36.50 -38.09
N GLU B 211 30.18 -35.99 -37.00
CA GLU B 211 31.54 -36.36 -36.60
C GLU B 211 31.66 -37.43 -35.54
N ASN B 212 30.68 -37.57 -34.62
CA ASN B 212 30.79 -38.53 -33.51
C ASN B 212 29.79 -39.69 -33.54
N TYR B 213 29.14 -39.97 -34.69
CA TYR B 213 28.23 -41.12 -34.76
C TYR B 213 28.30 -41.83 -36.09
N ASN B 214 28.48 -43.16 -36.03
CA ASN B 214 28.55 -44.01 -37.20
C ASN B 214 27.35 -44.96 -37.26
N PRO B 215 26.39 -44.71 -38.18
CA PRO B 215 25.19 -45.57 -38.27
C PRO B 215 25.43 -47.03 -38.57
N GLY B 216 26.43 -47.33 -39.37
CA GLY B 216 26.70 -48.71 -39.70
C GLY B 216 27.00 -49.53 -38.47
N SER B 217 28.07 -49.14 -37.81
CA SER B 217 28.55 -49.85 -36.65
C SER B 217 27.76 -49.57 -35.38
N ASN B 218 26.85 -48.54 -35.41
CA ASN B 218 26.07 -48.06 -34.25
C ASN B 218 27.05 -47.77 -33.11
N SER B 219 28.04 -46.91 -33.41
CA SER B 219 29.10 -46.55 -32.47
C SER B 219 29.62 -45.13 -32.73
N GLY B 220 30.39 -44.65 -31.78
CA GLY B 220 30.98 -43.32 -31.77
C GLY B 220 30.99 -42.83 -30.34
N HIS B 221 30.56 -41.58 -30.12
CA HIS B 221 30.52 -41.09 -28.75
C HIS B 221 29.29 -41.59 -27.99
N PHE B 222 28.32 -42.18 -28.73
CA PHE B 222 27.08 -42.78 -28.20
C PHE B 222 26.56 -43.90 -29.13
N SER B 223 25.63 -44.71 -28.62
CA SER B 223 24.99 -45.78 -29.39
C SER B 223 23.53 -46.01 -28.94
N PHE B 224 22.65 -46.36 -29.89
CA PHE B 224 21.25 -46.67 -29.65
C PHE B 224 21.13 -48.05 -29.04
N ASP B 225 20.08 -48.29 -28.26
CA ASP B 225 19.79 -49.60 -27.66
C ASP B 225 18.55 -50.15 -28.37
N TRP B 226 18.75 -50.97 -29.40
CA TRP B 226 17.67 -51.55 -30.20
C TRP B 226 16.74 -52.50 -29.42
N SER B 227 17.07 -52.84 -28.14
CA SER B 227 16.22 -53.70 -27.31
C SER B 227 14.89 -53.04 -26.91
N ALA B 228 14.76 -51.71 -27.17
CA ALA B 228 13.56 -50.91 -26.92
C ALA B 228 12.34 -51.46 -27.67
N TYR B 229 12.58 -52.05 -28.86
CA TYR B 229 11.58 -52.67 -29.73
C TYR B 229 10.83 -53.82 -29.01
N ASN B 230 11.46 -54.48 -28.04
CA ASN B 230 10.87 -55.62 -27.35
C ASN B 230 10.48 -55.32 -25.90
N ASP B 231 10.74 -54.08 -25.41
CA ASP B 231 10.35 -53.67 -24.06
C ASP B 231 9.03 -52.87 -24.10
N PRO B 232 7.95 -53.35 -23.43
CA PRO B 232 6.70 -52.59 -23.44
C PRO B 232 6.80 -51.29 -22.65
N HIS B 233 7.70 -51.26 -21.65
CA HIS B 233 7.97 -50.09 -20.81
C HIS B 233 8.70 -49.00 -21.59
N ARG B 234 9.30 -49.37 -22.75
CA ARG B 234 10.06 -48.44 -23.60
C ARG B 234 9.47 -48.28 -25.01
N ARG B 235 8.16 -48.53 -25.15
CA ARG B 235 7.41 -48.37 -26.39
C ARG B 235 6.21 -47.45 -26.14
N TYR B 236 5.92 -46.51 -27.08
CA TYR B 236 4.82 -45.56 -26.93
C TYR B 236 3.84 -45.60 -28.09
N SER C 1 25.18 -49.47 -4.66
CA SER C 1 24.81 -50.87 -4.55
C SER C 1 24.85 -51.35 -3.08
N GLY C 2 26.03 -51.78 -2.60
CA GLY C 2 26.24 -52.23 -1.22
C GLY C 2 26.08 -51.13 -0.20
N ARG C 3 25.83 -49.89 -0.68
CA ARG C 3 25.60 -48.66 0.08
C ARG C 3 24.27 -48.76 0.81
N PHE C 4 23.35 -49.61 0.29
CA PHE C 4 22.01 -49.82 0.84
C PHE C 4 22.03 -50.48 2.20
N ASP C 5 23.08 -51.28 2.49
CA ASP C 5 23.23 -51.89 3.81
C ASP C 5 23.75 -50.83 4.81
N GLN C 6 24.35 -49.72 4.29
CA GLN C 6 24.85 -48.61 5.10
C GLN C 6 23.77 -47.60 5.50
N TYR C 7 22.62 -47.56 4.78
CA TYR C 7 21.50 -46.67 5.11
C TYR C 7 20.82 -47.14 6.41
N PRO C 8 20.48 -46.23 7.35
CA PRO C 8 19.82 -46.67 8.60
C PRO C 8 18.35 -46.99 8.42
N THR C 9 17.73 -47.55 9.49
CA THR C 9 16.30 -47.85 9.53
C THR C 9 15.66 -46.82 10.43
N LYS C 10 14.58 -46.18 9.95
CA LYS C 10 13.83 -45.15 10.66
C LYS C 10 12.37 -45.55 10.85
N LYS C 11 11.75 -45.14 11.97
CA LYS C 11 10.35 -45.45 12.30
C LYS C 11 9.59 -44.15 12.59
N GLY C 12 8.53 -43.90 11.82
CA GLY C 12 7.69 -42.73 11.99
C GLY C 12 8.22 -41.47 11.32
N ASP C 13 7.32 -40.52 11.10
CA ASP C 13 7.61 -39.25 10.44
C ASP C 13 8.71 -38.44 11.10
N PHE C 14 8.72 -38.34 12.45
CA PHE C 14 9.73 -37.58 13.19
C PHE C 14 11.16 -38.03 12.86
N ALA C 15 11.40 -39.36 12.88
CA ALA C 15 12.68 -40.00 12.57
C ALA C 15 13.03 -39.89 11.08
N ILE C 16 12.07 -40.20 10.18
CA ILE C 16 12.25 -40.13 8.73
C ILE C 16 12.53 -38.69 8.27
N ASP C 17 11.61 -37.74 8.57
CA ASP C 17 11.72 -36.33 8.20
C ASP C 17 12.95 -35.67 8.79
N GLY C 18 13.23 -35.98 10.06
CA GLY C 18 14.40 -35.46 10.77
C GLY C 18 15.69 -35.84 10.09
N TYR C 19 15.77 -37.11 9.63
CA TYR C 19 16.92 -37.66 8.95
C TYR C 19 17.11 -37.07 7.55
N LEU C 20 16.09 -37.18 6.67
CA LEU C 20 16.14 -36.72 5.28
C LEU C 20 16.10 -35.20 5.09
N LEU C 21 15.17 -34.48 5.77
CA LEU C 21 14.92 -33.03 5.63
C LEU C 21 15.93 -32.14 6.40
N ASP C 22 17.22 -32.34 6.11
CA ASP C 22 18.34 -31.60 6.69
C ASP C 22 18.98 -30.78 5.58
N TYR C 23 18.92 -29.44 5.65
CA TYR C 23 19.47 -28.64 4.57
C TYR C 23 21.00 -28.56 4.60
N SER C 24 21.59 -28.73 5.80
CA SER C 24 23.04 -28.69 5.98
C SER C 24 23.70 -29.99 5.46
N SER C 25 23.24 -31.18 5.93
CA SER C 25 23.78 -32.46 5.45
C SER C 25 22.65 -33.39 4.98
N PRO C 26 22.09 -33.19 3.75
CA PRO C 26 20.97 -34.04 3.28
C PRO C 26 21.35 -35.50 3.05
N LYS C 27 20.41 -36.40 3.30
CA LYS C 27 20.65 -37.82 3.16
C LYS C 27 19.86 -38.46 2.02
N GLN C 28 20.52 -39.35 1.25
CA GLN C 28 19.96 -40.03 0.08
C GLN C 28 18.68 -40.78 0.38
N GLY C 29 18.71 -41.61 1.43
CA GLY C 29 17.58 -42.42 1.83
C GLY C 29 17.77 -43.14 3.14
N CYS C 30 16.75 -43.89 3.55
CA CYS C 30 16.70 -44.68 4.77
C CYS C 30 15.65 -45.77 4.66
N TRP C 31 15.87 -46.92 5.31
CA TRP C 31 14.89 -47.99 5.35
C TRP C 31 13.80 -47.55 6.33
N VAL C 32 12.57 -48.03 6.12
CA VAL C 32 11.44 -47.65 6.97
C VAL C 32 10.85 -48.87 7.68
N ASP C 33 10.71 -48.77 9.02
CA ASP C 33 10.09 -49.80 9.84
C ASP C 33 8.60 -49.48 9.87
N GLY C 34 7.80 -50.36 9.26
CA GLY C 34 6.37 -50.14 9.20
C GLY C 34 5.51 -51.38 9.31
N ILE C 35 4.22 -51.17 9.62
CA ILE C 35 3.22 -52.23 9.77
C ILE C 35 2.78 -52.78 8.40
N THR C 36 2.33 -54.05 8.36
CA THR C 36 1.83 -54.74 7.16
C THR C 36 0.31 -54.72 7.22
N VAL C 37 -0.31 -54.34 6.09
CA VAL C 37 -1.77 -54.29 5.96
C VAL C 37 -2.19 -55.17 4.80
N TYR C 38 -3.44 -55.64 4.82
CA TYR C 38 -3.98 -56.51 3.78
C TYR C 38 -5.28 -55.95 3.22
N GLY C 39 -5.39 -55.97 1.90
CA GLY C 39 -6.57 -55.49 1.18
C GLY C 39 -6.38 -55.53 -0.31
N ASP C 40 -7.45 -55.23 -1.07
CA ASP C 40 -7.42 -55.24 -2.54
C ASP C 40 -6.55 -54.16 -3.16
N ILE C 41 -5.92 -54.49 -4.30
CA ILE C 41 -5.14 -53.64 -5.18
C ILE C 41 -5.47 -54.14 -6.59
N TYR C 42 -5.96 -53.25 -7.46
CA TYR C 42 -6.31 -53.60 -8.83
C TYR C 42 -5.06 -53.62 -9.70
N ILE C 43 -4.74 -54.80 -10.29
CA ILE C 43 -3.60 -54.97 -11.21
C ILE C 43 -4.10 -55.75 -12.44
N GLY C 44 -3.96 -55.15 -13.62
CA GLY C 44 -4.34 -55.76 -14.88
C GLY C 44 -5.82 -55.79 -15.18
N LYS C 45 -6.47 -56.94 -14.93
CA LYS C 45 -7.89 -57.16 -15.22
C LYS C 45 -8.78 -57.37 -13.98
N GLN C 46 -8.20 -57.41 -12.76
CA GLN C 46 -8.96 -57.63 -11.53
C GLN C 46 -8.25 -57.11 -10.29
N ASN C 47 -8.93 -57.21 -9.12
CA ASN C 47 -8.38 -56.88 -7.81
C ASN C 47 -7.66 -58.10 -7.29
N TRP C 48 -6.64 -57.90 -6.45
CA TRP C 48 -5.88 -58.95 -5.80
C TRP C 48 -5.69 -58.58 -4.32
N GLY C 49 -5.80 -59.57 -3.44
CA GLY C 49 -5.58 -59.40 -2.01
C GLY C 49 -4.09 -59.19 -1.81
N THR C 50 -3.69 -57.96 -1.50
CA THR C 50 -2.28 -57.58 -1.41
C THR C 50 -1.81 -57.25 0.00
N TYR C 51 -0.59 -57.69 0.32
CA TYR C 51 0.09 -57.38 1.58
C TYR C 51 1.00 -56.19 1.26
N THR C 52 0.82 -55.09 2.01
CA THR C 52 1.57 -53.85 1.81
C THR C 52 2.21 -53.43 3.13
N ARG C 53 3.48 -53.02 3.06
CA ARG C 53 4.22 -52.48 4.20
C ARG C 53 5.19 -51.40 3.68
N PRO C 54 5.45 -50.30 4.44
CA PRO C 54 6.45 -49.32 3.99
C PRO C 54 7.85 -49.95 4.13
N VAL C 55 8.77 -49.67 3.21
CA VAL C 55 10.11 -50.27 3.29
C VAL C 55 11.26 -49.26 3.17
N PHE C 56 11.07 -48.21 2.38
CA PHE C 56 12.14 -47.25 2.14
C PHE C 56 11.61 -45.83 1.92
N ALA C 57 12.44 -44.82 2.17
CA ALA C 57 12.11 -43.42 1.96
C ALA C 57 13.34 -42.73 1.41
N TYR C 58 13.21 -41.99 0.31
CA TYR C 58 14.35 -41.33 -0.29
C TYR C 58 14.02 -39.94 -0.85
N LEU C 59 15.04 -39.10 -1.08
CA LEU C 59 14.92 -37.77 -1.63
C LEU C 59 14.96 -37.82 -3.17
N GLN C 60 13.82 -37.50 -3.80
CA GLN C 60 13.67 -37.44 -5.25
C GLN C 60 14.06 -36.04 -5.71
N TYR C 61 14.80 -35.95 -6.81
CA TYR C 61 15.21 -34.65 -7.36
C TYR C 61 14.02 -33.90 -7.95
N VAL C 62 13.97 -32.57 -7.69
CA VAL C 62 12.93 -31.68 -8.21
C VAL C 62 13.52 -30.66 -9.21
N GLU C 63 14.42 -29.76 -8.75
CA GLU C 63 14.98 -28.69 -9.58
C GLU C 63 16.26 -28.10 -9.01
N THR C 64 17.07 -27.47 -9.88
CA THR C 64 18.28 -26.71 -9.55
C THR C 64 17.93 -25.24 -9.80
N ILE C 65 18.12 -24.40 -8.78
CA ILE C 65 17.80 -22.98 -8.82
C ILE C 65 19.09 -22.15 -8.78
N SER C 66 19.18 -21.16 -9.67
CA SER C 66 20.34 -20.27 -9.75
C SER C 66 19.95 -18.82 -9.49
N ILE C 67 20.49 -18.22 -8.41
CA ILE C 67 20.29 -16.82 -8.05
C ILE C 67 21.69 -16.17 -8.11
N PRO C 68 22.02 -15.39 -9.16
CA PRO C 68 23.40 -14.87 -9.27
C PRO C 68 23.76 -13.66 -8.38
N GLN C 69 22.77 -13.00 -7.76
CA GLN C 69 23.04 -11.79 -6.95
C GLN C 69 22.43 -11.81 -5.56
N ASN C 70 22.90 -10.88 -4.69
CA ASN C 70 22.39 -10.69 -3.32
C ASN C 70 21.03 -9.98 -3.37
N VAL C 71 20.04 -10.69 -3.93
CA VAL C 71 18.67 -10.24 -4.15
C VAL C 71 17.71 -11.23 -3.51
N THR C 72 16.75 -10.71 -2.73
CA THR C 72 15.70 -11.53 -2.12
C THR C 72 14.59 -11.68 -3.15
N THR C 73 14.21 -12.93 -3.45
CA THR C 73 13.18 -13.25 -4.44
C THR C 73 12.24 -14.36 -3.94
N THR C 74 11.10 -14.53 -4.63
CA THR C 74 10.12 -15.57 -4.32
C THR C 74 10.18 -16.65 -5.40
N LEU C 75 10.48 -17.89 -4.99
CA LEU C 75 10.63 -19.04 -5.87
C LEU C 75 9.38 -19.81 -6.09
N SER C 76 9.17 -20.19 -7.34
CA SER C 76 8.05 -20.97 -7.79
C SER C 76 8.65 -22.22 -8.46
N TYR C 77 8.33 -23.39 -7.92
CA TYR C 77 8.77 -24.70 -8.41
C TYR C 77 7.58 -25.61 -8.33
N GLN C 78 7.64 -26.77 -8.98
CA GLN C 78 6.48 -27.62 -8.84
C GLN C 78 6.81 -29.04 -8.40
N LEU C 79 6.01 -29.50 -7.43
CA LEU C 79 6.09 -30.81 -6.80
C LEU C 79 4.92 -31.64 -7.30
N THR C 80 4.86 -32.93 -6.93
CA THR C 80 3.78 -33.83 -7.36
C THR C 80 3.04 -34.48 -6.18
N LYS C 81 1.80 -34.95 -6.42
CA LYS C 81 0.90 -35.64 -5.48
C LYS C 81 0.72 -37.07 -6.01
N GLY C 82 0.38 -38.01 -5.12
CA GLY C 82 0.11 -39.39 -5.49
C GLY C 82 1.33 -40.21 -5.87
N HIS C 83 1.13 -41.25 -6.69
CA HIS C 83 2.21 -42.11 -7.19
C HIS C 83 3.25 -41.29 -7.95
N THR C 84 4.51 -41.69 -7.91
CA THR C 84 5.55 -40.92 -8.59
C THR C 84 5.43 -41.04 -10.11
N ARG C 85 6.02 -40.08 -10.86
CA ARG C 85 6.01 -40.12 -12.33
C ARG C 85 6.80 -41.37 -12.77
N SER C 86 7.87 -41.72 -12.03
CA SER C 86 8.70 -42.90 -12.26
C SER C 86 7.90 -44.20 -12.07
N PHE C 87 7.11 -44.31 -10.99
CA PHE C 87 6.30 -45.52 -10.78
C PHE C 87 5.25 -45.70 -11.91
N GLU C 88 4.49 -44.62 -12.19
CA GLU C 88 3.45 -44.57 -13.22
C GLU C 88 3.92 -45.16 -14.57
N THR C 89 5.12 -44.78 -15.04
CA THR C 89 5.66 -45.29 -16.30
C THR C 89 6.22 -46.72 -16.18
N SER C 90 6.64 -47.12 -14.97
CA SER C 90 7.21 -48.45 -14.71
C SER C 90 6.17 -49.61 -14.76
N VAL C 91 4.86 -49.30 -14.81
CA VAL C 91 3.74 -50.26 -14.87
C VAL C 91 3.05 -50.16 -16.22
N ASN C 92 2.78 -51.30 -16.86
CA ASN C 92 2.10 -51.32 -18.15
C ASN C 92 0.60 -51.74 -18.02
N ALA C 93 0.27 -52.58 -17.03
CA ALA C 93 -1.10 -52.99 -16.76
C ALA C 93 -1.88 -51.87 -16.06
N LYS C 94 -3.21 -52.00 -15.99
CA LYS C 94 -4.09 -51.07 -15.28
C LYS C 94 -3.77 -51.22 -13.79
N TYR C 95 -3.53 -50.10 -13.11
CA TYR C 95 -3.16 -50.12 -11.69
C TYR C 95 -3.97 -49.12 -10.89
N SER C 96 -4.68 -49.61 -9.86
CA SER C 96 -5.53 -48.76 -9.02
C SER C 96 -5.54 -49.25 -7.57
N VAL C 97 -5.41 -48.32 -6.61
CA VAL C 97 -5.41 -48.58 -5.17
C VAL C 97 -6.55 -47.78 -4.51
N GLY C 98 -7.27 -48.42 -3.58
CA GLY C 98 -8.31 -47.76 -2.81
C GLY C 98 -7.70 -46.90 -1.71
N ALA C 99 -8.18 -45.66 -1.55
CA ALA C 99 -7.70 -44.69 -0.57
C ALA C 99 -7.62 -45.19 0.88
N ASN C 100 -8.41 -46.24 1.24
CA ASN C 100 -8.43 -46.84 2.57
C ASN C 100 -7.13 -47.56 2.95
N ILE C 101 -6.22 -47.77 1.97
CA ILE C 101 -4.89 -48.38 2.17
C ILE C 101 -4.04 -47.53 3.12
N ASP C 102 -4.33 -46.19 3.22
CA ASP C 102 -3.62 -45.22 4.07
C ASP C 102 -3.56 -45.61 5.56
N ILE C 103 -4.19 -46.75 5.94
CA ILE C 103 -4.08 -47.32 7.28
C ILE C 103 -2.60 -47.75 7.50
N VAL C 104 -1.92 -48.16 6.40
CA VAL C 104 -0.49 -48.51 6.40
C VAL C 104 0.35 -47.33 6.91
N ASN C 105 0.02 -46.10 6.47
CA ASN C 105 0.70 -44.89 6.90
C ASN C 105 0.34 -44.51 8.33
N VAL C 106 -0.95 -44.53 8.71
CA VAL C 106 -1.40 -44.20 10.07
C VAL C 106 -0.76 -45.16 11.08
N GLY C 107 -0.82 -46.45 10.79
CA GLY C 107 -0.25 -47.51 11.62
C GLY C 107 1.27 -47.46 11.73
N SER C 108 1.95 -46.93 10.70
CA SER C 108 3.41 -46.81 10.70
C SER C 108 3.86 -45.40 11.10
N GLU C 109 2.95 -44.59 11.67
CA GLU C 109 3.16 -43.22 12.15
C GLU C 109 3.70 -42.28 11.07
N ILE C 110 3.14 -42.40 9.86
CA ILE C 110 3.47 -41.59 8.67
C ILE C 110 2.22 -40.83 8.19
N SER C 111 2.40 -39.56 7.81
CA SER C 111 1.36 -38.71 7.26
C SER C 111 1.97 -38.05 6.02
N THR C 112 1.39 -38.33 4.84
CA THR C 112 1.88 -37.81 3.55
C THR C 112 1.84 -36.28 3.44
N GLY C 113 0.83 -35.66 4.03
CA GLY C 113 0.62 -34.22 3.97
C GLY C 113 -0.43 -33.88 2.93
N PHE C 114 -0.98 -34.92 2.25
CA PHE C 114 -2.03 -34.84 1.24
C PHE C 114 -3.24 -35.61 1.75
N THR C 115 -4.41 -35.41 1.13
CA THR C 115 -5.62 -36.11 1.51
C THR C 115 -5.50 -37.60 1.18
N ARG C 116 -6.30 -38.44 1.82
CA ARG C 116 -6.35 -39.87 1.61
C ARG C 116 -6.42 -40.25 0.11
N SER C 117 -7.34 -39.58 -0.63
CA SER C 117 -7.54 -39.82 -2.07
C SER C 117 -6.41 -39.27 -2.94
N GLU C 118 -5.87 -38.08 -2.61
CA GLU C 118 -4.75 -37.44 -3.32
C GLU C 118 -3.50 -38.34 -3.26
N SER C 119 -3.17 -38.81 -2.04
CA SER C 119 -2.00 -39.61 -1.68
C SER C 119 -1.72 -40.86 -2.52
N TRP C 120 -2.76 -41.63 -2.84
CA TRP C 120 -2.63 -42.91 -3.52
C TRP C 120 -3.16 -42.95 -4.96
N SER C 121 -3.42 -41.79 -5.57
CA SER C 121 -3.93 -41.79 -6.95
C SER C 121 -2.84 -41.41 -7.96
N THR C 122 -3.23 -41.04 -9.20
CA THR C 122 -2.33 -40.68 -10.29
C THR C 122 -1.46 -39.47 -9.95
N THR C 123 -0.25 -39.41 -10.55
CA THR C 123 0.68 -38.31 -10.35
C THR C 123 0.04 -36.98 -10.83
N GLN C 124 0.02 -35.97 -9.95
CA GLN C 124 -0.53 -34.64 -10.25
C GLN C 124 0.46 -33.57 -9.79
N SER C 125 0.85 -32.67 -10.71
CA SER C 125 1.76 -31.56 -10.39
C SER C 125 1.02 -30.46 -9.65
N PHE C 126 1.73 -29.69 -8.82
CA PHE C 126 1.19 -28.55 -8.07
C PHE C 126 2.29 -27.55 -7.77
N THR C 127 1.94 -26.27 -7.61
CA THR C 127 2.93 -25.22 -7.35
C THR C 127 3.14 -24.97 -5.86
N ASP C 128 4.42 -24.86 -5.45
CA ASP C 128 4.82 -24.50 -4.10
C ASP C 128 5.74 -23.28 -4.20
N THR C 129 5.83 -22.49 -3.13
CA THR C 129 6.58 -21.25 -3.12
C THR C 129 7.51 -21.16 -1.89
N THR C 130 8.71 -20.55 -2.08
CA THR C 130 9.71 -20.30 -1.04
C THR C 130 10.43 -18.98 -1.27
N GLU C 131 10.61 -18.18 -0.20
CA GLU C 131 11.32 -16.90 -0.24
C GLU C 131 12.80 -17.23 -0.12
N MET C 132 13.60 -16.84 -1.13
CA MET C 132 15.03 -17.14 -1.21
C MET C 132 15.89 -15.93 -1.53
N LYS C 133 17.06 -15.83 -0.90
CA LYS C 133 18.01 -14.75 -1.18
C LYS C 133 19.34 -15.31 -1.68
N GLY C 134 19.89 -14.69 -2.72
CA GLY C 134 21.16 -15.11 -3.29
C GLY C 134 22.35 -14.33 -2.74
N PRO C 135 23.56 -14.46 -3.34
CA PRO C 135 23.91 -15.29 -4.50
C PRO C 135 24.11 -16.77 -4.14
N GLY C 136 23.80 -17.65 -5.08
CA GLY C 136 23.96 -19.08 -4.88
C GLY C 136 23.17 -19.98 -5.81
N THR C 137 23.54 -21.27 -5.82
CA THR C 137 22.88 -22.32 -6.57
C THR C 137 22.30 -23.30 -5.55
N PHE C 138 21.05 -23.72 -5.74
CA PHE C 138 20.33 -24.57 -4.79
C PHE C 138 19.65 -25.73 -5.48
N VAL C 139 19.47 -26.83 -4.74
CA VAL C 139 18.85 -28.05 -5.24
C VAL C 139 17.62 -28.34 -4.37
N ILE C 140 16.50 -28.64 -5.01
CA ILE C 140 15.23 -28.97 -4.34
C ILE C 140 14.98 -30.46 -4.49
N TYR C 141 14.63 -31.12 -3.38
CA TYR C 141 14.30 -32.53 -3.33
C TYR C 141 12.91 -32.68 -2.68
N GLN C 142 12.18 -33.75 -3.06
CA GLN C 142 10.88 -34.07 -2.48
C GLN C 142 10.93 -35.50 -1.96
N VAL C 143 10.39 -35.72 -0.76
CA VAL C 143 10.38 -37.02 -0.09
C VAL C 143 9.45 -38.00 -0.81
N VAL C 144 9.96 -39.21 -1.10
CA VAL C 144 9.24 -40.31 -1.72
C VAL C 144 9.17 -41.47 -0.72
N LEU C 145 8.00 -42.11 -0.58
CA LEU C 145 7.77 -43.27 0.28
C LEU C 145 7.64 -44.50 -0.59
N VAL C 146 8.47 -45.52 -0.32
CA VAL C 146 8.51 -46.79 -1.05
C VAL C 146 7.79 -47.88 -0.25
N TYR C 147 6.93 -48.65 -0.94
CA TYR C 147 6.15 -49.74 -0.34
C TYR C 147 6.48 -51.04 -1.06
N ALA C 148 6.50 -52.14 -0.29
CA ALA C 148 6.72 -53.47 -0.84
C ALA C 148 5.37 -54.15 -0.86
N HIS C 149 5.04 -54.80 -1.98
CA HIS C 149 3.75 -55.45 -2.13
C HIS C 149 3.82 -56.91 -2.49
N ASN C 150 2.87 -57.70 -1.97
CA ASN C 150 2.67 -59.10 -2.33
C ASN C 150 1.24 -59.21 -2.85
N ALA C 151 1.08 -59.03 -4.17
CA ALA C 151 -0.22 -59.15 -4.83
C ALA C 151 -0.43 -60.63 -5.08
N THR C 152 -1.15 -61.26 -4.14
CA THR C 152 -1.45 -62.69 -4.13
C THR C 152 -2.19 -63.16 -5.39
N SER C 153 -1.68 -64.24 -6.04
CA SER C 153 -2.19 -64.89 -7.26
C SER C 153 -2.01 -64.06 -8.56
N ALA C 154 -1.47 -62.82 -8.46
CA ALA C 154 -1.27 -61.92 -9.61
C ALA C 154 -0.15 -62.32 -10.57
N GLY C 155 0.88 -62.97 -10.04
CA GLY C 155 2.08 -63.40 -10.74
C GLY C 155 1.92 -64.08 -12.10
N ARG C 156 0.89 -64.91 -12.26
CA ARG C 156 0.65 -65.60 -13.53
C ARG C 156 0.17 -64.62 -14.61
N GLN C 157 -0.72 -63.69 -14.25
CA GLN C 157 -1.30 -62.70 -15.17
C GLN C 157 -0.42 -61.45 -15.35
N ASN C 158 0.16 -60.91 -14.26
CA ASN C 158 0.91 -59.65 -14.28
C ASN C 158 2.39 -59.73 -13.87
N ALA C 159 3.11 -60.77 -14.30
CA ALA C 159 4.55 -60.86 -14.01
C ALA C 159 5.32 -59.79 -14.81
N ASN C 160 5.02 -59.73 -16.12
CA ASN C 160 5.60 -58.82 -17.12
C ASN C 160 5.10 -57.36 -17.02
N ALA C 161 4.04 -57.09 -16.20
CA ALA C 161 3.45 -55.75 -16.02
C ALA C 161 4.43 -54.74 -15.44
N PHE C 162 5.25 -55.16 -14.45
CA PHE C 162 6.24 -54.32 -13.77
C PHE C 162 7.65 -54.57 -14.30
N ALA C 163 8.46 -53.50 -14.40
CA ALA C 163 9.85 -53.57 -14.88
C ALA C 163 10.74 -54.39 -13.94
N TYR C 164 10.49 -54.30 -12.61
CA TYR C 164 11.19 -55.06 -11.57
C TYR C 164 10.16 -55.78 -10.74
N SER C 165 10.15 -57.12 -10.79
CA SER C 165 9.20 -57.96 -10.06
C SER C 165 9.79 -59.32 -9.71
N LYS C 166 9.14 -60.05 -8.79
CA LYS C 166 9.55 -61.38 -8.36
C LYS C 166 8.31 -62.25 -8.16
N THR C 167 8.28 -63.45 -8.78
CA THR C 167 7.17 -64.39 -8.62
C THR C 167 7.55 -65.47 -7.59
N GLN C 168 6.55 -66.00 -6.89
CA GLN C 168 6.73 -67.03 -5.88
C GLN C 168 5.51 -67.94 -5.87
N ALA C 169 5.72 -69.21 -6.25
CA ALA C 169 4.64 -70.21 -6.27
C ALA C 169 4.33 -70.71 -4.87
N VAL C 170 3.06 -70.59 -4.45
CA VAL C 170 2.55 -71.04 -3.15
C VAL C 170 1.43 -72.03 -3.50
N GLY C 171 1.81 -73.29 -3.71
CA GLY C 171 0.89 -74.34 -4.14
C GLY C 171 0.53 -74.17 -5.59
N SER C 172 -0.79 -74.09 -5.88
CA SER C 172 -1.33 -73.91 -7.23
C SER C 172 -1.42 -72.42 -7.61
N ARG C 173 -1.03 -71.55 -6.67
CA ARG C 173 -1.08 -70.09 -6.74
C ARG C 173 0.31 -69.48 -7.01
N VAL C 174 0.35 -68.33 -7.74
CA VAL C 174 1.59 -67.61 -8.06
C VAL C 174 1.53 -66.15 -7.55
N ASP C 175 2.22 -65.87 -6.43
CA ASP C 175 2.30 -64.54 -5.82
C ASP C 175 3.17 -63.58 -6.64
N LEU C 176 2.83 -62.28 -6.62
CA LEU C 176 3.59 -61.24 -7.33
C LEU C 176 4.17 -60.25 -6.33
N TYR C 177 5.50 -60.11 -6.35
CA TYR C 177 6.24 -59.21 -5.47
C TYR C 177 6.79 -58.07 -6.30
N TYR C 178 6.40 -56.83 -5.93
CA TYR C 178 6.81 -55.61 -6.61
C TYR C 178 6.89 -54.47 -5.59
N LEU C 179 7.37 -53.30 -6.05
CA LEU C 179 7.51 -52.09 -5.26
C LEU C 179 6.73 -50.94 -5.88
N SER C 180 6.18 -50.05 -5.04
CA SER C 180 5.45 -48.85 -5.47
C SER C 180 5.93 -47.64 -4.68
N ALA C 181 5.82 -46.45 -5.28
CA ALA C 181 6.27 -45.22 -4.66
C ALA C 181 5.25 -44.12 -4.79
N ILE C 182 4.95 -43.48 -3.65
CA ILE C 182 4.08 -42.32 -3.53
C ILE C 182 4.94 -41.19 -2.98
N THR C 183 4.53 -39.96 -3.21
CA THR C 183 5.31 -38.81 -2.81
C THR C 183 4.70 -38.15 -1.57
N GLN C 184 5.48 -37.35 -0.85
CA GLN C 184 5.00 -36.64 0.34
C GLN C 184 5.04 -35.14 0.14
N ARG C 185 4.20 -34.40 0.88
CA ARG C 185 4.17 -32.92 0.87
C ARG C 185 5.34 -32.42 1.74
N LYS C 186 6.54 -32.91 1.41
CA LYS C 186 7.75 -32.60 2.15
C LYS C 186 8.85 -32.38 1.17
N ARG C 187 9.53 -31.23 1.31
CA ARG C 187 10.59 -30.85 0.41
C ARG C 187 11.76 -30.17 1.16
N VAL C 188 12.97 -30.22 0.58
CA VAL C 188 14.13 -29.57 1.19
C VAL C 188 14.96 -28.82 0.13
N ILE C 189 15.33 -27.57 0.42
CA ILE C 189 16.18 -26.76 -0.45
C ILE C 189 17.59 -26.77 0.18
N VAL C 190 18.52 -27.39 -0.54
CA VAL C 190 19.91 -27.55 -0.11
C VAL C 190 20.84 -26.69 -0.99
N PRO C 191 21.85 -25.97 -0.42
CA PRO C 191 22.81 -25.25 -1.29
C PRO C 191 23.60 -26.29 -2.09
N SER C 192 23.86 -26.01 -3.38
CA SER C 192 24.57 -26.93 -4.29
C SER C 192 25.82 -27.58 -3.69
N SER C 193 26.62 -26.82 -2.92
CA SER C 193 27.86 -27.29 -2.29
C SER C 193 27.62 -28.45 -1.30
N ASN C 194 26.43 -28.49 -0.68
CA ASN C 194 26.01 -29.53 0.26
C ASN C 194 25.11 -30.58 -0.39
N ALA C 195 24.73 -30.38 -1.68
CA ALA C 195 23.84 -31.28 -2.42
C ALA C 195 24.37 -32.68 -2.55
N VAL C 196 23.49 -33.66 -2.32
CA VAL C 196 23.79 -35.08 -2.41
C VAL C 196 23.23 -35.64 -3.73
N THR C 197 23.89 -36.65 -4.32
CA THR C 197 23.42 -37.29 -5.55
C THR C 197 22.11 -38.03 -5.24
N PRO C 198 20.97 -37.67 -5.88
CA PRO C 198 19.71 -38.37 -5.56
C PRO C 198 19.64 -39.77 -6.14
N LEU C 199 18.98 -40.68 -5.41
CA LEU C 199 18.74 -42.04 -5.88
C LEU C 199 17.59 -41.94 -6.87
N ASP C 200 17.52 -42.87 -7.83
CA ASP C 200 16.43 -42.93 -8.79
C ASP C 200 15.61 -44.20 -8.56
N TRP C 201 14.42 -44.29 -9.17
CA TRP C 201 13.51 -45.43 -9.06
C TRP C 201 14.12 -46.76 -9.53
N ASP C 202 14.99 -46.75 -10.56
CA ASP C 202 15.60 -48.00 -11.02
C ASP C 202 16.55 -48.58 -9.94
N THR C 203 17.41 -47.73 -9.33
CA THR C 203 18.38 -48.08 -8.27
C THR C 203 17.66 -48.55 -7.01
N VAL C 204 16.58 -47.86 -6.61
CA VAL C 204 15.80 -48.20 -5.41
C VAL C 204 15.16 -49.59 -5.58
N GLN C 205 14.58 -49.90 -6.75
CA GLN C 205 13.97 -51.20 -7.04
C GLN C 205 15.00 -52.35 -7.10
N ARG C 206 16.16 -52.12 -7.78
CA ARG C 206 17.26 -53.09 -7.93
C ARG C 206 17.81 -53.49 -6.57
N ASN C 207 18.00 -52.50 -5.69
CA ASN C 207 18.59 -52.73 -4.37
C ASN C 207 17.62 -53.15 -3.29
N VAL C 208 16.44 -52.52 -3.20
CA VAL C 208 15.47 -52.85 -2.15
C VAL C 208 14.81 -54.23 -2.41
N LEU C 209 14.20 -54.43 -3.59
CA LEU C 209 13.53 -55.68 -3.89
C LEU C 209 14.47 -56.79 -4.39
N MET C 210 15.08 -56.57 -5.57
CA MET C 210 15.94 -57.53 -6.28
C MET C 210 17.14 -58.03 -5.48
N GLU C 211 17.84 -57.13 -4.77
CA GLU C 211 19.03 -57.50 -4.02
C GLU C 211 18.83 -57.76 -2.52
N ASN C 212 17.86 -57.10 -1.87
CA ASN C 212 17.67 -57.23 -0.41
C ASN C 212 16.38 -57.93 0.04
N TYR C 213 15.69 -58.66 -0.85
CA TYR C 213 14.50 -59.40 -0.42
C TYR C 213 14.35 -60.74 -1.11
N ASN C 214 14.14 -61.79 -0.30
CA ASN C 214 13.94 -63.15 -0.77
C ASN C 214 12.49 -63.63 -0.48
N PRO C 215 11.64 -63.73 -1.54
CA PRO C 215 10.24 -64.15 -1.33
C PRO C 215 10.05 -65.54 -0.73
N GLY C 216 10.96 -66.47 -1.08
CA GLY C 216 10.98 -67.85 -0.63
C GLY C 216 11.06 -68.04 0.88
N SER C 217 11.96 -67.30 1.52
CA SER C 217 12.18 -67.33 2.96
C SER C 217 11.48 -66.17 3.70
N ASN C 218 10.94 -65.18 2.95
CA ASN C 218 10.34 -63.93 3.47
C ASN C 218 11.37 -63.27 4.40
N SER C 219 12.57 -63.03 3.86
CA SER C 219 13.69 -62.44 4.59
C SER C 219 14.62 -61.65 3.69
N GLY C 220 15.46 -60.85 4.33
CA GLY C 220 16.43 -59.97 3.71
C GLY C 220 16.61 -58.75 4.59
N HIS C 221 16.57 -57.55 4.01
CA HIS C 221 16.68 -56.35 4.84
C HIS C 221 15.35 -56.01 5.53
N PHE C 222 14.25 -56.67 5.10
CA PHE C 222 12.90 -56.53 5.64
C PHE C 222 12.07 -57.81 5.41
N SER C 223 10.95 -57.93 6.12
CA SER C 223 10.02 -59.05 5.95
C SER C 223 8.56 -58.61 6.19
N PHE C 224 7.63 -59.24 5.46
CA PHE C 224 6.19 -58.97 5.59
C PHE C 224 5.66 -59.64 6.85
N ASP C 225 4.58 -59.08 7.43
CA ASP C 225 3.90 -59.64 8.58
C ASP C 225 2.55 -60.15 8.10
N TRP C 226 2.48 -61.45 7.77
CA TRP C 226 1.26 -62.08 7.27
C TRP C 226 0.09 -62.11 8.27
N SER C 227 0.30 -61.70 9.55
CA SER C 227 -0.76 -61.66 10.57
C SER C 227 -1.81 -60.59 10.30
N ALA C 228 -1.54 -59.68 9.32
CA ALA C 228 -2.43 -58.61 8.86
C ALA C 228 -3.75 -59.16 8.36
N TYR C 229 -3.73 -60.38 7.75
CA TYR C 229 -4.88 -61.11 7.23
C TYR C 229 -5.94 -61.39 8.32
N ASN C 230 -5.51 -61.50 9.58
CA ASN C 230 -6.43 -61.82 10.68
C ASN C 230 -6.72 -60.64 11.61
N ASP C 231 -6.09 -59.47 11.38
CA ASP C 231 -6.30 -58.27 12.18
C ASP C 231 -7.32 -57.34 11.49
N PRO C 232 -8.48 -57.04 12.11
CA PRO C 232 -9.45 -56.12 11.47
C PRO C 232 -8.93 -54.69 11.41
N HIS C 233 -8.05 -54.31 12.36
CA HIS C 233 -7.43 -53.00 12.44
C HIS C 233 -6.40 -52.80 11.31
N ARG C 234 -5.97 -53.91 10.68
CA ARG C 234 -4.98 -53.88 9.60
C ARG C 234 -5.51 -54.43 8.27
N ARG C 235 -6.84 -54.38 8.08
CA ARG C 235 -7.51 -54.78 6.85
C ARG C 235 -8.38 -53.63 6.33
N TYR C 236 -8.36 -53.38 5.01
CA TYR C 236 -9.13 -52.29 4.40
C TYR C 236 -10.08 -52.76 3.31
N SER D 1 9.15 -46.90 28.28
CA SER D 1 8.38 -47.83 29.11
C SER D 1 8.26 -47.33 30.57
N GLY D 2 9.27 -47.66 31.41
CA GLY D 2 9.34 -47.24 32.81
C GLY D 2 9.52 -45.74 32.99
N ARG D 3 9.65 -45.01 31.85
CA ARG D 3 9.80 -43.55 31.72
C ARG D 3 8.49 -42.88 32.14
N PHE D 4 7.36 -43.63 32.03
CA PHE D 4 6.03 -43.14 32.37
C PHE D 4 5.86 -42.85 33.84
N ASP D 5 6.60 -43.56 34.71
CA ASP D 5 6.58 -43.29 36.15
C ASP D 5 7.41 -42.02 36.45
N GLN D 6 8.29 -41.62 35.52
CA GLN D 6 9.11 -40.41 35.64
C GLN D 6 8.38 -39.12 35.21
N TYR D 7 7.30 -39.23 34.39
CA TYR D 7 6.50 -38.07 33.96
C TYR D 7 5.71 -37.49 35.16
N PRO D 8 5.67 -36.15 35.34
CA PRO D 8 4.93 -35.58 36.47
C PRO D 8 3.42 -35.57 36.27
N THR D 9 2.68 -35.22 37.33
CA THR D 9 1.24 -35.07 37.30
C THR D 9 0.93 -33.58 37.34
N LYS D 10 0.09 -33.12 36.38
CA LYS D 10 -0.31 -31.72 36.27
C LYS D 10 -1.82 -31.56 36.40
N LYS D 11 -2.29 -30.42 36.95
CA LYS D 11 -3.71 -30.14 37.13
C LYS D 11 -4.07 -28.80 36.48
N GLY D 12 -5.00 -28.85 35.51
CA GLY D 12 -5.49 -27.68 34.80
C GLY D 12 -4.58 -27.18 33.71
N ASP D 13 -5.14 -26.38 32.79
CA ASP D 13 -4.45 -25.80 31.64
C ASP D 13 -3.16 -25.08 32.00
N PHE D 14 -3.17 -24.17 33.01
CA PHE D 14 -1.97 -23.40 33.38
C PHE D 14 -0.73 -24.29 33.60
N ALA D 15 -0.88 -25.38 34.38
CA ALA D 15 0.15 -26.36 34.70
C ALA D 15 0.51 -27.23 33.49
N ILE D 16 -0.51 -27.76 32.78
CA ILE D 16 -0.33 -28.60 31.58
C ILE D 16 0.37 -27.82 30.46
N ASP D 17 -0.21 -26.69 30.03
CA ASP D 17 0.30 -25.83 28.95
C ASP D 17 1.68 -25.30 29.27
N GLY D 18 1.87 -24.86 30.50
CA GLY D 18 3.15 -24.34 30.97
C GLY D 18 4.26 -25.36 30.88
N TYR D 19 3.95 -26.62 31.23
CA TYR D 19 4.86 -27.74 31.17
C TYR D 19 5.19 -28.16 29.72
N LEU D 20 4.17 -28.54 28.92
CA LEU D 20 4.33 -29.00 27.54
C LEU D 20 4.75 -27.92 26.53
N LEU D 21 4.11 -26.73 26.56
CA LEU D 21 4.41 -25.65 25.60
C LEU D 21 5.66 -24.84 25.95
N ASP D 22 6.83 -25.51 26.00
CA ASP D 22 8.12 -24.89 26.26
C ASP D 22 8.98 -25.14 24.99
N TYR D 23 9.30 -24.06 24.23
CA TYR D 23 10.04 -24.15 22.97
C TYR D 23 11.56 -24.41 23.15
N SER D 24 12.13 -24.09 24.34
CA SER D 24 13.55 -24.32 24.67
C SER D 24 13.81 -25.72 25.25
N SER D 25 12.90 -26.22 26.10
CA SER D 25 12.96 -27.57 26.68
C SER D 25 11.60 -28.28 26.51
N PRO D 26 11.24 -28.75 25.28
CA PRO D 26 9.93 -29.42 25.13
C PRO D 26 9.78 -30.71 25.93
N LYS D 27 8.55 -30.97 26.44
CA LYS D 27 8.32 -32.18 27.20
C LYS D 27 7.37 -33.16 26.51
N GLN D 28 7.74 -34.45 26.50
CA GLN D 28 6.99 -35.54 25.87
C GLN D 28 5.54 -35.64 26.32
N GLY D 29 5.32 -35.67 27.63
CA GLY D 29 3.99 -35.78 28.21
C GLY D 29 3.98 -35.61 29.71
N CYS D 30 2.77 -35.69 30.30
CA CYS D 30 2.51 -35.57 31.72
C CYS D 30 1.19 -36.21 32.07
N TRP D 31 1.07 -36.75 33.29
CA TRP D 31 -0.20 -37.32 33.78
C TRP D 31 -1.10 -36.12 34.13
N VAL D 32 -2.42 -36.31 33.99
CA VAL D 32 -3.37 -35.22 34.27
C VAL D 32 -4.30 -35.60 35.42
N ASP D 33 -4.39 -34.71 36.43
CA ASP D 33 -5.30 -34.86 37.56
C ASP D 33 -6.62 -34.22 37.13
N GLY D 34 -7.64 -35.05 36.93
CA GLY D 34 -8.95 -34.58 36.50
C GLY D 34 -10.13 -35.26 37.15
N ILE D 35 -11.29 -34.57 37.10
CA ILE D 35 -12.55 -35.06 37.66
C ILE D 35 -13.12 -36.21 36.81
N THR D 36 -13.97 -37.05 37.45
CA THR D 36 -14.62 -38.17 36.77
C THR D 36 -16.06 -37.77 36.48
N VAL D 37 -16.57 -38.16 35.29
CA VAL D 37 -17.92 -37.82 34.84
C VAL D 37 -18.65 -39.09 34.35
N TYR D 38 -19.99 -39.07 34.41
CA TYR D 38 -20.81 -40.21 33.96
C TYR D 38 -21.88 -39.77 32.97
N GLY D 39 -22.01 -40.53 31.89
CA GLY D 39 -22.96 -40.29 30.82
C GLY D 39 -22.78 -41.24 29.66
N ASP D 40 -23.72 -41.20 28.70
CA ASP D 40 -23.71 -42.07 27.52
C ASP D 40 -22.54 -41.81 26.57
N ILE D 41 -22.05 -42.89 25.93
CA ILE D 41 -21.05 -42.94 24.87
C ILE D 41 -21.51 -44.08 23.96
N TYR D 42 -21.72 -43.78 22.68
CA TYR D 42 -22.16 -44.77 21.70
C TYR D 42 -20.99 -45.61 21.21
N ILE D 43 -21.03 -46.93 21.46
CA ILE D 43 -20.01 -47.88 21.00
C ILE D 43 -20.73 -49.08 20.36
N GLY D 44 -20.42 -49.34 19.09
CA GLY D 44 -20.98 -50.45 18.34
C GLY D 44 -22.40 -50.28 17.86
N LYS D 45 -23.36 -50.87 18.60
CA LYS D 45 -24.79 -50.86 18.24
C LYS D 45 -25.70 -50.09 19.22
N GLN D 46 -25.14 -49.54 20.32
CA GLN D 46 -25.93 -48.81 21.31
C GLN D 46 -25.08 -47.85 22.15
N ASN D 47 -25.76 -47.08 23.04
CA ASN D 47 -25.12 -46.19 24.00
C ASN D 47 -24.80 -47.01 25.25
N TRP D 48 -23.77 -46.60 25.98
CA TRP D 48 -23.35 -47.23 27.23
C TRP D 48 -23.06 -46.13 28.26
N GLY D 49 -23.46 -46.34 29.51
CA GLY D 49 -23.18 -45.42 30.60
C GLY D 49 -21.70 -45.50 30.91
N THR D 50 -20.94 -44.46 30.53
CA THR D 50 -19.49 -44.46 30.64
C THR D 50 -18.94 -43.48 31.67
N TYR D 51 -17.90 -43.94 32.40
CA TYR D 51 -17.15 -43.13 33.35
C TYR D 51 -15.93 -42.62 32.58
N THR D 52 -15.76 -41.30 32.51
CA THR D 52 -14.67 -40.67 31.78
C THR D 52 -13.88 -39.72 32.69
N ARG D 53 -12.55 -39.79 32.61
CA ARG D 53 -11.69 -38.87 33.34
C ARG D 53 -10.42 -38.57 32.54
N PRO D 54 -9.87 -37.32 32.56
CA PRO D 54 -8.58 -37.09 31.89
C PRO D 54 -7.51 -37.86 32.67
N VAL D 55 -6.45 -38.35 32.00
CA VAL D 55 -5.38 -39.14 32.62
C VAL D 55 -3.99 -38.72 32.15
N PHE D 56 -3.87 -38.32 30.88
CA PHE D 56 -2.56 -37.96 30.31
C PHE D 56 -2.69 -36.91 29.22
N ALA D 57 -1.62 -36.17 28.98
CA ALA D 57 -1.53 -35.14 27.94
C ALA D 57 -0.14 -35.25 27.33
N TYR D 58 -0.05 -35.31 25.98
CA TYR D 58 1.24 -35.43 25.31
C TYR D 58 1.32 -34.61 24.02
N LEU D 59 2.56 -34.33 23.56
CA LEU D 59 2.81 -33.59 22.32
C LEU D 59 2.85 -34.56 21.11
N GLN D 60 1.85 -34.43 20.23
CA GLN D 60 1.71 -35.21 19.00
C GLN D 60 2.51 -34.51 17.90
N TYR D 61 3.25 -35.28 17.09
CA TYR D 61 4.03 -34.73 16.00
C TYR D 61 3.12 -34.23 14.88
N VAL D 62 3.46 -33.07 14.29
CA VAL D 62 2.73 -32.47 13.19
C VAL D 62 3.58 -32.46 11.91
N GLU D 63 4.70 -31.70 11.90
CA GLU D 63 5.53 -31.53 10.72
C GLU D 63 6.94 -31.04 11.05
N THR D 64 7.89 -31.28 10.13
CA THR D 64 9.26 -30.78 10.17
C THR D 64 9.36 -29.70 9.06
N ILE D 65 9.80 -28.50 9.41
CA ILE D 65 9.93 -27.36 8.50
C ILE D 65 11.39 -27.02 8.29
N SER D 66 11.78 -26.80 7.02
CA SER D 66 13.15 -26.43 6.67
C SER D 66 13.23 -25.05 5.98
N ILE D 67 13.92 -24.09 6.60
CA ILE D 67 14.15 -22.73 6.08
C ILE D 67 15.67 -22.62 5.92
N PRO D 68 16.23 -22.72 4.69
CA PRO D 68 17.70 -22.72 4.55
C PRO D 68 18.41 -21.36 4.67
N GLN D 69 17.67 -20.22 4.63
CA GLN D 69 18.29 -18.89 4.66
C GLN D 69 17.72 -17.93 5.69
N ASN D 70 18.45 -16.82 5.96
CA ASN D 70 18.05 -15.75 6.89
C ASN D 70 16.96 -14.88 6.24
N VAL D 71 15.80 -15.51 5.99
CA VAL D 71 14.65 -14.95 5.32
C VAL D 71 13.44 -15.09 6.24
N THR D 72 12.68 -13.98 6.42
CA THR D 72 11.44 -13.99 7.19
C THR D 72 10.32 -14.42 6.23
N THR D 73 9.58 -15.47 6.62
CA THR D 73 8.49 -16.04 5.83
C THR D 73 7.26 -16.40 6.69
N THR D 74 6.17 -16.74 6.01
CA THR D 74 4.91 -17.17 6.61
C THR D 74 4.78 -18.69 6.43
N LEU D 75 4.47 -19.41 7.52
CA LEU D 75 4.33 -20.85 7.50
C LEU D 75 2.88 -21.26 7.53
N SER D 76 2.56 -22.25 6.70
CA SER D 76 1.24 -22.82 6.58
C SER D 76 1.38 -24.32 6.85
N TYR D 77 0.71 -24.79 7.91
CA TYR D 77 0.71 -26.18 8.35
C TYR D 77 -0.70 -26.61 8.71
N GLN D 78 -0.96 -27.92 8.76
CA GLN D 78 -2.27 -28.46 9.08
C GLN D 78 -2.33 -29.08 10.48
N LEU D 79 -3.27 -28.58 11.30
CA LEU D 79 -3.56 -29.08 12.64
C LEU D 79 -4.90 -29.81 12.55
N THR D 80 -5.35 -30.49 13.62
CA THR D 80 -6.64 -31.19 13.59
C THR D 80 -7.53 -30.80 14.78
N LYS D 81 -8.87 -31.01 14.64
CA LYS D 81 -9.92 -30.77 15.63
C LYS D 81 -10.53 -32.14 15.96
N GLY D 82 -11.12 -32.25 17.15
CA GLY D 82 -11.79 -33.47 17.59
C GLY D 82 -10.87 -34.61 17.95
N HIS D 83 -11.38 -35.86 17.83
CA HIS D 83 -10.62 -37.07 18.10
C HIS D 83 -9.38 -37.16 17.19
N THR D 84 -8.27 -37.77 17.67
CA THR D 84 -7.03 -37.82 16.88
C THR D 84 -7.13 -38.84 15.76
N ARG D 85 -6.38 -38.61 14.65
CA ARG D 85 -6.36 -39.50 13.50
C ARG D 85 -5.98 -40.91 13.94
N SER D 86 -5.04 -41.01 14.93
CA SER D 86 -4.56 -42.25 15.55
C SER D 86 -5.66 -42.99 16.31
N PHE D 87 -6.55 -42.25 17.03
CA PHE D 87 -7.66 -42.89 17.74
C PHE D 87 -8.70 -43.40 16.75
N GLU D 88 -9.12 -42.54 15.79
CA GLU D 88 -10.12 -42.85 14.77
C GLU D 88 -9.86 -44.19 14.07
N THR D 89 -8.61 -44.47 13.68
CA THR D 89 -8.26 -45.72 13.01
C THR D 89 -8.17 -46.91 13.99
N SER D 90 -7.86 -46.64 15.28
CA SER D 90 -7.70 -47.65 16.33
C SER D 90 -9.04 -48.31 16.76
N VAL D 91 -10.21 -47.75 16.34
CA VAL D 91 -11.57 -48.24 16.65
C VAL D 91 -12.23 -48.78 15.39
N ASN D 92 -12.83 -49.97 15.48
CA ASN D 92 -13.52 -50.59 14.34
C ASN D 92 -15.05 -50.47 14.46
N ALA D 93 -15.59 -50.41 15.67
CA ALA D 93 -17.02 -50.24 15.88
C ALA D 93 -17.44 -48.78 15.67
N LYS D 94 -18.76 -48.51 15.54
CA LYS D 94 -19.32 -47.16 15.42
C LYS D 94 -19.04 -46.47 16.77
N TYR D 95 -18.47 -45.27 16.74
CA TYR D 95 -18.11 -44.55 17.97
C TYR D 95 -18.59 -43.10 17.92
N SER D 96 -19.41 -42.71 18.90
CA SER D 96 -19.97 -41.35 18.97
C SER D 96 -20.13 -40.87 20.41
N VAL D 97 -19.72 -39.62 20.69
CA VAL D 97 -19.79 -38.98 22.01
C VAL D 97 -20.64 -37.70 21.91
N GLY D 98 -21.51 -37.47 22.88
CA GLY D 98 -22.32 -36.26 22.96
C GLY D 98 -21.47 -35.12 23.48
N ALA D 99 -21.56 -33.94 22.83
CA ALA D 99 -20.82 -32.71 23.17
C ALA D 99 -20.91 -32.28 24.64
N ASN D 100 -21.97 -32.69 25.36
CA ASN D 100 -22.19 -32.38 26.78
C ASN D 100 -21.15 -33.01 27.72
N ILE D 101 -20.34 -33.97 27.20
CA ILE D 101 -19.23 -34.64 27.93
C ILE D 101 -18.16 -33.63 28.39
N ASP D 102 -18.02 -32.49 27.66
CA ASP D 102 -17.04 -31.42 27.89
C ASP D 102 -17.07 -30.82 29.32
N ILE D 103 -18.04 -31.24 30.17
CA ILE D 103 -18.11 -30.87 31.60
C ILE D 103 -16.83 -31.40 32.28
N VAL D 104 -16.30 -32.54 31.76
CA VAL D 104 -15.07 -33.19 32.20
C VAL D 104 -13.91 -32.20 32.17
N ASN D 105 -13.78 -31.44 31.08
CA ASN D 105 -12.75 -30.44 30.88
C ASN D 105 -12.97 -29.23 31.77
N VAL D 106 -14.21 -28.67 31.79
CA VAL D 106 -14.56 -27.52 32.64
C VAL D 106 -14.20 -27.82 34.10
N GLY D 107 -14.61 -29.00 34.58
CA GLY D 107 -14.32 -29.49 35.93
C GLY D 107 -12.83 -29.67 36.22
N SER D 108 -12.11 -30.34 35.31
CA SER D 108 -10.67 -30.60 35.40
C SER D 108 -9.81 -29.37 35.04
N GLU D 109 -10.46 -28.19 34.83
CA GLU D 109 -9.86 -26.88 34.53
C GLU D 109 -9.09 -26.86 33.17
N ILE D 110 -9.65 -27.55 32.16
CA ILE D 110 -9.11 -27.63 30.80
C ILE D 110 -10.09 -26.98 29.81
N SER D 111 -9.54 -26.29 28.79
CA SER D 111 -10.26 -25.66 27.70
C SER D 111 -9.53 -26.07 26.43
N THR D 112 -10.19 -26.83 25.54
CA THR D 112 -9.57 -27.33 24.30
C THR D 112 -9.17 -26.21 23.33
N GLY D 113 -9.98 -25.15 23.30
CA GLY D 113 -9.77 -24.03 22.39
C GLY D 113 -10.69 -24.13 21.20
N PHE D 114 -11.49 -25.21 21.14
CA PHE D 114 -12.47 -25.48 20.11
C PHE D 114 -13.85 -25.49 20.77
N THR D 115 -14.91 -25.40 19.95
CA THR D 115 -16.28 -25.41 20.45
C THR D 115 -16.61 -26.81 20.97
N ARG D 116 -17.52 -26.92 21.94
CA ARG D 116 -17.94 -28.19 22.52
C ARG D 116 -18.16 -29.27 21.45
N SER D 117 -18.91 -28.95 20.36
CA SER D 117 -19.17 -29.91 19.26
C SER D 117 -17.93 -30.24 18.44
N GLU D 118 -17.06 -29.23 18.18
CA GLU D 118 -15.80 -29.39 17.43
C GLU D 118 -14.85 -30.36 18.16
N SER D 119 -14.71 -30.18 19.49
CA SER D 119 -13.84 -30.89 20.43
C SER D 119 -13.97 -32.40 20.49
N TRP D 120 -15.20 -32.92 20.49
CA TRP D 120 -15.46 -34.34 20.67
C TRP D 120 -16.00 -35.06 19.43
N SER D 121 -15.89 -34.48 18.24
CA SER D 121 -16.38 -35.15 17.03
C SER D 121 -15.22 -35.73 16.19
N THR D 122 -15.50 -36.11 14.93
CA THR D 122 -14.53 -36.72 14.00
C THR D 122 -13.34 -35.80 13.74
N THR D 123 -12.17 -36.42 13.43
CA THR D 123 -10.95 -35.67 13.14
C THR D 123 -11.14 -34.79 11.89
N GLN D 124 -10.87 -33.48 12.04
CA GLN D 124 -11.00 -32.49 10.98
C GLN D 124 -9.74 -31.65 10.90
N SER D 125 -9.11 -31.60 9.73
CA SER D 125 -7.92 -30.80 9.49
C SER D 125 -8.30 -29.33 9.33
N PHE D 126 -7.36 -28.42 9.66
CA PHE D 126 -7.53 -26.98 9.53
C PHE D 126 -6.17 -26.31 9.39
N THR D 127 -6.12 -25.15 8.72
CA THR D 127 -4.86 -24.43 8.50
C THR D 127 -4.55 -23.41 9.59
N ASP D 128 -3.31 -23.43 10.08
CA ASP D 128 -2.79 -22.46 11.04
C ASP D 128 -1.56 -21.85 10.42
N THR D 129 -1.23 -20.62 10.85
CA THR D 129 -0.15 -19.84 10.28
C THR D 129 0.77 -19.26 11.37
N THR D 130 2.09 -19.18 11.06
CA THR D 130 3.12 -18.61 11.95
C THR D 130 4.19 -17.90 11.13
N GLU D 131 4.60 -16.70 11.58
CA GLU D 131 5.67 -15.91 10.96
C GLU D 131 6.99 -16.46 11.49
N MET D 132 7.84 -16.96 10.59
CA MET D 132 9.11 -17.61 10.95
C MET D 132 10.28 -17.07 10.16
N LYS D 133 11.44 -16.93 10.82
CA LYS D 133 12.67 -16.50 10.15
C LYS D 133 13.75 -17.56 10.28
N GLY D 134 14.45 -17.85 9.18
CA GLY D 134 15.53 -18.83 9.17
C GLY D 134 16.90 -18.21 9.39
N PRO D 135 18.01 -18.95 9.16
CA PRO D 135 18.08 -20.37 8.74
C PRO D 135 17.84 -21.36 9.88
N GLY D 136 17.27 -22.50 9.55
CA GLY D 136 17.00 -23.54 10.54
C GLY D 136 15.95 -24.57 10.17
N THR D 137 15.91 -25.65 10.95
CA THR D 137 14.96 -26.74 10.84
C THR D 137 14.12 -26.72 12.12
N PHE D 138 12.79 -26.85 11.98
CA PHE D 138 11.85 -26.75 13.08
C PHE D 138 10.87 -27.90 13.10
N VAL D 139 10.39 -28.26 14.30
CA VAL D 139 9.43 -29.35 14.51
C VAL D 139 8.20 -28.74 15.16
N ILE D 140 7.01 -29.08 14.62
CA ILE D 140 5.72 -28.61 15.11
C ILE D 140 5.03 -29.77 15.81
N TYR D 141 4.50 -29.50 17.02
CA TYR D 141 3.77 -30.47 17.84
C TYR D 141 2.42 -29.87 18.20
N GLN D 142 1.42 -30.72 18.40
CA GLN D 142 0.10 -30.31 18.83
C GLN D 142 -0.27 -31.10 20.08
N VAL D 143 -0.85 -30.41 21.08
CA VAL D 143 -1.25 -31.04 22.35
C VAL D 143 -2.42 -32.00 22.13
N VAL D 144 -2.29 -33.22 22.68
CA VAL D 144 -3.32 -34.26 22.67
C VAL D 144 -3.74 -34.54 24.14
N LEU D 145 -5.06 -34.61 24.40
CA LEU D 145 -5.61 -34.93 25.71
C LEU D 145 -6.13 -36.35 25.66
N VAL D 146 -5.59 -37.20 26.57
CA VAL D 146 -5.97 -38.61 26.68
C VAL D 146 -7.00 -38.75 27.80
N TYR D 147 -8.01 -39.61 27.58
CA TYR D 147 -9.09 -39.89 28.53
C TYR D 147 -9.18 -41.38 28.73
N ALA D 148 -9.47 -41.79 29.98
CA ALA D 148 -9.66 -43.19 30.34
C ALA D 148 -11.15 -43.37 30.47
N HIS D 149 -11.67 -44.45 29.89
CA HIS D 149 -13.10 -44.71 29.90
C HIS D 149 -13.46 -46.06 30.44
N ASN D 150 -14.61 -46.14 31.14
CA ASN D 150 -15.21 -47.37 31.61
C ASN D 150 -16.63 -47.42 31.01
N ALA D 151 -16.73 -48.02 29.81
CA ALA D 151 -17.99 -48.17 29.10
C ALA D 151 -18.64 -49.41 29.69
N THR D 152 -19.51 -49.17 30.68
CA THR D 152 -20.23 -50.19 31.43
C THR D 152 -21.09 -51.10 30.55
N SER D 153 -20.91 -52.44 30.70
CA SER D 153 -21.61 -53.53 29.99
C SER D 153 -21.18 -53.71 28.51
N ALA D 154 -20.29 -52.85 28.01
CA ALA D 154 -19.83 -52.87 26.62
C ALA D 154 -18.82 -53.98 26.27
N GLY D 155 -18.14 -54.52 27.29
CA GLY D 155 -17.10 -55.55 27.15
C GLY D 155 -17.46 -56.82 26.41
N ARG D 156 -18.73 -57.25 26.50
CA ARG D 156 -19.18 -58.48 25.83
C ARG D 156 -19.31 -58.26 24.30
N GLN D 157 -19.87 -57.11 23.90
CA GLN D 157 -20.11 -56.74 22.51
C GLN D 157 -18.89 -56.11 21.81
N ASN D 158 -18.18 -55.18 22.50
CA ASN D 158 -17.11 -54.40 21.89
C ASN D 158 -15.69 -54.59 22.49
N ALA D 159 -15.32 -55.81 22.92
CA ALA D 159 -13.98 -56.07 23.47
C ALA D 159 -12.92 -55.93 22.37
N ASN D 160 -13.20 -56.57 21.22
CA ASN D 160 -12.37 -56.61 20.01
C ASN D 160 -12.39 -55.30 19.17
N ALA D 161 -13.31 -54.36 19.50
CA ALA D 161 -13.48 -53.08 18.80
C ALA D 161 -12.22 -52.18 18.85
N PHE D 162 -11.58 -52.12 20.03
CA PHE D 162 -10.38 -51.33 20.28
C PHE D 162 -9.11 -52.18 20.24
N ALA D 163 -8.01 -51.62 19.70
CA ALA D 163 -6.71 -52.30 19.60
C ALA D 163 -6.11 -52.61 20.98
N TYR D 164 -6.31 -51.70 21.96
CA TYR D 164 -5.87 -51.84 23.35
C TYR D 164 -7.08 -51.63 24.24
N SER D 165 -7.50 -52.69 24.94
CA SER D 165 -8.66 -52.67 25.84
C SER D 165 -8.52 -53.66 26.99
N LYS D 166 -9.34 -53.49 28.03
CA LYS D 166 -9.37 -54.36 29.21
C LYS D 166 -10.80 -54.61 29.64
N THR D 167 -11.19 -55.89 29.80
CA THR D 167 -12.53 -56.25 30.28
C THR D 167 -12.50 -56.57 31.76
N GLN D 168 -13.61 -56.29 32.46
CA GLN D 168 -13.76 -56.54 33.89
C GLN D 168 -15.19 -56.95 34.19
N ALA D 169 -15.38 -58.21 34.62
CA ALA D 169 -16.71 -58.72 34.96
C ALA D 169 -17.16 -58.20 36.33
N VAL D 170 -18.34 -57.56 36.36
CA VAL D 170 -18.98 -57.03 37.56
C VAL D 170 -20.35 -57.72 37.61
N GLY D 171 -20.38 -58.91 38.21
CA GLY D 171 -21.57 -59.75 38.27
C GLY D 171 -21.85 -60.37 36.93
N SER D 172 -23.08 -60.19 36.41
CA SER D 172 -23.52 -60.70 35.11
C SER D 172 -23.13 -59.76 33.96
N ARG D 173 -22.52 -58.62 34.31
CA ARG D 173 -22.12 -57.51 33.45
C ARG D 173 -20.62 -57.53 33.16
N VAL D 174 -20.22 -57.10 31.94
CA VAL D 174 -18.82 -57.03 31.51
C VAL D 174 -18.44 -55.57 31.10
N ASP D 175 -17.70 -54.88 31.99
CA ASP D 175 -17.23 -53.51 31.76
C ASP D 175 -16.10 -53.47 30.72
N LEU D 176 -16.03 -52.38 29.93
CA LEU D 176 -15.00 -52.18 28.92
C LEU D 176 -14.14 -50.99 29.27
N TYR D 177 -12.83 -51.21 29.40
CA TYR D 177 -11.85 -50.18 29.74
C TYR D 177 -10.99 -49.92 28.53
N TYR D 178 -10.99 -48.67 28.06
CA TYR D 178 -10.23 -48.22 26.90
C TYR D 178 -9.82 -46.78 27.09
N LEU D 179 -9.02 -46.27 26.15
CA LEU D 179 -8.50 -44.91 26.12
C LEU D 179 -8.91 -44.20 24.84
N SER D 180 -9.19 -42.88 24.92
CA SER D 180 -9.53 -42.03 23.78
C SER D 180 -8.71 -40.75 23.81
N ALA D 181 -8.43 -40.18 22.64
CA ALA D 181 -7.65 -38.97 22.52
C ALA D 181 -8.33 -37.90 21.68
N ILE D 182 -8.28 -36.65 22.16
CA ILE D 182 -8.80 -35.47 21.45
C ILE D 182 -7.66 -34.45 21.35
N THR D 183 -7.80 -33.50 20.45
CA THR D 183 -6.80 -32.47 20.19
C THR D 183 -7.15 -31.15 20.87
N GLN D 184 -6.15 -30.31 21.07
CA GLN D 184 -6.31 -28.95 21.60
C GLN D 184 -5.78 -27.91 20.60
N ARG D 185 -6.40 -26.71 20.59
CA ARG D 185 -5.98 -25.58 19.74
C ARG D 185 -4.74 -24.97 20.40
N LYS D 186 -3.72 -25.81 20.63
CA LYS D 186 -2.45 -25.51 21.28
C LYS D 186 -1.37 -26.24 20.51
N ARG D 187 -0.38 -25.49 20.04
CA ARG D 187 0.72 -26.04 19.26
C ARG D 187 2.04 -25.39 19.68
N VAL D 188 3.15 -26.13 19.59
CA VAL D 188 4.47 -25.59 19.91
C VAL D 188 5.45 -25.85 18.74
N ILE D 189 6.19 -24.80 18.34
CA ILE D 189 7.17 -24.87 17.26
C ILE D 189 8.55 -24.76 17.91
N VAL D 190 9.31 -25.86 17.85
CA VAL D 190 10.61 -26.05 18.50
C VAL D 190 11.74 -26.16 17.45
N PRO D 191 12.93 -25.51 17.65
CA PRO D 191 14.06 -25.72 16.72
C PRO D 191 14.49 -27.20 16.81
N SER D 192 14.77 -27.86 15.68
CA SER D 192 15.09 -29.29 15.60
C SER D 192 16.21 -29.75 16.57
N SER D 193 17.17 -28.87 16.92
CA SER D 193 18.25 -29.15 17.86
C SER D 193 17.73 -29.38 19.28
N ASN D 194 16.59 -28.73 19.64
CA ASN D 194 15.91 -28.84 20.93
C ASN D 194 14.73 -29.82 20.88
N ALA D 195 14.38 -30.33 19.70
CA ALA D 195 13.25 -31.25 19.49
C ALA D 195 13.36 -32.53 20.31
N VAL D 196 12.25 -32.92 20.91
CA VAL D 196 12.11 -34.12 21.72
C VAL D 196 11.40 -35.21 20.89
N THR D 197 11.74 -36.49 21.12
CA THR D 197 11.11 -37.60 20.39
C THR D 197 9.64 -37.68 20.83
N PRO D 198 8.66 -37.49 19.91
CA PRO D 198 7.25 -37.54 20.35
C PRO D 198 6.77 -38.93 20.66
N LEU D 199 5.84 -39.04 21.62
CA LEU D 199 5.22 -40.30 21.98
C LEU D 199 4.14 -40.54 20.92
N ASP D 200 3.81 -41.79 20.66
CA ASP D 200 2.74 -42.16 19.72
C ASP D 200 1.61 -42.86 20.48
N TRP D 201 0.44 -43.03 19.84
CA TRP D 201 -0.76 -43.62 20.46
C TRP D 201 -0.59 -45.05 20.96
N ASP D 202 0.23 -45.88 20.29
CA ASP D 202 0.43 -47.25 20.75
C ASP D 202 1.23 -47.27 22.05
N THR D 203 2.30 -46.44 22.14
CA THR D 203 3.12 -46.32 23.36
C THR D 203 2.24 -45.85 24.52
N VAL D 204 1.50 -44.73 24.30
CA VAL D 204 0.62 -44.10 25.30
C VAL D 204 -0.40 -45.11 25.83
N GLN D 205 -1.03 -45.88 24.94
CA GLN D 205 -2.00 -46.90 25.34
C GLN D 205 -1.36 -48.05 26.13
N ARG D 206 -0.23 -48.60 25.64
CA ARG D 206 0.52 -49.70 26.28
C ARG D 206 0.93 -49.33 27.70
N ASN D 207 1.42 -48.10 27.88
CA ASN D 207 1.90 -47.63 29.18
C ASN D 207 0.84 -47.09 30.12
N VAL D 208 -0.09 -46.26 29.62
CA VAL D 208 -1.12 -45.65 30.49
C VAL D 208 -2.16 -46.70 30.92
N LEU D 209 -2.79 -47.39 29.96
CA LEU D 209 -3.83 -48.37 30.31
C LEU D 209 -3.27 -49.74 30.69
N MET D 210 -2.62 -50.43 29.73
CA MET D 210 -2.10 -51.78 29.86
C MET D 210 -1.10 -51.99 31.00
N GLU D 211 -0.16 -51.06 31.20
CA GLU D 211 0.86 -51.20 32.24
C GLU D 211 0.59 -50.46 33.55
N ASN D 212 -0.12 -49.32 33.52
CA ASN D 212 -0.34 -48.52 34.73
C ASN D 212 -1.79 -48.46 35.25
N TYR D 213 -2.67 -49.38 34.83
CA TYR D 213 -4.03 -49.39 35.37
C TYR D 213 -4.59 -50.80 35.55
N ASN D 214 -5.10 -51.08 36.76
CA ASN D 214 -5.71 -52.35 37.12
C ASN D 214 -7.22 -52.21 37.36
N PRO D 215 -8.06 -52.70 36.42
CA PRO D 215 -9.52 -52.55 36.57
C PRO D 215 -10.13 -53.22 37.81
N GLY D 216 -9.56 -54.35 38.21
CA GLY D 216 -9.98 -55.15 39.36
C GLY D 216 -9.93 -54.43 40.70
N SER D 217 -8.85 -53.72 40.95
CA SER D 217 -8.62 -52.95 42.17
C SER D 217 -8.93 -51.45 41.99
N ASN D 218 -9.15 -50.99 40.72
CA ASN D 218 -9.34 -49.58 40.35
C ASN D 218 -8.16 -48.77 40.91
N SER D 219 -6.95 -49.20 40.54
CA SER D 219 -5.71 -48.60 41.00
C SER D 219 -4.58 -48.74 39.98
N GLY D 220 -3.53 -47.96 40.20
CA GLY D 220 -2.35 -47.89 39.37
C GLY D 220 -1.81 -46.48 39.44
N HIS D 221 -1.47 -45.89 38.28
CA HIS D 221 -1.01 -44.49 38.30
C HIS D 221 -2.17 -43.50 38.42
N PHE D 222 -3.42 -44.00 38.26
CA PHE D 222 -4.66 -43.24 38.37
C PHE D 222 -5.83 -44.16 38.76
N SER D 223 -6.93 -43.56 39.21
CA SER D 223 -8.15 -44.27 39.55
C SER D 223 -9.41 -43.44 39.23
N PHE D 224 -10.50 -44.11 38.83
CA PHE D 224 -11.77 -43.47 38.54
C PHE D 224 -12.48 -43.12 39.83
N ASP D 225 -13.32 -42.09 39.81
CA ASP D 225 -14.12 -41.65 40.96
C ASP D 225 -15.57 -41.99 40.62
N TRP D 226 -16.03 -43.17 41.08
CA TRP D 226 -17.39 -43.65 40.82
C TRP D 226 -18.50 -42.79 41.46
N SER D 227 -18.15 -41.78 42.31
CA SER D 227 -19.14 -40.89 42.93
C SER D 227 -19.81 -39.95 41.93
N ALA D 228 -19.30 -39.90 40.67
CA ALA D 228 -19.83 -39.12 39.54
C ALA D 228 -21.28 -39.52 39.23
N TYR D 229 -21.62 -40.81 39.43
CA TYR D 229 -22.95 -41.40 39.24
C TYR D 229 -24.02 -40.70 40.09
N ASN D 230 -23.63 -40.14 41.25
CA ASN D 230 -24.58 -39.50 42.18
C ASN D 230 -24.47 -37.97 42.22
N ASP D 231 -23.53 -37.38 41.45
CA ASP D 231 -23.38 -35.93 41.38
C ASP D 231 -24.08 -35.39 40.12
N PRO D 232 -25.09 -34.48 40.26
CA PRO D 232 -25.75 -33.93 39.07
C PRO D 232 -24.85 -32.99 38.28
N HIS D 233 -23.87 -32.36 38.98
CA HIS D 233 -22.88 -31.47 38.39
C HIS D 233 -21.86 -32.25 37.55
N ARG D 234 -21.78 -33.58 37.74
CA ARG D 234 -20.84 -34.44 37.02
C ARG D 234 -21.53 -35.52 36.18
N ARG D 235 -22.78 -35.25 35.77
CA ARG D 235 -23.56 -36.13 34.90
C ARG D 235 -24.05 -35.34 33.68
N TYR D 236 -23.98 -35.95 32.48
CA TYR D 236 -24.41 -35.28 31.24
C TYR D 236 -25.48 -36.07 30.48
N SER E 1 -5.22 -21.63 50.87
CA SER E 1 -6.23 -21.68 51.92
C SER E 1 -6.16 -20.42 52.82
N GLY E 2 -5.31 -20.43 53.85
CA GLY E 2 -5.10 -19.32 54.77
C GLY E 2 -4.47 -18.11 54.11
N ARG E 3 -4.13 -18.25 52.81
CA ARG E 3 -3.54 -17.24 51.91
C ARG E 3 -4.56 -16.14 51.65
N PHE E 4 -5.86 -16.47 51.79
CA PHE E 4 -6.98 -15.56 51.57
C PHE E 4 -7.03 -14.43 52.59
N ASP E 5 -6.53 -14.66 53.81
CA ASP E 5 -6.43 -13.61 54.81
C ASP E 5 -5.25 -12.67 54.50
N GLN E 6 -4.29 -13.14 53.65
CA GLN E 6 -3.13 -12.37 53.20
C GLN E 6 -3.43 -11.43 52.01
N TYR E 7 -4.53 -11.70 51.26
CA TYR E 7 -4.95 -10.85 50.12
C TYR E 7 -5.50 -9.51 50.66
N PRO E 8 -5.12 -8.37 50.05
CA PRO E 8 -5.64 -7.07 50.53
C PRO E 8 -7.09 -6.79 50.12
N THR E 9 -7.68 -5.72 50.67
CA THR E 9 -9.02 -5.26 50.32
C THR E 9 -8.84 -4.01 49.47
N LYS E 10 -9.51 -4.00 48.29
CA LYS E 10 -9.48 -2.88 47.35
C LYS E 10 -10.88 -2.31 47.10
N LYS E 11 -10.95 -0.99 46.86
CA LYS E 11 -12.21 -0.28 46.59
C LYS E 11 -12.11 0.49 45.27
N GLY E 12 -12.99 0.14 44.33
CA GLY E 12 -13.07 0.79 43.03
C GLY E 12 -12.09 0.24 42.01
N ASP E 13 -12.40 0.48 40.73
CA ASP E 13 -11.64 0.04 39.59
C ASP E 13 -10.17 0.46 39.65
N PHE E 14 -9.87 1.73 40.01
CA PHE E 14 -8.48 2.23 40.08
C PHE E 14 -7.58 1.33 40.95
N ALA E 15 -8.08 1.00 42.17
CA ALA E 15 -7.41 0.16 43.15
C ALA E 15 -7.37 -1.30 42.72
N ILE E 16 -8.52 -1.88 42.27
CA ILE E 16 -8.60 -3.26 41.82
C ILE E 16 -7.72 -3.51 40.57
N ASP E 17 -7.95 -2.75 39.49
CA ASP E 17 -7.21 -2.86 38.23
C ASP E 17 -5.72 -2.60 38.39
N GLY E 18 -5.37 -1.56 39.17
CA GLY E 18 -3.99 -1.20 39.45
C GLY E 18 -3.24 -2.30 40.18
N TYR E 19 -3.94 -3.01 41.09
CA TYR E 19 -3.40 -4.14 41.84
C TYR E 19 -3.21 -5.39 40.97
N LEU E 20 -4.30 -5.88 40.35
CA LEU E 20 -4.29 -7.10 39.53
C LEU E 20 -3.56 -6.99 38.19
N LEU E 21 -3.84 -5.95 37.38
CA LEU E 21 -3.21 -5.79 36.06
C LEU E 21 -1.79 -5.24 36.18
N ASP E 22 -0.86 -6.15 36.50
CA ASP E 22 0.56 -5.86 36.66
C ASP E 22 1.31 -6.94 35.86
N TYR E 23 1.91 -6.56 34.73
CA TYR E 23 2.62 -7.53 33.88
C TYR E 23 3.92 -8.01 34.53
N SER E 24 4.53 -7.18 35.40
CA SER E 24 5.77 -7.49 36.13
C SER E 24 5.47 -8.50 37.25
N SER E 25 4.58 -8.15 38.19
CA SER E 25 4.23 -9.02 39.31
C SER E 25 2.70 -9.16 39.37
N PRO E 26 2.09 -10.06 38.55
CA PRO E 26 0.63 -10.20 38.58
C PRO E 26 0.14 -10.79 39.90
N LYS E 27 -1.00 -10.29 40.40
CA LYS E 27 -1.52 -10.75 41.67
C LYS E 27 -2.73 -11.67 41.51
N GLN E 28 -2.77 -12.74 42.31
CA GLN E 28 -3.83 -13.75 42.26
C GLN E 28 -5.22 -13.19 42.43
N GLY E 29 -5.42 -12.39 43.47
CA GLY E 29 -6.72 -11.81 43.78
C GLY E 29 -6.67 -10.78 44.90
N CYS E 30 -7.84 -10.21 45.22
CA CYS E 30 -8.02 -9.21 46.27
C CYS E 30 -9.47 -9.15 46.68
N TRP E 31 -9.73 -8.83 47.96
CA TRP E 31 -11.10 -8.66 48.44
C TRP E 31 -11.60 -7.32 47.94
N VAL E 32 -12.91 -7.20 47.70
CA VAL E 32 -13.50 -5.97 47.15
C VAL E 32 -14.47 -5.36 48.15
N ASP E 33 -14.27 -4.06 48.46
CA ASP E 33 -15.18 -3.30 49.30
C ASP E 33 -16.26 -2.70 48.38
N GLY E 34 -17.49 -3.17 48.53
CA GLY E 34 -18.60 -2.71 47.70
C GLY E 34 -19.94 -2.57 48.38
N ILE E 35 -20.85 -1.84 47.72
CA ILE E 35 -22.21 -1.57 48.22
C ILE E 35 -23.12 -2.81 48.10
N THR E 36 -24.19 -2.86 48.90
CA THR E 36 -25.15 -3.96 48.86
C THR E 36 -26.44 -3.45 48.24
N VAL E 37 -26.99 -4.23 47.30
CA VAL E 37 -28.22 -3.89 46.59
C VAL E 37 -29.27 -4.98 46.82
N TYR E 38 -30.56 -4.62 46.70
CA TYR E 38 -31.68 -5.57 46.84
C TYR E 38 -32.56 -5.53 45.59
N GLY E 39 -32.91 -6.71 45.06
CA GLY E 39 -33.76 -6.90 43.90
C GLY E 39 -33.89 -8.36 43.51
N ASP E 40 -34.78 -8.66 42.53
CA ASP E 40 -35.03 -10.02 42.07
C ASP E 40 -33.86 -10.68 41.35
N ILE E 41 -33.72 -12.00 41.52
CA ILE E 41 -32.79 -12.92 40.86
C ILE E 41 -33.59 -14.21 40.66
N TYR E 42 -33.70 -14.68 39.42
CA TYR E 42 -34.43 -15.90 39.11
C TYR E 42 -33.57 -17.14 39.38
N ILE E 43 -34.02 -18.00 40.32
CA ILE E 43 -33.35 -19.27 40.65
C ILE E 43 -34.39 -20.38 40.69
N GLY E 44 -34.19 -21.39 39.85
CA GLY E 44 -35.06 -22.56 39.77
C GLY E 44 -36.37 -22.35 39.04
N LYS E 45 -37.46 -22.13 39.80
CA LYS E 45 -38.82 -21.97 39.26
C LYS E 45 -39.44 -20.57 39.49
N GLN E 46 -38.73 -19.65 40.17
CA GLN E 46 -39.25 -18.31 40.42
C GLN E 46 -38.14 -17.29 40.70
N ASN E 47 -38.54 -16.01 40.88
CA ASN E 47 -37.66 -14.92 41.27
C ASN E 47 -37.59 -14.89 42.79
N TRP E 48 -36.47 -14.42 43.34
CA TRP E 48 -36.26 -14.27 44.78
C TRP E 48 -35.64 -12.90 45.04
N GLY E 49 -36.08 -12.23 46.10
CA GLY E 49 -35.53 -10.94 46.52
C GLY E 49 -34.15 -11.21 47.08
N THR E 50 -33.11 -10.82 46.32
CA THR E 50 -31.73 -11.11 46.66
C THR E 50 -30.90 -9.88 47.05
N TYR E 51 -30.05 -10.06 48.07
CA TYR E 51 -29.08 -9.06 48.51
C TYR E 51 -27.76 -9.44 47.82
N THR E 52 -27.20 -8.51 47.06
CA THR E 52 -25.97 -8.73 46.29
C THR E 52 -24.96 -7.67 46.60
N ARG E 53 -23.70 -8.09 46.79
CA ARG E 53 -22.57 -7.18 47.01
C ARG E 53 -21.30 -7.75 46.38
N PRO E 54 -20.36 -6.90 45.88
CA PRO E 54 -19.09 -7.45 45.37
C PRO E 54 -18.24 -7.89 46.57
N VAL E 55 -17.49 -9.00 46.47
CA VAL E 55 -16.68 -9.46 47.62
C VAL E 55 -15.20 -9.72 47.26
N PHE E 56 -14.94 -10.23 46.05
CA PHE E 56 -13.61 -10.62 45.63
C PHE E 56 -13.42 -10.41 44.13
N ALA E 57 -12.16 -10.24 43.70
CA ALA E 57 -11.79 -10.09 42.30
C ALA E 57 -10.50 -10.87 42.09
N TYR E 58 -10.45 -11.70 41.04
CA TYR E 58 -9.26 -12.52 40.76
C TYR E 58 -8.94 -12.65 39.27
N LEU E 59 -7.69 -13.04 38.95
CA LEU E 59 -7.23 -13.26 37.58
C LEU E 59 -7.50 -14.70 37.15
N GLN E 60 -8.41 -14.85 36.17
CA GLN E 60 -8.79 -16.14 35.57
C GLN E 60 -7.83 -16.43 34.42
N TYR E 61 -7.39 -17.67 34.31
CA TYR E 61 -6.48 -18.08 33.24
C TYR E 61 -7.21 -18.09 31.89
N VAL E 62 -6.52 -17.61 30.83
CA VAL E 62 -7.04 -17.58 29.47
C VAL E 62 -6.23 -18.54 28.57
N GLU E 63 -4.94 -18.24 28.34
CA GLU E 63 -4.09 -19.00 27.41
C GLU E 63 -2.59 -18.80 27.65
N THR E 64 -1.78 -19.79 27.19
CA THR E 64 -0.31 -19.74 27.18
C THR E 64 0.09 -19.58 25.70
N ILE E 65 0.89 -18.55 25.41
CA ILE E 65 1.34 -18.21 24.06
C ILE E 65 2.85 -18.45 23.92
N SER E 66 3.25 -19.11 22.83
CA SER E 66 4.64 -19.40 22.56
C SER E 66 5.12 -18.76 21.26
N ILE E 67 6.11 -17.84 21.36
CA ILE E 67 6.75 -17.18 20.22
C ILE E 67 8.23 -17.60 20.28
N PRO E 68 8.69 -18.55 19.42
CA PRO E 68 10.09 -19.01 19.54
C PRO E 68 11.19 -18.09 18.95
N GLN E 69 10.82 -17.06 18.17
CA GLN E 69 11.82 -16.18 17.54
C GLN E 69 11.60 -14.69 17.76
N ASN E 70 12.63 -13.87 17.46
CA ASN E 70 12.60 -12.41 17.54
C ASN E 70 11.81 -11.85 16.35
N VAL E 71 10.51 -12.14 16.35
CA VAL E 71 9.55 -11.80 15.32
C VAL E 71 8.39 -11.02 15.95
N THR E 72 8.03 -9.87 15.36
CA THR E 72 6.86 -9.10 15.80
C THR E 72 5.63 -9.69 15.11
N THR E 73 4.62 -10.09 15.89
CA THR E 73 3.39 -10.75 15.42
C THR E 73 2.15 -10.15 16.08
N THR E 74 0.97 -10.42 15.50
CA THR E 74 -0.32 -9.96 16.02
C THR E 74 -1.07 -11.17 16.57
N LEU E 75 -1.31 -11.17 17.90
CA LEU E 75 -1.97 -12.26 18.63
C LEU E 75 -3.45 -12.24 18.57
N SER E 76 -4.05 -13.43 18.56
CA SER E 76 -5.49 -13.63 18.55
C SER E 76 -5.83 -14.67 19.62
N TYR E 77 -6.63 -14.25 20.62
CA TYR E 77 -7.05 -15.08 21.75
C TYR E 77 -8.52 -14.82 22.05
N GLN E 78 -9.17 -15.74 22.78
CA GLN E 78 -10.58 -15.65 23.10
C GLN E 78 -10.83 -15.26 24.56
N LEU E 79 -11.59 -14.17 24.78
CA LEU E 79 -12.02 -13.72 26.11
C LEU E 79 -13.49 -14.02 26.18
N THR E 80 -14.14 -13.84 27.34
CA THR E 80 -15.59 -14.09 27.49
C THR E 80 -16.31 -12.87 28.10
N LYS E 81 -17.65 -12.78 27.89
CA LYS E 81 -18.57 -11.75 28.38
C LYS E 81 -19.55 -12.46 29.32
N GLY E 82 -20.12 -11.71 30.27
CA GLY E 82 -21.12 -12.21 31.21
C GLY E 82 -20.60 -13.08 32.31
N HIS E 83 -21.45 -14.04 32.78
CA HIS E 83 -21.10 -15.00 33.81
C HIS E 83 -19.96 -15.89 33.31
N THR E 84 -19.11 -16.38 34.23
CA THR E 84 -17.98 -17.21 33.84
C THR E 84 -18.42 -18.59 33.36
N ARG E 85 -17.57 -19.26 32.56
CA ARG E 85 -17.86 -20.61 32.10
C ARG E 85 -17.95 -21.53 33.31
N SER E 86 -17.08 -21.28 34.33
CA SER E 86 -17.05 -22.01 35.60
C SER E 86 -18.37 -21.83 36.38
N PHE E 87 -18.84 -20.58 36.55
CA PHE E 87 -20.09 -20.33 37.27
C PHE E 87 -21.27 -21.02 36.58
N GLU E 88 -21.38 -20.90 35.23
CA GLU E 88 -22.44 -21.48 34.42
C GLU E 88 -22.63 -22.98 34.65
N THR E 89 -21.53 -23.75 34.71
CA THR E 89 -21.57 -25.19 34.93
C THR E 89 -21.84 -25.53 36.40
N SER E 90 -21.45 -24.64 37.34
CA SER E 90 -21.62 -24.84 38.79
C SER E 90 -23.08 -24.77 39.29
N VAL E 91 -24.03 -24.32 38.43
CA VAL E 91 -25.47 -24.19 38.74
C VAL E 91 -26.26 -25.19 37.90
N ASN E 92 -27.22 -25.90 38.53
CA ASN E 92 -28.06 -26.87 37.85
C ASN E 92 -29.49 -26.35 37.62
N ALA E 93 -29.96 -25.45 38.48
CA ALA E 93 -31.28 -24.83 38.31
C ALA E 93 -31.22 -23.72 37.24
N LYS E 94 -32.39 -23.24 36.79
CA LYS E 94 -32.51 -22.12 35.84
C LYS E 94 -32.04 -20.88 36.59
N TYR E 95 -31.13 -20.11 35.99
CA TYR E 95 -30.55 -18.94 36.65
C TYR E 95 -30.56 -17.73 35.72
N SER E 96 -31.23 -16.64 36.15
CA SER E 96 -31.34 -15.41 35.37
C SER E 96 -31.31 -14.17 36.24
N VAL E 97 -30.53 -13.15 35.83
CA VAL E 97 -30.39 -11.86 36.52
C VAL E 97 -30.81 -10.73 35.58
N GLY E 98 -31.58 -9.77 36.09
CA GLY E 98 -31.98 -8.59 35.36
C GLY E 98 -30.83 -7.61 35.29
N ALA E 99 -30.56 -7.06 34.08
CA ALA E 99 -29.49 -6.11 33.79
C ALA E 99 -29.40 -4.90 34.75
N ASN E 100 -30.53 -4.50 35.38
CA ASN E 100 -30.59 -3.37 36.31
C ASN E 100 -29.81 -3.58 37.61
N ILE E 101 -29.34 -4.83 37.87
CA ILE E 101 -28.51 -5.20 39.02
C ILE E 101 -27.17 -4.41 39.00
N ASP E 102 -26.70 -3.98 37.79
CA ASP E 102 -25.46 -3.25 37.56
C ASP E 102 -25.26 -2.02 38.46
N ILE E 103 -26.33 -1.49 39.09
CA ILE E 103 -26.23 -0.39 40.05
C ILE E 103 -25.19 -0.75 41.12
N VAL E 104 -25.09 -2.07 41.44
CA VAL E 104 -24.11 -2.64 42.37
C VAL E 104 -22.68 -2.25 41.98
N ASN E 105 -22.35 -2.29 40.67
CA ASN E 105 -21.02 -1.92 40.17
C ASN E 105 -20.82 -0.41 40.17
N VAL E 106 -21.78 0.35 39.61
CA VAL E 106 -21.76 1.82 39.58
C VAL E 106 -21.52 2.36 41.02
N GLY E 107 -22.30 1.84 41.97
CA GLY E 107 -22.24 2.21 43.38
C GLY E 107 -20.94 1.83 44.08
N SER E 108 -20.30 0.74 43.61
CA SER E 108 -19.03 0.21 44.12
C SER E 108 -17.82 0.73 43.34
N GLU E 109 -18.04 1.71 42.42
CA GLU E 109 -17.06 2.34 41.53
C GLU E 109 -16.37 1.34 40.60
N ILE E 110 -17.14 0.38 40.06
CA ILE E 110 -16.67 -0.66 39.15
C ILE E 110 -17.40 -0.49 37.80
N SER E 111 -16.68 -0.75 36.70
CA SER E 111 -17.19 -0.71 35.33
C SER E 111 -16.63 -1.95 34.65
N THR E 112 -17.50 -2.88 34.23
CA THR E 112 -17.10 -4.13 33.59
C THR E 112 -16.38 -3.93 32.24
N GLY E 113 -16.81 -2.91 31.48
CA GLY E 113 -16.28 -2.63 30.16
C GLY E 113 -17.18 -3.19 29.08
N PHE E 114 -18.29 -3.85 29.51
CA PHE E 114 -19.33 -4.43 28.66
C PHE E 114 -20.64 -3.69 28.95
N THR E 115 -21.64 -3.86 28.09
CA THR E 115 -22.95 -3.23 28.25
C THR E 115 -23.69 -3.90 29.40
N ARG E 116 -24.61 -3.17 30.05
CA ARG E 116 -25.45 -3.63 31.15
C ARG E 116 -26.02 -5.05 30.92
N SER E 117 -26.58 -5.30 29.72
CA SER E 117 -27.14 -6.60 29.35
C SER E 117 -26.08 -7.67 29.10
N GLU E 118 -24.95 -7.30 28.44
CA GLU E 118 -23.84 -8.20 28.15
C GLU E 118 -23.20 -8.73 29.45
N SER E 119 -22.96 -7.81 30.42
CA SER E 119 -22.31 -8.02 31.71
C SER E 119 -22.88 -9.13 32.60
N TRP E 120 -24.20 -9.24 32.67
CA TRP E 120 -24.86 -10.17 33.57
C TRP E 120 -25.61 -11.33 32.89
N SER E 121 -25.34 -11.60 31.61
CA SER E 121 -26.02 -12.71 30.93
C SER E 121 -25.10 -13.92 30.74
N THR E 122 -25.49 -14.89 29.90
CA THR E 122 -24.75 -16.13 29.62
C THR E 122 -23.36 -15.89 29.10
N THR E 123 -22.44 -16.84 29.36
CA THR E 123 -21.05 -16.73 28.91
C THR E 123 -20.98 -16.73 27.38
N GLN E 124 -20.33 -15.68 26.82
CA GLN E 124 -20.16 -15.51 25.36
C GLN E 124 -18.71 -15.21 25.03
N SER E 125 -18.11 -16.03 24.16
CA SER E 125 -16.72 -15.84 23.73
C SER E 125 -16.63 -14.70 22.71
N PHE E 126 -15.46 -14.05 22.64
CA PHE E 126 -15.16 -12.96 21.71
C PHE E 126 -13.66 -12.87 21.46
N THR E 127 -13.25 -12.38 20.30
CA THR E 127 -11.83 -12.27 19.94
C THR E 127 -11.22 -10.91 20.30
N ASP E 128 -10.04 -10.94 20.91
CA ASP E 128 -9.24 -9.75 21.24
C ASP E 128 -7.87 -9.94 20.61
N THR E 129 -7.17 -8.83 20.34
CA THR E 129 -5.90 -8.84 19.64
C THR E 129 -4.84 -7.99 20.36
N THR E 130 -3.57 -8.44 20.30
CA THR E 130 -2.40 -7.76 20.89
C THR E 130 -1.16 -7.95 20.01
N GLU E 131 -0.38 -6.86 19.81
CA GLU E 131 0.86 -6.89 19.04
C GLU E 131 1.96 -7.37 19.99
N MET E 132 2.61 -8.50 19.66
CA MET E 132 3.63 -9.11 20.51
C MET E 132 4.91 -9.46 19.77
N LYS E 133 6.07 -9.27 20.41
CA LYS E 133 7.35 -9.65 19.82
C LYS E 133 8.07 -10.67 20.69
N GLY E 134 8.62 -11.71 20.06
CA GLY E 134 9.35 -12.76 20.75
C GLY E 134 10.85 -12.52 20.79
N PRO E 135 11.66 -13.52 21.21
CA PRO E 135 11.29 -14.87 21.68
C PRO E 135 10.79 -14.88 23.12
N GLY E 136 9.88 -15.82 23.42
CA GLY E 136 9.32 -15.98 24.75
C GLY E 136 7.99 -16.71 24.84
N THR E 137 7.63 -17.09 26.08
CA THR E 137 6.38 -17.74 26.43
C THR E 137 5.61 -16.76 27.33
N PHE E 138 4.30 -16.60 27.08
CA PHE E 138 3.46 -15.64 27.77
C PHE E 138 2.16 -16.25 28.26
N VAL E 139 1.62 -15.72 29.37
CA VAL E 139 0.36 -16.18 29.97
C VAL E 139 -0.63 -15.01 29.95
N ILE E 140 -1.87 -15.27 29.53
CA ILE E 140 -2.95 -14.28 29.45
C ILE E 140 -3.96 -14.60 30.53
N TYR E 141 -4.35 -13.58 31.30
CA TYR E 141 -5.37 -13.68 32.37
C TYR E 141 -6.46 -12.65 32.10
N GLN E 142 -7.69 -12.92 32.54
CA GLN E 142 -8.83 -12.01 32.44
C GLN E 142 -9.41 -11.81 33.83
N VAL E 143 -9.69 -10.53 34.21
CA VAL E 143 -10.28 -10.18 35.51
C VAL E 143 -11.71 -10.73 35.66
N VAL E 144 -11.96 -11.39 36.80
CA VAL E 144 -13.26 -11.95 37.19
C VAL E 144 -13.72 -11.21 38.47
N LEU E 145 -15.01 -10.82 38.53
CA LEU E 145 -15.62 -10.16 39.69
C LEU E 145 -16.54 -11.15 40.38
N VAL E 146 -16.33 -11.36 41.68
CA VAL E 146 -17.09 -12.31 42.50
C VAL E 146 -18.10 -11.54 43.36
N TYR E 147 -19.35 -12.03 43.40
CA TYR E 147 -20.45 -11.43 44.15
C TYR E 147 -21.00 -12.42 45.13
N ALA E 148 -21.39 -11.93 46.31
CA ALA E 148 -21.99 -12.76 47.35
C ALA E 148 -23.47 -12.46 47.32
N HIS E 149 -24.30 -13.50 47.35
CA HIS E 149 -25.75 -13.34 47.28
C HIS E 149 -26.49 -13.99 48.42
N ASN E 150 -27.59 -13.34 48.83
CA ASN E 150 -28.55 -13.86 49.79
C ASN E 150 -29.90 -13.90 49.11
N ALA E 151 -30.19 -15.02 48.44
CA ALA E 151 -31.45 -15.24 47.75
C ALA E 151 -32.45 -15.69 48.81
N THR E 152 -33.20 -14.71 49.33
CA THR E 152 -34.18 -14.88 50.39
C THR E 152 -35.28 -15.88 50.04
N SER E 153 -35.52 -16.87 50.95
CA SER E 153 -36.51 -17.97 50.87
C SER E 153 -36.18 -19.07 49.83
N ALA E 154 -35.07 -18.91 49.09
CA ALA E 154 -34.65 -19.86 48.05
C ALA E 154 -34.03 -21.15 48.56
N GLY E 155 -33.51 -21.11 49.79
CA GLY E 155 -32.84 -22.23 50.44
C GLY E 155 -33.52 -23.57 50.36
N ARG E 156 -34.85 -23.61 50.62
CA ARG E 156 -35.62 -24.85 50.61
C ARG E 156 -35.71 -25.47 49.21
N GLN E 157 -35.86 -24.62 48.18
CA GLN E 157 -35.99 -25.04 46.79
C GLN E 157 -34.63 -25.32 46.11
N ASN E 158 -33.68 -24.38 46.20
CA ASN E 158 -32.42 -24.43 45.48
C ASN E 158 -31.15 -24.60 46.33
N ALA E 159 -31.21 -25.41 47.43
CA ALA E 159 -30.01 -25.64 48.25
C ALA E 159 -28.99 -26.45 47.45
N ASN E 160 -29.45 -27.54 46.83
CA ASN E 160 -28.70 -28.49 46.01
C ASN E 160 -28.34 -27.97 44.60
N ALA E 161 -28.93 -26.81 44.17
CA ALA E 161 -28.72 -26.20 42.85
C ALA E 161 -27.27 -25.78 42.62
N PHE E 162 -26.61 -25.20 43.63
CA PHE E 162 -25.23 -24.73 43.59
C PHE E 162 -24.29 -25.72 44.23
N ALA E 163 -23.07 -25.87 43.68
CA ALA E 163 -22.04 -26.79 44.18
C ALA E 163 -21.55 -26.37 45.58
N TYR E 164 -21.47 -25.05 45.83
CA TYR E 164 -21.08 -24.46 47.12
C TYR E 164 -22.17 -23.48 47.53
N SER E 165 -22.88 -23.78 48.63
CA SER E 165 -23.96 -22.95 49.16
C SER E 165 -24.11 -23.09 50.68
N LYS E 166 -24.86 -22.16 51.30
CA LYS E 166 -25.12 -22.14 52.73
C LYS E 166 -26.56 -21.72 52.98
N THR E 167 -27.30 -22.50 53.78
CA THR E 167 -28.69 -22.17 54.14
C THR E 167 -28.74 -21.56 55.54
N GLN E 168 -29.70 -20.66 55.76
CA GLN E 168 -29.90 -19.98 57.04
C GLN E 168 -31.38 -19.76 57.26
N ALA E 169 -31.94 -20.42 58.30
CA ALA E 169 -33.35 -20.29 58.64
C ALA E 169 -33.62 -18.97 59.40
N VAL E 170 -34.54 -18.16 58.87
CA VAL E 170 -34.97 -16.88 59.45
C VAL E 170 -36.48 -17.03 59.65
N GLY E 171 -36.85 -17.58 60.80
CA GLY E 171 -38.24 -17.87 61.13
C GLY E 171 -38.72 -19.09 60.36
N SER E 172 -39.83 -18.93 59.62
CA SER E 172 -40.44 -19.98 58.78
C SER E 172 -39.80 -20.03 57.38
N ARG E 173 -38.87 -19.10 57.12
CA ARG E 173 -38.17 -18.86 55.86
C ARG E 173 -36.74 -19.43 55.88
N VAL E 174 -36.25 -19.91 54.70
CA VAL E 174 -34.89 -20.46 54.53
C VAL E 174 -34.10 -19.68 53.45
N ASP E 175 -33.19 -18.81 53.90
CA ASP E 175 -32.31 -18.00 53.03
C ASP E 175 -31.25 -18.88 52.34
N LEU E 176 -30.86 -18.50 51.11
CA LEU E 176 -29.83 -19.20 50.34
C LEU E 176 -28.63 -18.29 50.10
N TYR E 177 -27.46 -18.72 50.56
CA TYR E 177 -26.22 -17.97 50.42
C TYR E 177 -25.32 -18.69 49.44
N TYR E 178 -24.94 -18.00 48.36
CA TYR E 178 -24.10 -18.52 47.29
C TYR E 178 -23.26 -17.39 46.70
N LEU E 179 -22.35 -17.75 45.79
CA LEU E 179 -21.44 -16.84 45.10
C LEU E 179 -21.62 -16.95 43.60
N SER E 180 -21.48 -15.81 42.88
CA SER E 180 -21.56 -15.75 41.42
C SER E 180 -20.37 -14.96 40.87
N ALA E 181 -19.97 -15.27 39.65
CA ALA E 181 -18.84 -14.62 39.02
C ALA E 181 -19.15 -14.17 37.61
N ILE E 182 -18.77 -12.92 37.31
CA ILE E 182 -18.91 -12.30 35.99
C ILE E 182 -17.52 -11.86 35.55
N THR E 183 -17.32 -11.74 34.26
CA THR E 183 -16.02 -11.32 33.74
C THR E 183 -16.02 -9.83 33.37
N GLN E 184 -14.82 -9.25 33.24
CA GLN E 184 -14.59 -7.85 32.88
C GLN E 184 -13.78 -7.77 31.58
N ARG E 185 -13.93 -6.65 30.83
CA ARG E 185 -13.19 -6.39 29.59
C ARG E 185 -11.82 -5.87 30.00
N LYS E 186 -11.10 -6.69 30.80
CA LYS E 186 -9.78 -6.39 31.34
C LYS E 186 -8.94 -7.63 31.33
N ARG E 187 -7.77 -7.54 30.71
CA ARG E 187 -6.85 -8.65 30.59
C ARG E 187 -5.41 -8.22 30.81
N VAL E 188 -4.57 -9.14 31.29
CA VAL E 188 -3.15 -8.85 31.47
C VAL E 188 -2.31 -9.97 30.78
N ILE E 189 -1.25 -9.55 30.05
CA ILE E 189 -0.37 -10.46 29.33
C ILE E 189 1.02 -10.42 29.98
N VAL E 190 1.35 -11.51 30.69
CA VAL E 190 2.56 -11.67 31.51
C VAL E 190 3.59 -12.66 30.91
N PRO E 191 4.91 -12.29 30.87
CA PRO E 191 5.92 -13.27 30.43
C PRO E 191 5.91 -14.44 31.42
N SER E 192 5.93 -15.70 30.94
CA SER E 192 5.82 -16.93 31.76
C SER E 192 6.77 -16.96 33.00
N SER E 193 7.90 -16.24 32.93
CA SER E 193 8.86 -16.11 34.03
C SER E 193 8.28 -15.37 35.25
N ASN E 194 7.20 -14.58 35.07
CA ASN E 194 6.54 -13.82 36.14
C ASN E 194 5.12 -14.30 36.37
N ALA E 195 4.66 -15.30 35.58
CA ALA E 195 3.32 -15.86 35.64
C ALA E 195 2.98 -16.48 36.99
N VAL E 196 1.94 -15.96 37.63
CA VAL E 196 1.43 -16.42 38.91
C VAL E 196 0.44 -17.58 38.70
N THR E 197 0.34 -18.50 39.67
CA THR E 197 -0.61 -19.60 39.59
C THR E 197 -2.03 -19.01 39.75
N PRO E 198 -2.93 -19.16 38.75
CA PRO E 198 -4.26 -18.57 38.90
C PRO E 198 -5.15 -19.34 39.85
N LEU E 199 -6.03 -18.62 40.56
CA LEU E 199 -7.02 -19.23 41.44
C LEU E 199 -8.13 -19.76 40.56
N ASP E 200 -8.83 -20.78 41.02
CA ASP E 200 -9.96 -21.32 40.27
C ASP E 200 -11.26 -21.09 41.02
N TRP E 201 -12.41 -21.31 40.36
CA TRP E 201 -13.72 -21.07 40.95
C TRP E 201 -13.99 -21.96 42.18
N ASP E 202 -13.44 -23.19 42.21
CA ASP E 202 -13.68 -24.06 43.37
C ASP E 202 -12.94 -23.52 44.61
N THR E 203 -11.66 -23.10 44.45
CA THR E 203 -10.85 -22.51 45.54
C THR E 203 -11.52 -21.24 46.08
N VAL E 204 -11.92 -20.32 45.16
CA VAL E 204 -12.53 -19.02 45.48
C VAL E 204 -13.82 -19.21 46.30
N GLN E 205 -14.68 -20.15 45.92
CA GLN E 205 -15.91 -20.41 46.70
C GLN E 205 -15.65 -21.05 48.06
N ARG E 206 -14.72 -22.04 48.13
CA ARG E 206 -14.33 -22.73 49.36
C ARG E 206 -13.80 -21.72 50.39
N ASN E 207 -12.97 -20.79 49.95
CA ASN E 207 -12.35 -19.81 50.82
C ASN E 207 -13.17 -18.57 51.09
N VAL E 208 -13.82 -17.97 50.07
CA VAL E 208 -14.60 -16.74 50.27
C VAL E 208 -15.90 -17.03 51.03
N LEU E 209 -16.74 -17.95 50.54
CA LEU E 209 -18.01 -18.25 51.19
C LEU E 209 -17.90 -19.22 52.36
N MET E 210 -17.49 -20.49 52.07
CA MET E 210 -17.42 -21.60 53.02
C MET E 210 -16.52 -21.33 54.23
N GLU E 211 -15.32 -20.74 54.03
CA GLU E 211 -14.38 -20.51 55.12
C GLU E 211 -14.40 -19.11 55.72
N ASN E 212 -14.74 -18.06 54.95
CA ASN E 212 -14.68 -16.67 55.45
C ASN E 212 -16.03 -15.96 55.60
N TYR E 213 -17.16 -16.69 55.63
CA TYR E 213 -18.46 -16.05 55.84
C TYR E 213 -19.41 -16.89 56.68
N ASN E 214 -19.96 -16.26 57.73
CA ASN E 214 -20.92 -16.88 58.64
C ASN E 214 -22.31 -16.25 58.50
N PRO E 215 -23.28 -16.97 57.87
CA PRO E 215 -24.63 -16.40 57.68
C PRO E 215 -25.38 -16.04 58.96
N GLY E 216 -25.16 -16.83 60.02
CA GLY E 216 -25.77 -16.68 61.35
C GLY E 216 -25.51 -15.35 62.01
N SER E 217 -24.25 -14.91 62.00
CA SER E 217 -23.80 -13.65 62.58
C SER E 217 -23.65 -12.52 61.55
N ASN E 218 -23.75 -12.85 60.22
CA ASN E 218 -23.51 -11.94 59.09
C ASN E 218 -22.14 -11.28 59.28
N SER E 219 -21.10 -12.13 59.42
CA SER E 219 -19.73 -11.70 59.67
C SER E 219 -18.72 -12.69 59.10
N GLY E 220 -17.47 -12.23 59.04
CA GLY E 220 -16.33 -12.97 58.53
C GLY E 220 -15.40 -11.97 57.87
N HIS E 221 -14.92 -12.28 56.66
CA HIS E 221 -14.05 -11.32 55.98
C HIS E 221 -14.83 -10.18 55.32
N PHE E 222 -16.18 -10.34 55.25
CA PHE E 222 -17.14 -9.37 54.71
C PHE E 222 -18.53 -9.56 55.35
N SER E 223 -19.40 -8.55 55.19
CA SER E 223 -20.78 -8.61 55.67
C SER E 223 -21.73 -7.83 54.74
N PHE E 224 -22.98 -8.32 54.61
CA PHE E 224 -24.01 -7.67 53.80
C PHE E 224 -24.56 -6.46 54.56
N ASP E 225 -25.06 -5.48 53.81
CA ASP E 225 -25.68 -4.28 54.35
C ASP E 225 -27.17 -4.36 54.05
N TRP E 226 -27.96 -4.89 55.01
CA TRP E 226 -29.41 -5.07 54.84
C TRP E 226 -30.20 -3.75 54.69
N SER E 227 -29.55 -2.57 54.87
CA SER E 227 -30.21 -1.26 54.71
C SER E 227 -30.59 -0.96 53.26
N ALA E 228 -30.09 -1.79 52.30
CA ALA E 228 -30.37 -1.71 50.86
C ALA E 228 -31.87 -1.84 50.57
N TYR E 229 -32.59 -2.63 51.40
CA TYR E 229 -34.04 -2.85 51.33
C TYR E 229 -34.85 -1.55 51.47
N ASN E 230 -34.30 -0.55 52.16
CA ASN E 230 -34.99 0.71 52.38
C ASN E 230 -34.43 1.90 51.59
N ASP E 231 -33.36 1.66 50.78
CA ASP E 231 -32.76 2.70 49.94
C ASP E 231 -33.28 2.55 48.50
N PRO E 232 -33.98 3.57 47.93
CA PRO E 232 -34.46 3.44 46.54
C PRO E 232 -33.31 3.48 45.54
N HIS E 233 -32.18 4.14 45.90
CA HIS E 233 -30.97 4.24 45.09
C HIS E 233 -30.24 2.90 45.03
N ARG E 234 -30.57 1.97 45.94
CA ARG E 234 -29.92 0.66 46.02
C ARG E 234 -30.90 -0.51 45.81
N ARG E 235 -32.03 -0.23 45.13
CA ARG E 235 -33.05 -1.22 44.77
C ARG E 235 -33.27 -1.20 43.26
N TYR E 236 -33.41 -2.38 42.61
CA TYR E 236 -33.61 -2.47 41.17
C TYR E 236 -34.87 -3.24 40.78
N SER F 1 -11.17 14.71 52.64
CA SER F 1 -12.16 15.54 53.32
C SER F 1 -11.72 17.01 53.34
N GLY F 2 -10.91 17.41 54.33
CA GLY F 2 -10.39 18.77 54.48
C GLY F 2 -9.41 19.16 53.38
N ARG F 3 -9.13 18.20 52.47
CA ARG F 3 -8.26 18.32 51.29
C ARG F 3 -8.91 19.24 50.28
N PHE F 4 -10.25 19.37 50.34
CA PHE F 4 -11.06 20.20 49.45
C PHE F 4 -10.76 21.68 49.61
N ASP F 5 -10.36 22.11 50.83
CA ASP F 5 -9.98 23.50 51.05
C ASP F 5 -8.57 23.77 50.47
N GLN F 6 -7.79 22.68 50.23
CA GLN F 6 -6.45 22.74 49.64
C GLN F 6 -6.46 22.80 48.11
N TYR F 7 -7.58 22.39 47.45
CA TYR F 7 -7.71 22.46 45.99
C TYR F 7 -7.83 23.93 45.54
N PRO F 8 -7.14 24.36 44.47
CA PRO F 8 -7.25 25.77 44.04
C PRO F 8 -8.54 26.06 43.29
N THR F 9 -8.79 27.35 43.00
CA THR F 9 -9.92 27.82 42.22
C THR F 9 -9.39 28.23 40.85
N LYS F 10 -10.04 27.72 39.81
CA LYS F 10 -9.69 28.00 38.42
C LYS F 10 -10.86 28.65 37.65
N LYS F 11 -10.54 29.56 36.70
CA LYS F 11 -11.53 30.25 35.89
C LYS F 11 -11.17 30.09 34.42
N GLY F 12 -12.13 29.57 33.66
CA GLY F 12 -12.00 29.34 32.24
C GLY F 12 -11.27 28.05 31.90
N ASP F 13 -11.54 27.51 30.70
CA ASP F 13 -10.95 26.26 30.21
C ASP F 13 -9.42 26.22 30.24
N PHE F 14 -8.72 27.32 29.83
CA PHE F 14 -7.26 27.42 29.82
C PHE F 14 -6.67 27.06 31.19
N ALA F 15 -7.23 27.64 32.28
CA ALA F 15 -6.82 27.42 33.67
C ALA F 15 -7.19 26.02 34.15
N ILE F 16 -8.45 25.58 33.91
CA ILE F 16 -8.94 24.26 34.32
C ILE F 16 -8.16 23.13 33.62
N ASP F 17 -8.14 23.11 32.26
CA ASP F 17 -7.45 22.11 31.44
C ASP F 17 -5.95 22.09 31.71
N GLY F 18 -5.36 23.27 31.83
CA GLY F 18 -3.94 23.43 32.12
C GLY F 18 -3.55 22.77 33.44
N TYR F 19 -4.40 22.94 34.46
CA TYR F 19 -4.22 22.37 35.77
C TYR F 19 -4.41 20.85 35.80
N LEU F 20 -5.60 20.37 35.40
CA LEU F 20 -5.95 18.93 35.43
C LEU F 20 -5.21 18.07 34.41
N LEU F 21 -5.10 18.52 33.14
CA LEU F 21 -4.44 17.74 32.09
C LEU F 21 -2.90 17.86 32.10
N ASP F 22 -2.29 17.16 33.06
CA ASP F 22 -0.85 17.07 33.30
C ASP F 22 -0.50 15.57 33.33
N TYR F 23 0.14 15.06 32.25
CA TYR F 23 0.50 13.63 32.18
C TYR F 23 1.60 13.25 33.19
N SER F 24 2.47 14.22 33.54
CA SER F 24 3.58 14.09 34.49
C SER F 24 3.14 14.17 35.96
N SER F 25 2.23 15.12 36.30
CA SER F 25 1.67 15.26 37.65
C SER F 25 0.14 15.54 37.59
N PRO F 26 -0.71 14.51 37.34
CA PRO F 26 -2.18 14.75 37.30
C PRO F 26 -2.75 15.26 38.61
N LYS F 27 -3.72 16.17 38.54
CA LYS F 27 -4.35 16.72 39.73
C LYS F 27 -5.77 16.21 39.90
N GLN F 28 -6.13 15.84 41.16
CA GLN F 28 -7.44 15.28 41.51
C GLN F 28 -8.62 16.14 41.08
N GLY F 29 -8.56 17.43 41.41
CA GLY F 29 -9.63 18.37 41.09
C GLY F 29 -9.28 19.81 41.41
N CYS F 30 -10.23 20.71 41.14
CA CYS F 30 -10.13 22.14 41.39
C CYS F 30 -11.51 22.77 41.44
N TRP F 31 -11.67 23.85 42.23
CA TRP F 31 -12.92 24.59 42.29
C TRP F 31 -13.00 25.43 41.02
N VAL F 32 -14.21 25.69 40.53
CA VAL F 32 -14.42 26.45 39.30
C VAL F 32 -15.18 27.74 39.59
N ASP F 33 -14.63 28.86 39.14
CA ASP F 33 -15.27 30.17 39.24
C ASP F 33 -16.11 30.34 37.97
N GLY F 34 -17.43 30.36 38.14
CA GLY F 34 -18.35 30.49 37.00
C GLY F 34 -19.57 31.34 37.23
N ILE F 35 -20.23 31.72 36.14
CA ILE F 35 -21.45 32.54 36.15
C ILE F 35 -22.70 31.74 36.58
N THR F 36 -23.72 32.45 37.06
CA THR F 36 -25.00 31.86 37.45
C THR F 36 -26.02 32.19 36.37
N VAL F 37 -26.83 31.18 36.01
CA VAL F 37 -27.87 31.27 35.00
C VAL F 37 -29.20 30.82 35.62
N TYR F 38 -30.32 31.26 35.03
CA TYR F 38 -31.64 30.89 35.49
C TYR F 38 -32.44 30.38 34.30
N GLY F 39 -33.16 29.28 34.53
CA GLY F 39 -34.02 28.64 33.55
C GLY F 39 -34.60 27.34 34.05
N ASP F 40 -35.53 26.75 33.27
CA ASP F 40 -36.19 25.50 33.63
C ASP F 40 -35.26 24.29 33.62
N ILE F 41 -35.54 23.35 34.54
CA ILE F 41 -34.93 22.03 34.69
C ILE F 41 -36.08 21.14 35.13
N TYR F 42 -36.33 20.05 34.39
CA TYR F 42 -37.40 19.11 34.69
C TYR F 42 -36.94 18.12 35.77
N ILE F 43 -37.63 18.13 36.93
CA ILE F 43 -37.35 17.20 38.03
C ILE F 43 -38.69 16.62 38.50
N GLY F 44 -38.80 15.30 38.45
CA GLY F 44 -39.98 14.57 38.89
C GLY F 44 -41.17 14.61 37.96
N LYS F 45 -42.14 15.49 38.26
CA LYS F 45 -43.40 15.62 37.52
C LYS F 45 -43.57 16.97 36.76
N GLN F 46 -42.61 17.92 36.91
CA GLN F 46 -42.71 19.21 36.24
C GLN F 46 -41.35 19.90 36.10
N ASN F 47 -41.34 21.07 35.44
CA ASN F 47 -40.18 21.93 35.29
C ASN F 47 -40.12 22.83 36.51
N TRP F 48 -38.90 23.26 36.87
CA TRP F 48 -38.66 24.18 37.99
C TRP F 48 -37.64 25.22 37.53
N GLY F 49 -37.85 26.47 37.93
CA GLY F 49 -36.93 27.57 37.64
C GLY F 49 -35.69 27.35 38.48
N THR F 50 -34.58 26.95 37.84
CA THR F 50 -33.35 26.57 38.53
C THR F 50 -32.19 27.55 38.29
N TYR F 51 -31.43 27.81 39.37
CA TYR F 51 -30.21 28.61 39.34
C TYR F 51 -29.08 27.59 39.24
N THR F 52 -28.25 27.72 38.20
CA THR F 52 -27.15 26.78 37.92
C THR F 52 -25.86 27.51 37.78
N ARG F 53 -24.81 26.99 38.43
CA ARG F 53 -23.47 27.57 38.32
C ARG F 53 -22.39 26.47 38.33
N PRO F 54 -21.25 26.61 37.59
CA PRO F 54 -20.20 25.60 37.70
C PRO F 54 -19.51 25.76 39.05
N VAL F 55 -19.16 24.65 39.71
CA VAL F 55 -18.53 24.74 41.04
C VAL F 55 -17.21 24.00 41.13
N PHE F 56 -17.10 22.84 40.50
CA PHE F 56 -15.92 22.01 40.63
C PHE F 56 -15.64 21.27 39.33
N ALA F 57 -14.39 20.81 39.16
CA ALA F 57 -13.96 20.00 38.02
C ALA F 57 -12.97 18.96 38.53
N TYR F 58 -13.16 17.68 38.17
CA TYR F 58 -12.27 16.62 38.63
C TYR F 58 -12.00 15.55 37.59
N LEU F 59 -10.92 14.76 37.78
CA LEU F 59 -10.53 13.67 36.87
C LEU F 59 -11.21 12.37 37.28
N GLN F 60 -12.13 11.89 36.43
CA GLN F 60 -12.86 10.64 36.61
C GLN F 60 -12.03 9.51 36.02
N TYR F 61 -11.97 8.38 36.71
CA TYR F 61 -11.24 7.22 36.23
C TYR F 61 -11.93 6.59 35.00
N VAL F 62 -11.12 6.18 34.00
CA VAL F 62 -11.60 5.53 32.78
C VAL F 62 -11.13 4.08 32.70
N GLU F 63 -9.80 3.87 32.59
CA GLU F 63 -9.22 2.54 32.42
C GLU F 63 -7.73 2.48 32.79
N THR F 64 -7.24 1.25 33.11
CA THR F 64 -5.83 0.94 33.35
C THR F 64 -5.39 0.13 32.13
N ILE F 65 -4.33 0.58 31.46
CA ILE F 65 -3.78 -0.06 30.25
C ILE F 65 -2.42 -0.69 30.55
N SER F 66 -2.23 -1.94 30.12
CA SER F 66 -0.98 -2.66 30.32
C SER F 66 -0.34 -3.05 28.98
N ILE F 67 0.87 -2.52 28.72
CA ILE F 67 1.67 -2.83 27.53
C ILE F 67 2.96 -3.48 28.07
N PRO F 68 3.12 -4.81 27.99
CA PRO F 68 4.32 -5.44 28.58
C PRO F 68 5.64 -5.33 27.80
N GLN F 69 5.60 -4.91 26.53
CA GLN F 69 6.81 -4.84 25.70
C GLN F 69 7.05 -3.50 25.00
N ASN F 70 8.28 -3.30 24.49
CA ASN F 70 8.70 -2.11 23.73
C ASN F 70 8.12 -2.21 22.30
N VAL F 71 6.78 -2.13 22.23
CA VAL F 71 5.98 -2.26 21.01
C VAL F 71 5.09 -1.03 20.90
N THR F 72 5.07 -0.40 19.71
CA THR F 72 4.18 0.74 19.42
C THR F 72 2.84 0.15 18.96
N THR F 73 1.75 0.53 19.63
CA THR F 73 0.40 0.03 19.35
C THR F 73 -0.65 1.16 19.37
N THR F 74 -1.86 0.86 18.88
CA THR F 74 -2.97 1.80 18.84
C THR F 74 -4.04 1.37 19.85
N LEU F 75 -4.29 2.24 20.85
CA LEU F 75 -5.22 2.02 21.95
C LEU F 75 -6.64 2.36 21.61
N SER F 76 -7.56 1.57 22.15
CA SER F 76 -8.98 1.74 21.98
C SER F 76 -9.62 1.64 23.35
N TYR F 77 -10.34 2.72 23.74
CA TYR F 77 -11.00 2.82 25.04
C TYR F 77 -12.31 3.56 24.90
N GLN F 78 -13.19 3.43 25.90
CA GLN F 78 -14.51 4.02 25.91
C GLN F 78 -14.64 5.20 26.86
N LEU F 79 -14.92 6.40 26.31
CA LEU F 79 -15.20 7.61 27.09
C LEU F 79 -16.74 7.80 27.08
N THR F 80 -17.28 8.83 27.78
CA THR F 80 -18.74 9.09 27.78
C THR F 80 -19.05 10.56 27.45
N LYS F 81 -20.29 10.82 26.98
CA LYS F 81 -20.87 12.13 26.63
C LYS F 81 -22.02 12.37 27.60
N GLY F 82 -22.37 13.64 27.82
CA GLY F 82 -23.51 14.03 28.65
C GLY F 82 -23.30 13.83 30.13
N HIS F 83 -24.41 13.65 30.88
CA HIS F 83 -24.36 13.42 32.33
C HIS F 83 -23.54 12.17 32.64
N THR F 84 -22.86 12.13 33.80
CA THR F 84 -22.00 10.98 34.15
C THR F 84 -22.84 9.77 34.51
N ARG F 85 -22.25 8.56 34.40
CA ARG F 85 -22.94 7.33 34.74
C ARG F 85 -23.31 7.36 36.24
N SER F 86 -22.42 7.95 37.07
CA SER F 86 -22.59 8.15 38.51
C SER F 86 -23.77 9.08 38.80
N PHE F 87 -23.88 10.23 38.09
CA PHE F 87 -25.00 11.15 38.30
C PHE F 87 -26.34 10.50 37.92
N GLU F 88 -26.40 9.85 36.75
CA GLU F 88 -27.59 9.15 36.23
C GLU F 88 -28.22 8.19 37.25
N THR F 89 -27.41 7.37 37.92
CA THR F 89 -27.90 6.42 38.92
C THR F 89 -28.25 7.08 40.25
N SER F 90 -27.59 8.24 40.57
CA SER F 90 -27.80 8.98 41.82
C SER F 90 -29.18 9.68 41.93
N VAL F 91 -29.95 9.76 40.81
CA VAL F 91 -31.28 10.39 40.72
C VAL F 91 -32.34 9.32 40.48
N ASN F 92 -33.46 9.38 41.22
CA ASN F 92 -34.55 8.43 41.06
C ASN F 92 -35.73 9.03 40.28
N ALA F 93 -35.96 10.34 40.41
CA ALA F 93 -37.02 11.05 39.68
C ALA F 93 -36.64 11.27 38.22
N LYS F 94 -37.62 11.63 37.36
CA LYS F 94 -37.41 11.94 35.95
C LYS F 94 -36.59 13.23 35.94
N TYR F 95 -35.49 13.25 35.18
CA TYR F 95 -34.59 14.39 35.14
C TYR F 95 -34.24 14.76 33.71
N SER F 96 -34.53 16.00 33.32
CA SER F 96 -34.26 16.50 31.96
C SER F 96 -33.88 17.96 31.96
N VAL F 97 -32.83 18.31 31.21
CA VAL F 97 -32.30 19.67 31.05
C VAL F 97 -32.34 20.07 29.56
N GLY F 98 -32.78 21.28 29.29
CA GLY F 98 -32.79 21.83 27.94
C GLY F 98 -31.41 22.26 27.54
N ALA F 99 -30.97 21.90 26.30
CA ALA F 99 -29.65 22.21 25.74
C ALA F 99 -29.24 23.70 25.82
N ASN F 100 -30.21 24.62 25.92
CA ASN F 100 -29.98 26.06 26.03
C ASN F 100 -29.28 26.49 27.33
N ILE F 101 -29.18 25.58 28.32
CA ILE F 101 -28.51 25.79 29.60
C ILE F 101 -27.00 26.07 29.38
N ASP F 102 -26.42 25.59 28.24
CA ASP F 102 -25.02 25.70 27.85
C ASP F 102 -24.46 27.14 27.90
N ILE F 103 -25.33 28.16 28.04
CA ILE F 103 -24.92 29.56 28.24
C ILE F 103 -24.04 29.63 29.49
N VAL F 104 -24.29 28.70 30.43
CA VAL F 104 -23.57 28.57 31.69
C VAL F 104 -22.09 28.33 31.39
N ASN F 105 -21.80 27.46 30.41
CA ASN F 105 -20.44 27.15 30.00
C ASN F 105 -19.83 28.30 29.19
N VAL F 106 -20.54 28.83 28.19
CA VAL F 106 -20.06 29.94 27.36
C VAL F 106 -19.66 31.13 28.25
N GLY F 107 -20.59 31.53 29.12
CA GLY F 107 -20.39 32.63 30.07
C GLY F 107 -19.29 32.40 31.09
N SER F 108 -19.02 31.12 31.44
CA SER F 108 -17.98 30.74 32.39
C SER F 108 -16.66 30.36 31.68
N GLU F 109 -16.58 30.63 30.36
CA GLU F 109 -15.42 30.36 29.50
C GLU F 109 -15.03 28.88 29.47
N ILE F 110 -16.03 27.98 29.44
CA ILE F 110 -15.84 26.52 29.41
C ILE F 110 -16.49 25.97 28.14
N SER F 111 -15.81 25.05 27.44
CA SER F 111 -16.32 24.39 26.24
C SER F 111 -16.17 22.90 26.46
N THR F 112 -17.30 22.15 26.49
CA THR F 112 -17.28 20.70 26.73
C THR F 112 -16.52 19.90 25.65
N GLY F 113 -16.64 20.34 24.39
CA GLY F 113 -16.05 19.66 23.25
C GLY F 113 -17.05 18.79 22.54
N PHE F 114 -18.29 18.77 23.07
CA PHE F 114 -19.43 18.05 22.50
C PHE F 114 -20.49 19.09 22.08
N THR F 115 -21.48 18.67 21.29
CA THR F 115 -22.55 19.54 20.83
C THR F 115 -23.46 19.88 22.02
N ARG F 116 -24.12 21.04 21.95
CA ARG F 116 -25.04 21.57 22.96
C ARG F 116 -26.00 20.50 23.48
N SER F 117 -26.64 19.75 22.55
CA SER F 117 -27.58 18.66 22.84
C SER F 117 -26.89 17.42 23.47
N GLU F 118 -25.68 17.03 22.97
CA GLU F 118 -24.88 15.89 23.45
C GLU F 118 -24.46 16.10 24.92
N SER F 119 -23.90 17.30 25.20
CA SER F 119 -23.36 17.77 26.49
C SER F 119 -24.26 17.60 27.71
N TRP F 120 -25.55 17.91 27.59
CA TRP F 120 -26.48 17.90 28.71
C TRP F 120 -27.54 16.77 28.68
N SER F 121 -27.36 15.74 27.85
CA SER F 121 -28.35 14.66 27.81
C SER F 121 -27.83 13.41 28.52
N THR F 122 -28.49 12.25 28.29
CA THR F 122 -28.15 10.95 28.90
C THR F 122 -26.72 10.51 28.59
N THR F 123 -26.13 9.72 29.51
CA THR F 123 -24.77 9.20 29.36
C THR F 123 -24.70 8.30 28.13
N GLN F 124 -23.74 8.60 27.22
CA GLN F 124 -23.52 7.84 25.99
C GLN F 124 -22.04 7.51 25.84
N SER F 125 -21.72 6.22 25.71
CA SER F 125 -20.34 5.77 25.52
C SER F 125 -19.89 6.01 24.08
N PHE F 126 -18.58 6.20 23.87
CA PHE F 126 -17.99 6.41 22.54
C PHE F 126 -16.53 5.98 22.55
N THR F 127 -16.01 5.56 21.39
CA THR F 127 -14.62 5.10 21.28
C THR F 127 -13.66 6.20 20.91
N ASP F 128 -12.53 6.26 21.62
CA ASP F 128 -11.43 7.19 21.36
C ASP F 128 -10.17 6.35 21.18
N THR F 129 -9.19 6.88 20.44
CA THR F 129 -7.98 6.15 20.10
C THR F 129 -6.71 6.98 20.38
N THR F 130 -5.63 6.29 20.81
CA THR F 130 -4.32 6.89 21.10
C THR F 130 -3.19 5.94 20.70
N GLU F 131 -2.14 6.48 20.05
CA GLU F 131 -0.94 5.72 19.68
C GLU F 131 -0.04 5.67 20.92
N MET F 132 0.25 4.45 21.42
CA MET F 132 1.03 4.25 22.63
C MET F 132 2.14 3.24 22.46
N LYS F 133 3.31 3.50 23.07
CA LYS F 133 4.43 2.56 23.04
C LYS F 133 4.81 2.12 24.45
N GLY F 134 5.04 0.83 24.63
CA GLY F 134 5.44 0.27 25.92
C GLY F 134 6.95 0.13 26.08
N PRO F 135 7.44 -0.58 27.13
CA PRO F 135 6.68 -1.26 28.19
C PRO F 135 6.19 -0.29 29.27
N GLY F 136 5.04 -0.60 29.87
CA GLY F 136 4.46 0.22 30.91
C GLY F 136 2.99 0.02 31.19
N THR F 137 2.55 0.52 32.34
CA THR F 137 1.16 0.52 32.79
C THR F 137 0.73 1.98 32.83
N PHE F 138 -0.48 2.27 32.33
CA PHE F 138 -1.01 3.62 32.22
C PHE F 138 -2.43 3.72 32.76
N VAL F 139 -2.79 4.88 33.35
CA VAL F 139 -4.16 5.15 33.85
C VAL F 139 -4.76 6.28 33.00
N ILE F 140 -5.99 6.08 32.51
CA ILE F 140 -6.71 7.07 31.70
C ILE F 140 -7.77 7.73 32.56
N TYR F 141 -7.85 9.06 32.53
CA TYR F 141 -8.84 9.86 33.24
C TYR F 141 -9.59 10.74 32.25
N GLN F 142 -10.86 11.07 32.54
CA GLN F 142 -11.68 11.99 31.74
C GLN F 142 -12.20 13.10 32.64
N VAL F 143 -12.15 14.34 32.16
CA VAL F 143 -12.58 15.53 32.90
C VAL F 143 -14.11 15.55 33.09
N VAL F 144 -14.55 15.75 34.35
CA VAL F 144 -15.94 15.86 34.76
C VAL F 144 -16.17 17.29 35.28
N LEU F 145 -17.27 17.94 34.85
CA LEU F 145 -17.65 19.29 35.30
C LEU F 145 -18.83 19.16 36.25
N VAL F 146 -18.69 19.72 37.45
CA VAL F 146 -19.71 19.67 38.51
C VAL F 146 -20.45 21.03 38.58
N TYR F 147 -21.78 20.96 38.64
CA TYR F 147 -22.65 22.15 38.72
C TYR F 147 -23.47 22.10 39.97
N ALA F 148 -23.69 23.28 40.58
CA ALA F 148 -24.52 23.42 41.77
C ALA F 148 -25.85 23.97 41.30
N HIS F 149 -26.96 23.40 41.78
CA HIS F 149 -28.30 23.82 41.37
C HIS F 149 -29.21 24.18 42.52
N ASN F 150 -30.07 25.17 42.29
CA ASN F 150 -31.15 25.57 43.19
C ASN F 150 -32.45 25.45 42.40
N ALA F 151 -33.07 24.26 42.46
CA ALA F 151 -34.34 24.00 41.80
C ALA F 151 -35.42 24.53 42.74
N THR F 152 -35.83 25.76 42.46
CA THR F 152 -36.82 26.52 43.23
C THR F 152 -38.18 25.81 43.32
N SER F 153 -38.71 25.67 44.56
CA SER F 153 -39.99 25.03 44.93
C SER F 153 -40.00 23.49 44.80
N ALA F 154 -38.90 22.88 44.30
CA ALA F 154 -38.80 21.43 44.09
C ALA F 154 -38.59 20.60 45.34
N GLY F 155 -38.12 21.25 46.41
CA GLY F 155 -37.80 20.64 47.70
C GLY F 155 -38.88 19.82 48.39
N ARG F 156 -40.16 20.14 48.18
CA ARG F 156 -41.28 19.42 48.79
C ARG F 156 -41.57 18.08 48.08
N GLN F 157 -41.52 18.08 46.75
CA GLN F 157 -41.80 16.92 45.91
C GLN F 157 -40.57 16.04 45.67
N ASN F 158 -39.39 16.65 45.47
CA ASN F 158 -38.18 15.92 45.09
C ASN F 158 -36.99 15.99 46.05
N ALA F 159 -37.22 16.01 47.36
CA ALA F 159 -36.12 16.03 48.34
C ALA F 159 -35.37 14.69 48.34
N ASN F 160 -36.14 13.60 48.38
CA ASN F 160 -35.70 12.19 48.39
C ASN F 160 -35.21 11.68 47.02
N ALA F 161 -35.41 12.45 45.92
CA ALA F 161 -35.00 12.09 44.56
C ALA F 161 -33.50 11.91 44.40
N PHE F 162 -32.70 12.79 45.02
CA PHE F 162 -31.24 12.79 44.97
C PHE F 162 -30.65 12.19 46.24
N ALA F 163 -29.53 11.44 46.09
CA ALA F 163 -28.82 10.80 47.21
C ALA F 163 -28.23 11.82 48.17
N TYR F 164 -27.74 12.97 47.63
CA TYR F 164 -27.19 14.10 48.40
C TYR F 164 -27.93 15.36 47.98
N SER F 165 -28.70 15.95 48.91
CA SER F 165 -29.48 17.16 48.67
C SER F 165 -29.68 17.99 49.94
N LYS F 166 -30.10 19.24 49.78
CA LYS F 166 -30.36 20.17 50.87
C LYS F 166 -31.62 20.99 50.58
N THR F 167 -32.57 21.02 51.52
CA THR F 167 -33.79 21.83 51.38
C THR F 167 -33.67 23.14 52.13
N GLN F 168 -34.31 24.19 51.63
CA GLN F 168 -34.30 25.52 52.24
C GLN F 168 -35.65 26.18 52.03
N ALA F 169 -36.39 26.43 53.13
CA ALA F 169 -37.70 27.09 53.07
C ALA F 169 -37.55 28.61 52.89
N VAL F 170 -38.16 29.14 51.83
CA VAL F 170 -38.17 30.57 51.48
C VAL F 170 -39.65 30.95 51.45
N GLY F 171 -40.19 31.31 52.62
CA GLY F 171 -41.59 31.62 52.82
C GLY F 171 -42.44 30.36 52.77
N SER F 172 -43.44 30.33 51.87
CA SER F 172 -44.35 29.19 51.66
C SER F 172 -43.76 28.17 50.66
N ARG F 173 -42.57 28.48 50.14
CA ARG F 173 -41.84 27.74 49.13
C ARG F 173 -40.65 26.95 49.73
N VAL F 174 -40.33 25.77 49.15
CA VAL F 174 -39.21 24.91 49.59
C VAL F 174 -38.22 24.66 48.43
N ASP F 175 -37.08 25.36 48.45
CA ASP F 175 -36.00 25.23 47.47
C ASP F 175 -35.25 23.91 47.60
N LEU F 176 -34.75 23.36 46.46
CA LEU F 176 -33.98 22.12 46.43
C LEU F 176 -32.55 22.41 45.93
N TYR F 177 -31.56 22.05 46.75
CA TYR F 177 -30.15 22.24 46.44
C TYR F 177 -29.50 20.89 46.22
N TYR F 178 -28.94 20.70 45.02
CA TYR F 178 -28.29 19.46 44.61
C TYR F 178 -27.14 19.78 43.66
N LEU F 179 -26.37 18.74 43.29
CA LEU F 179 -25.23 18.82 42.38
C LEU F 179 -25.45 17.89 41.18
N SER F 180 -24.97 18.30 40.00
CA SER F 180 -25.02 17.49 38.77
C SER F 180 -23.65 17.47 38.09
N ALA F 181 -23.35 16.40 37.36
CA ALA F 181 -22.06 16.24 36.70
C ALA F 181 -22.22 15.79 35.26
N ILE F 182 -21.42 16.39 34.36
CA ILE F 182 -21.36 16.10 32.91
C ILE F 182 -19.87 15.97 32.52
N THR F 183 -19.56 15.23 31.44
CA THR F 183 -18.18 15.02 30.98
C THR F 183 -17.73 16.01 29.90
N GLN F 184 -16.41 16.13 29.72
CA GLN F 184 -15.79 16.94 28.66
C GLN F 184 -15.04 16.00 27.71
N ARG F 185 -14.90 16.42 26.45
CA ARG F 185 -14.12 15.69 25.42
C ARG F 185 -12.66 16.03 25.70
N LYS F 186 -12.20 15.68 26.91
CA LYS F 186 -10.87 15.93 27.46
C LYS F 186 -10.43 14.75 28.34
N ARG F 187 -9.34 14.10 27.95
CA ARG F 187 -8.78 12.95 28.67
C ARG F 187 -7.27 13.08 28.84
N VAL F 188 -6.72 12.45 29.90
CA VAL F 188 -5.28 12.47 30.12
C VAL F 188 -4.76 11.05 30.33
N ILE F 189 -3.65 10.69 29.66
CA ILE F 189 -3.03 9.37 29.82
C ILE F 189 -1.74 9.52 30.62
N VAL F 190 -1.73 8.94 31.83
CA VAL F 190 -0.66 9.05 32.83
C VAL F 190 0.08 7.71 33.12
N PRO F 191 1.44 7.71 33.20
CA PRO F 191 2.18 6.48 33.59
C PRO F 191 1.78 6.10 35.01
N SER F 192 1.42 4.82 35.27
CA SER F 192 0.91 4.34 36.58
C SER F 192 1.72 4.79 37.82
N SER F 193 3.03 5.06 37.66
CA SER F 193 3.88 5.54 38.75
C SER F 193 3.49 6.97 39.19
N ASN F 194 3.01 7.79 38.23
CA ASN F 194 2.57 9.18 38.41
C ASN F 194 1.07 9.28 38.68
N ALA F 195 0.35 8.14 38.59
CA ALA F 195 -1.09 8.06 38.78
C ALA F 195 -1.53 8.58 40.12
N VAL F 196 -2.60 9.39 40.12
CA VAL F 196 -3.19 9.98 41.32
C VAL F 196 -4.49 9.22 41.62
N THR F 197 -4.86 9.12 42.91
CA THR F 197 -6.11 8.45 43.30
C THR F 197 -7.29 9.33 42.81
N PRO F 198 -8.18 8.83 41.93
CA PRO F 198 -9.29 9.66 41.47
C PRO F 198 -10.38 9.85 42.52
N LEU F 199 -11.01 11.04 42.50
CA LEU F 199 -12.13 11.33 43.38
C LEU F 199 -13.35 10.65 42.78
N ASP F 200 -14.34 10.29 43.60
CA ASP F 200 -15.59 9.70 43.14
C ASP F 200 -16.76 10.65 43.40
N TRP F 201 -17.93 10.40 42.80
CA TRP F 201 -19.11 11.26 42.86
C TRP F 201 -19.66 11.48 44.28
N ASP F 202 -19.67 10.45 45.14
CA ASP F 202 -20.16 10.64 46.51
C ASP F 202 -19.20 11.52 47.33
N THR F 203 -17.85 11.38 47.14
CA THR F 203 -16.86 12.22 47.84
C THR F 203 -17.08 13.69 47.44
N VAL F 204 -17.18 13.92 46.10
CA VAL F 204 -17.37 15.25 45.51
C VAL F 204 -18.65 15.90 46.05
N GLN F 205 -19.76 15.14 46.15
CA GLN F 205 -21.03 15.65 46.69
C GLN F 205 -20.97 15.94 48.19
N ARG F 206 -20.37 15.02 48.98
CA ARG F 206 -20.19 15.15 50.44
C ARG F 206 -19.41 16.39 50.78
N ASN F 207 -18.32 16.64 50.04
CA ASN F 207 -17.44 17.78 50.29
C ASN F 207 -17.87 19.09 49.68
N VAL F 208 -18.30 19.08 48.40
CA VAL F 208 -18.68 20.33 47.72
C VAL F 208 -20.02 20.87 48.27
N LEU F 209 -21.09 20.06 48.23
CA LEU F 209 -22.39 20.52 48.71
C LEU F 209 -22.58 20.44 50.24
N MET F 210 -22.57 19.21 50.79
CA MET F 210 -22.82 18.90 52.18
C MET F 210 -21.90 19.61 53.18
N GLU F 211 -20.59 19.66 52.89
CA GLU F 211 -19.63 20.26 53.80
C GLU F 211 -19.23 21.70 53.50
N ASN F 212 -19.24 22.13 52.21
CA ASN F 212 -18.78 23.48 51.84
C ASN F 212 -19.85 24.45 51.32
N TYR F 213 -21.14 24.16 51.54
CA TYR F 213 -22.20 25.09 51.12
C TYR F 213 -23.35 25.17 52.11
N ASN F 214 -23.69 26.43 52.50
CA ASN F 214 -24.79 26.71 53.40
C ASN F 214 -25.94 27.45 52.68
N PRO F 215 -27.07 26.75 52.41
CA PRO F 215 -28.20 27.39 51.68
C PRO F 215 -28.81 28.61 52.37
N GLY F 216 -28.84 28.58 53.72
CA GLY F 216 -29.39 29.63 54.57
C GLY F 216 -28.75 30.99 54.41
N SER F 217 -27.42 31.01 54.39
CA SER F 217 -26.62 32.23 54.23
C SER F 217 -26.13 32.44 52.78
N ASN F 218 -26.31 31.42 51.88
CA ASN F 218 -25.82 31.39 50.49
C ASN F 218 -24.30 31.69 50.53
N SER F 219 -23.58 30.87 51.31
CA SER F 219 -22.13 31.02 51.50
C SER F 219 -21.46 29.68 51.79
N GLY F 220 -20.14 29.70 51.70
CA GLY F 220 -19.26 28.56 51.90
C GLY F 220 -18.07 28.71 50.98
N HIS F 221 -17.68 27.63 50.27
CA HIS F 221 -16.56 27.75 49.33
C HIS F 221 -16.98 28.42 48.01
N PHE F 222 -18.31 28.59 47.81
CA PHE F 222 -18.95 29.24 46.66
C PHE F 222 -20.33 29.81 47.03
N SER F 223 -20.86 30.70 46.18
CA SER F 223 -22.21 31.25 46.34
C SER F 223 -22.88 31.51 44.98
N PHE F 224 -24.22 31.37 44.95
CA PHE F 224 -25.02 31.62 43.74
C PHE F 224 -25.19 33.12 43.55
N ASP F 225 -25.37 33.54 42.29
CA ASP F 225 -25.61 34.94 41.94
C ASP F 225 -27.07 35.03 41.47
N TRP F 226 -27.96 35.38 42.40
CA TRP F 226 -29.40 35.50 42.11
C TRP F 226 -29.77 36.61 41.10
N SER F 227 -28.80 37.46 40.68
CA SER F 227 -29.05 38.52 39.69
C SER F 227 -29.32 37.97 38.27
N ALA F 228 -29.09 36.65 38.07
CA ALA F 228 -29.32 35.92 36.82
C ALA F 228 -30.80 36.01 36.40
N TYR F 229 -31.73 36.06 37.39
CA TYR F 229 -33.18 36.19 37.22
C TYR F 229 -33.57 37.45 36.44
N ASN F 230 -32.76 38.51 36.52
CA ASN F 230 -33.05 39.79 35.86
C ASN F 230 -32.16 40.08 34.65
N ASP F 231 -31.20 39.19 34.33
CA ASP F 231 -30.32 39.33 33.17
C ASP F 231 -30.86 38.48 32.00
N PRO F 232 -31.23 39.09 30.85
CA PRO F 232 -31.70 38.28 29.72
C PRO F 232 -30.57 37.46 29.08
N HIS F 233 -29.32 37.93 29.22
CA HIS F 233 -28.12 37.26 28.71
C HIS F 233 -27.79 36.01 29.54
N ARG F 234 -28.40 35.90 30.75
CA ARG F 234 -28.17 34.77 31.65
C ARG F 234 -29.45 33.98 31.97
N ARG F 235 -30.44 34.05 31.07
CA ARG F 235 -31.70 33.33 31.16
C ARG F 235 -31.92 32.51 29.89
N TYR F 236 -32.40 31.26 30.01
CA TYR F 236 -32.58 30.39 28.85
C TYR F 236 -34.02 29.84 28.74
N SER G 1 -6.15 45.04 32.45
CA SER G 1 -6.85 46.32 32.38
C SER G 1 -6.01 47.39 31.64
N GLY G 2 -5.12 48.08 32.36
CA GLY G 2 -4.22 49.10 31.81
C GLY G 2 -3.18 48.54 30.87
N ARG G 3 -3.18 47.19 30.72
CA ARG G 3 -2.31 46.38 29.86
C ARG G 3 -2.67 46.66 28.40
N PHE G 4 -3.92 47.12 28.14
CA PHE G 4 -4.43 47.41 26.81
C PHE G 4 -3.71 48.58 26.16
N ASP G 5 -3.20 49.53 26.96
CA ASP G 5 -2.43 50.65 26.42
C ASP G 5 -1.00 50.16 26.06
N GLN G 6 -0.58 49.01 26.62
CA GLN G 6 0.73 48.40 26.34
C GLN G 6 0.74 47.54 25.06
N TYR G 7 -0.44 47.09 24.56
CA TYR G 7 -0.54 46.32 23.32
C TYR G 7 -0.24 47.23 22.11
N PRO G 8 0.55 46.76 21.13
CA PRO G 8 0.84 47.62 19.97
C PRO G 8 -0.31 47.73 18.97
N THR G 9 -0.15 48.63 17.97
CA THR G 9 -1.10 48.79 16.89
C THR G 9 -0.47 48.18 15.65
N LYS G 10 -1.24 47.31 14.96
CA LYS G 10 -0.81 46.62 13.74
C LYS G 10 -1.71 46.95 12.57
N LYS G 11 -1.15 47.00 11.35
CA LYS G 11 -1.89 47.30 10.11
C LYS G 11 -1.64 46.20 9.09
N GLY G 12 -2.72 45.57 8.63
CA GLY G 12 -2.68 44.51 7.64
C GLY G 12 -2.32 43.15 8.20
N ASP G 13 -2.70 42.09 7.47
CA ASP G 13 -2.47 40.70 7.83
C ASP G 13 -1.01 40.35 8.12
N PHE G 14 -0.07 40.85 7.31
CA PHE G 14 1.36 40.57 7.50
C PHE G 14 1.84 40.94 8.92
N ALA G 15 1.50 42.16 9.37
CA ALA G 15 1.83 42.69 10.69
C ALA G 15 1.05 41.99 11.81
N ILE G 16 -0.30 41.82 11.65
CA ILE G 16 -1.17 41.16 12.63
C ILE G 16 -0.77 39.70 12.82
N ASP G 17 -0.75 38.89 11.74
CA ASP G 17 -0.41 37.47 11.75
C ASP G 17 1.01 37.23 12.24
N GLY G 18 1.94 38.07 11.78
CA GLY G 18 3.34 38.00 12.20
C GLY G 18 3.50 38.17 13.69
N TYR G 19 2.75 39.12 14.26
CA TYR G 19 2.75 39.43 15.69
C TYR G 19 2.11 38.32 16.53
N LEU G 20 0.83 37.97 16.25
CA LEU G 20 0.07 36.98 17.02
C LEU G 20 0.51 35.54 16.81
N LEU G 21 0.77 35.14 15.54
CA LEU G 21 1.15 33.77 15.17
C LEU G 21 2.64 33.53 15.34
N ASP G 22 3.04 33.37 16.59
CA ASP G 22 4.42 33.13 17.03
C ASP G 22 4.34 31.98 18.06
N TYR G 23 4.80 30.77 17.67
CA TYR G 23 4.74 29.59 18.54
C TYR G 23 5.72 29.68 19.72
N SER G 24 6.81 30.45 19.54
CA SER G 24 7.84 30.67 20.56
C SER G 24 7.32 31.66 21.61
N SER G 25 6.96 32.88 21.18
CA SER G 25 6.45 33.94 22.04
C SER G 25 5.04 34.36 21.60
N PRO G 26 3.96 33.60 21.96
CA PRO G 26 2.60 34.03 21.55
C PRO G 26 2.19 35.34 22.22
N LYS G 27 1.40 36.16 21.51
CA LYS G 27 0.95 37.43 22.04
C LYS G 27 -0.55 37.49 22.23
N GLN G 28 -0.99 37.99 23.40
CA GLN G 28 -2.40 38.10 23.77
C GLN G 28 -3.27 38.78 22.72
N GLY G 29 -2.86 39.96 22.29
CA GLY G 29 -3.60 40.76 21.33
C GLY G 29 -2.86 41.97 20.84
N CYS G 30 -3.50 42.74 19.93
CA CYS G 30 -2.96 43.96 19.35
C CYS G 30 -4.10 44.81 18.81
N TRP G 31 -3.94 46.14 18.81
CA TRP G 31 -4.93 47.03 18.22
C TRP G 31 -4.75 46.97 16.71
N VAL G 32 -5.82 47.17 15.95
CA VAL G 32 -5.78 47.08 14.49
C VAL G 32 -6.12 48.44 13.86
N ASP G 33 -5.24 48.92 12.96
CA ASP G 33 -5.46 50.14 12.19
C ASP G 33 -6.22 49.73 10.94
N GLY G 34 -7.47 50.16 10.82
CA GLY G 34 -8.31 49.81 9.68
C GLY G 34 -9.25 50.89 9.20
N ILE G 35 -9.78 50.70 7.99
CA ILE G 35 -10.70 51.64 7.34
C ILE G 35 -12.12 51.57 7.92
N THR G 36 -12.89 52.66 7.77
CA THR G 36 -14.29 52.71 8.19
C THR G 36 -15.17 52.55 6.93
N VAL G 37 -16.28 51.79 7.05
CA VAL G 37 -17.22 51.51 5.98
C VAL G 37 -18.64 51.85 6.46
N TYR G 38 -19.57 52.12 5.54
CA TYR G 38 -20.96 52.38 5.89
C TYR G 38 -21.92 51.50 5.08
N GLY G 39 -22.89 50.94 5.78
CA GLY G 39 -23.91 50.08 5.20
C GLY G 39 -24.82 49.51 6.24
N ASP G 40 -25.89 48.82 5.79
CA ASP G 40 -26.88 48.20 6.67
C ASP G 40 -26.35 47.04 7.51
N ILE G 41 -26.87 46.92 8.74
CA ILE G 41 -26.68 45.84 9.71
C ILE G 41 -28.04 45.66 10.37
N TYR G 42 -28.59 44.45 10.32
CA TYR G 42 -29.89 44.15 10.91
C TYR G 42 -29.74 43.90 12.41
N ILE G 43 -30.40 44.76 13.22
CA ILE G 43 -30.43 44.61 14.69
C ILE G 43 -31.87 44.75 15.17
N GLY G 44 -32.35 43.71 15.84
CA GLY G 44 -33.71 43.70 16.40
C GLY G 44 -34.82 43.46 15.42
N LYS G 45 -35.50 44.54 14.98
CA LYS G 45 -36.66 44.49 14.08
C LYS G 45 -36.43 45.15 12.70
N GLN G 46 -35.24 45.74 12.46
CA GLN G 46 -34.95 46.39 11.18
C GLN G 46 -33.46 46.51 10.91
N ASN G 47 -33.10 47.05 9.73
CA ASN G 47 -31.74 47.35 9.33
C ASN G 47 -31.41 48.74 9.82
N TRP G 48 -30.13 49.00 10.11
CA TRP G 48 -29.63 50.30 10.54
C TRP G 48 -28.35 50.61 9.75
N GLY G 49 -28.20 51.86 9.33
CA GLY G 49 -27.00 52.33 8.64
C GLY G 49 -25.88 52.36 9.65
N THR G 50 -24.94 51.42 9.54
CA THR G 50 -23.87 51.23 10.52
C THR G 50 -22.48 51.57 9.99
N TYR G 51 -21.67 52.22 10.85
CA TYR G 51 -20.27 52.54 10.60
C TYR G 51 -19.48 51.42 11.27
N THR G 52 -18.65 50.72 10.49
CA THR G 52 -17.86 49.57 10.97
C THR G 52 -16.41 49.74 10.62
N ARG G 53 -15.55 49.50 11.62
CA ARG G 53 -14.10 49.53 11.42
C ARG G 53 -13.40 48.44 12.25
N PRO G 54 -12.27 47.83 11.79
CA PRO G 54 -11.56 46.85 12.65
C PRO G 54 -10.87 47.61 13.78
N VAL G 55 -10.86 47.04 15.00
CA VAL G 55 -10.22 47.76 16.11
C VAL G 55 -9.18 46.93 16.84
N PHE G 56 -9.40 45.63 17.03
CA PHE G 56 -8.50 44.80 17.81
C PHE G 56 -8.49 43.39 17.27
N ALA G 57 -7.43 42.64 17.55
CA ALA G 57 -7.27 41.25 17.16
C ALA G 57 -6.63 40.51 18.32
N TYR G 58 -7.18 39.35 18.70
CA TYR G 58 -6.63 38.59 19.82
C TYR G 58 -6.68 37.07 19.61
N LEU G 59 -5.88 36.33 20.41
CA LEU G 59 -5.83 34.86 20.36
C LEU G 59 -6.86 34.28 21.31
N GLN G 60 -7.88 33.61 20.75
CA GLN G 60 -8.96 32.94 21.47
C GLN G 60 -8.49 31.52 21.78
N TYR G 61 -8.77 31.04 22.99
CA TYR G 61 -8.38 29.69 23.40
C TYR G 61 -9.23 28.65 22.67
N VAL G 62 -8.59 27.55 22.24
CA VAL G 62 -9.26 26.44 21.55
C VAL G 62 -9.23 25.17 22.40
N GLU G 63 -8.02 24.61 22.65
CA GLU G 63 -7.85 23.34 23.38
C GLU G 63 -6.44 23.16 23.95
N THR G 64 -6.31 22.30 24.97
CA THR G 64 -5.06 21.86 25.59
C THR G 64 -4.88 20.40 25.15
N ILE G 65 -3.73 20.09 24.53
CA ILE G 65 -3.40 18.75 24.04
C ILE G 65 -2.28 18.13 24.87
N SER G 66 -2.47 16.87 25.27
CA SER G 66 -1.48 16.14 26.06
C SER G 66 -0.98 14.89 25.33
N ILE G 67 0.32 14.84 25.01
CA ILE G 67 0.98 13.71 24.37
C ILE G 67 2.03 13.22 25.39
N PRO G 68 1.80 12.11 26.11
CA PRO G 68 2.76 11.70 27.15
C PRO G 68 4.05 11.01 26.68
N GLN G 69 4.14 10.59 25.41
CA GLN G 69 5.31 9.85 24.90
C GLN G 69 5.91 10.41 23.62
N ASN G 70 7.15 9.98 23.29
CA ASN G 70 7.88 10.35 22.07
C ASN G 70 7.29 9.58 20.87
N VAL G 71 6.03 9.90 20.56
CA VAL G 71 5.23 9.28 19.51
C VAL G 71 4.70 10.37 18.58
N THR G 72 4.78 10.15 17.25
CA THR G 72 4.25 11.08 16.26
C THR G 72 2.80 10.68 15.96
N THR G 73 1.85 11.56 16.32
CA THR G 73 0.40 11.37 16.11
C THR G 73 -0.16 12.48 15.23
N THR G 74 -1.33 12.24 14.62
CA THR G 74 -2.06 13.22 13.83
C THR G 74 -3.21 13.75 14.70
N LEU G 75 -3.17 15.06 14.98
CA LEU G 75 -4.15 15.74 15.82
C LEU G 75 -5.43 16.06 15.08
N SER G 76 -6.51 16.17 15.84
CA SER G 76 -7.84 16.52 15.38
C SER G 76 -8.47 17.42 16.45
N TYR G 77 -8.73 18.68 16.07
CA TYR G 77 -9.35 19.71 16.92
C TYR G 77 -10.44 20.41 16.15
N GLN G 78 -11.22 21.25 16.86
CA GLN G 78 -12.36 21.96 16.30
C GLN G 78 -12.24 23.48 16.35
N LEU G 79 -12.10 24.10 15.17
CA LEU G 79 -12.05 25.55 15.00
C LEU G 79 -13.46 26.03 14.60
N THR G 80 -13.71 27.37 14.56
CA THR G 80 -15.03 27.91 14.15
C THR G 80 -14.90 28.93 13.00
N LYS G 81 -16.01 29.13 12.24
CA LYS G 81 -16.18 30.08 11.12
C LYS G 81 -17.21 31.12 11.57
N GLY G 82 -17.15 32.31 10.98
CA GLY G 82 -18.11 33.37 11.25
C GLY G 82 -17.96 34.05 12.60
N HIS G 83 -19.05 34.62 13.12
CA HIS G 83 -19.07 35.30 14.42
C HIS G 83 -18.66 34.32 15.52
N THR G 84 -18.01 34.81 16.59
CA THR G 84 -17.54 33.91 17.65
C THR G 84 -18.72 33.37 18.46
N ARG G 85 -18.52 32.22 19.16
CA ARG G 85 -19.53 31.65 20.02
C ARG G 85 -19.85 32.64 21.14
N SER G 86 -18.81 33.37 21.63
CA SER G 86 -18.93 34.40 22.66
C SER G 86 -19.78 35.58 22.19
N PHE G 87 -19.56 36.08 20.95
CA PHE G 87 -20.37 37.18 20.42
C PHE G 87 -21.84 36.76 20.26
N GLU G 88 -22.09 35.58 19.67
CA GLU G 88 -23.43 35.02 19.45
C GLU G 88 -24.30 35.00 20.71
N THR G 89 -23.75 34.58 21.86
CA THR G 89 -24.49 34.54 23.12
C THR G 89 -24.65 35.93 23.75
N SER G 90 -23.71 36.87 23.45
CA SER G 90 -23.71 38.22 23.99
C SER G 90 -24.83 39.13 23.44
N VAL G 91 -25.53 38.71 22.35
CA VAL G 91 -26.62 39.45 21.69
C VAL G 91 -27.94 38.73 21.91
N ASN G 92 -28.99 39.47 22.30
CA ASN G 92 -30.33 38.89 22.51
C ASN G 92 -31.28 39.19 21.34
N ALA G 93 -31.11 40.34 20.67
CA ALA G 93 -31.92 40.71 19.51
C ALA G 93 -31.49 39.92 18.26
N LYS G 94 -32.32 39.95 17.20
CA LYS G 94 -32.01 39.32 15.91
C LYS G 94 -30.83 40.13 15.33
N TYR G 95 -29.79 39.44 14.90
CA TYR G 95 -28.59 40.10 14.37
C TYR G 95 -28.13 39.46 13.06
N SER G 96 -28.06 40.26 12.00
CA SER G 96 -27.67 39.79 10.68
C SER G 96 -26.86 40.84 9.92
N VAL G 97 -25.75 40.41 9.29
CA VAL G 97 -24.84 41.25 8.50
C VAL G 97 -24.76 40.70 7.06
N GLY G 98 -24.83 41.60 6.08
CA GLY G 98 -24.67 41.24 4.68
C GLY G 98 -23.22 41.00 4.34
N ALA G 99 -22.93 39.91 3.62
CA ALA G 99 -21.57 39.50 3.21
C ALA G 99 -20.73 40.59 2.51
N ASN G 100 -21.38 41.59 1.88
CA ASN G 100 -20.71 42.72 1.22
C ASN G 100 -19.94 43.65 2.16
N ILE G 101 -20.14 43.51 3.50
CA ILE G 101 -19.44 44.26 4.55
C ILE G 101 -17.92 43.99 4.49
N ASP G 102 -17.50 42.81 3.92
CA ASP G 102 -16.12 42.32 3.81
C ASP G 102 -15.18 43.27 3.05
N ILE G 103 -15.70 44.42 2.54
CA ILE G 103 -14.91 45.50 1.92
C ILE G 103 -14.01 46.09 3.03
N VAL G 104 -14.53 46.07 4.28
CA VAL G 104 -13.83 46.53 5.48
C VAL G 104 -12.53 45.76 5.66
N ASN G 105 -12.54 44.45 5.36
CA ASN G 105 -11.37 43.61 5.47
C ASN G 105 -10.42 43.82 4.30
N VAL G 106 -10.95 43.89 3.06
CA VAL G 106 -10.16 44.13 1.85
C VAL G 106 -9.45 45.50 1.93
N GLY G 107 -10.19 46.51 2.39
CA GLY G 107 -9.69 47.87 2.55
C GLY G 107 -8.67 48.04 3.66
N SER G 108 -8.75 47.20 4.70
CA SER G 108 -7.85 47.22 5.85
C SER G 108 -6.70 46.20 5.69
N GLU G 109 -6.56 45.62 4.48
CA GLU G 109 -5.55 44.60 4.10
C GLU G 109 -5.63 43.33 4.97
N ILE G 110 -6.86 42.89 5.27
CA ILE G 110 -7.18 41.70 6.08
C ILE G 110 -7.96 40.67 5.24
N SER G 111 -7.59 39.40 5.38
CA SER G 111 -8.24 38.27 4.71
C SER G 111 -8.51 37.22 5.79
N THR G 112 -9.78 36.91 6.04
CA THR G 112 -10.18 35.94 7.08
C THR G 112 -9.69 34.51 6.79
N GLY G 113 -9.66 34.14 5.52
CA GLY G 113 -9.29 32.79 5.08
C GLY G 113 -10.52 31.95 4.81
N PHE G 114 -11.72 32.56 4.99
CA PHE G 114 -13.02 31.95 4.74
C PHE G 114 -13.71 32.76 3.64
N THR G 115 -14.79 32.22 3.09
CA THR G 115 -15.56 32.89 2.02
C THR G 115 -16.27 34.11 2.60
N ARG G 116 -16.57 35.09 1.73
CA ARG G 116 -17.27 36.34 2.03
C ARG G 116 -18.51 36.12 2.94
N SER G 117 -19.33 35.07 2.63
CA SER G 117 -20.54 34.73 3.39
C SER G 117 -20.33 33.80 4.60
N GLU G 118 -19.21 33.02 4.65
CA GLU G 118 -18.86 32.14 5.78
C GLU G 118 -18.36 33.03 6.92
N SER G 119 -17.52 34.03 6.56
CA SER G 119 -16.85 35.01 7.42
C SER G 119 -17.76 35.80 8.37
N TRP G 120 -18.92 36.26 7.88
CA TRP G 120 -19.81 37.13 8.63
C TRP G 120 -21.14 36.49 9.06
N SER G 121 -21.26 35.16 9.00
CA SER G 121 -22.52 34.52 9.39
C SER G 121 -22.40 33.85 10.77
N THR G 122 -23.36 32.97 11.12
CA THR G 122 -23.43 32.28 12.41
C THR G 122 -22.20 31.41 12.65
N THR G 123 -21.85 31.21 13.93
CA THR G 123 -20.72 30.39 14.34
C THR G 123 -20.93 28.93 13.88
N GLN G 124 -19.94 28.41 13.13
CA GLN G 124 -19.96 27.04 12.59
C GLN G 124 -18.64 26.35 12.91
N SER G 125 -18.70 25.19 13.59
CA SER G 125 -17.51 24.41 13.91
C SER G 125 -17.02 23.65 12.67
N PHE G 126 -15.72 23.36 12.62
CA PHE G 126 -15.08 22.60 11.54
C PHE G 126 -13.83 21.93 12.06
N THR G 127 -13.43 20.80 11.46
CA THR G 127 -12.26 20.06 11.91
C THR G 127 -10.99 20.46 11.15
N ASP G 128 -9.90 20.67 11.90
CA ASP G 128 -8.58 20.94 11.35
C ASP G 128 -7.63 19.89 11.91
N THR G 129 -6.53 19.62 11.20
CA THR G 129 -5.58 18.56 11.54
C THR G 129 -4.13 19.06 11.52
N THR G 130 -3.29 18.52 12.43
CA THR G 130 -1.85 18.84 12.54
C THR G 130 -1.07 17.60 12.98
N GLU G 131 0.10 17.34 12.34
CA GLU G 131 1.00 16.25 12.70
C GLU G 131 1.84 16.74 13.88
N MET G 132 1.74 16.03 15.02
CA MET G 132 2.42 16.40 16.26
C MET G 132 3.18 15.27 16.91
N LYS G 133 4.37 15.56 17.45
CA LYS G 133 5.18 14.56 18.16
C LYS G 133 5.41 14.97 19.60
N GLY G 134 5.26 14.02 20.52
CA GLY G 134 5.47 14.26 21.94
C GLY G 134 6.88 13.89 22.41
N PRO G 135 7.14 13.83 23.74
CA PRO G 135 6.23 14.12 24.86
C PRO G 135 6.05 15.62 25.11
N GLY G 136 4.87 16.00 25.57
CA GLY G 136 4.57 17.40 25.86
C GLY G 136 3.10 17.76 25.92
N THR G 137 2.83 18.95 26.48
CA THR G 137 1.50 19.55 26.60
C THR G 137 1.50 20.79 25.72
N PHE G 138 0.44 20.99 24.93
CA PHE G 138 0.33 22.08 23.98
C PHE G 138 -1.00 22.80 24.10
N VAL G 139 -1.01 24.10 23.76
CA VAL G 139 -2.22 24.94 23.77
C VAL G 139 -2.46 25.44 22.35
N ILE G 140 -3.72 25.35 21.89
CA ILE G 140 -4.14 25.80 20.57
C ILE G 140 -4.97 27.06 20.74
N TYR G 141 -4.65 28.10 19.93
CA TYR G 141 -5.36 29.37 19.90
C TYR G 141 -5.81 29.66 18.47
N GLN G 142 -6.93 30.40 18.31
CA GLN G 142 -7.45 30.80 16.99
C GLN G 142 -7.61 32.31 17.00
N VAL G 143 -7.20 32.98 15.89
CA VAL G 143 -7.25 34.42 15.75
C VAL G 143 -8.68 34.93 15.62
N VAL G 144 -9.03 35.94 16.43
CA VAL G 144 -10.33 36.60 16.45
C VAL G 144 -10.14 38.06 16.03
N LEU G 145 -11.01 38.58 15.13
CA LEU G 145 -10.99 39.97 14.68
C LEU G 145 -12.15 40.71 15.32
N VAL G 146 -11.86 41.81 16.02
CA VAL G 146 -12.85 42.64 16.72
C VAL G 146 -13.17 43.90 15.90
N TYR G 147 -14.46 44.22 15.76
CA TYR G 147 -14.94 45.38 15.02
C TYR G 147 -15.74 46.27 15.93
N ALA G 148 -15.63 47.58 15.72
CA ALA G 148 -16.40 48.57 16.48
C ALA G 148 -17.48 49.06 15.54
N HIS G 149 -18.71 49.14 16.06
CA HIS G 149 -19.86 49.55 15.25
C HIS G 149 -20.62 50.72 15.82
N ASN G 150 -21.15 51.56 14.93
CA ASN G 150 -22.07 52.66 15.25
C ASN G 150 -23.35 52.41 14.46
N ALA G 151 -24.29 51.68 15.06
CA ALA G 151 -25.58 51.38 14.46
C ALA G 151 -26.46 52.59 14.72
N THR G 152 -26.50 53.49 13.73
CA THR G 152 -27.22 54.75 13.76
C THR G 152 -28.73 54.57 14.01
N SER G 153 -29.28 55.30 15.02
CA SER G 153 -30.70 55.33 15.45
C SER G 153 -31.17 54.06 16.20
N ALA G 154 -30.30 53.03 16.28
CA ALA G 154 -30.60 51.75 16.94
C ALA G 154 -30.58 51.78 18.47
N GLY G 155 -30.04 52.85 19.06
CA GLY G 155 -29.88 53.03 20.50
C GLY G 155 -31.14 52.97 21.34
N ARG G 156 -32.25 53.49 20.82
CA ARG G 156 -33.52 53.52 21.54
C ARG G 156 -34.17 52.12 21.60
N GLN G 157 -34.09 51.37 20.50
CA GLN G 157 -34.68 50.03 20.38
C GLN G 157 -33.77 48.89 20.91
N ASN G 158 -32.45 48.94 20.62
CA ASN G 158 -31.52 47.86 20.96
C ASN G 158 -30.40 48.18 21.98
N ALA G 159 -30.63 49.09 22.95
CA ALA G 159 -29.62 49.42 23.96
C ALA G 159 -29.30 48.21 24.84
N ASN G 160 -30.37 47.56 25.34
CA ASN G 160 -30.35 46.37 26.20
C ASN G 160 -30.02 45.05 25.44
N ALA G 161 -30.00 45.07 24.08
CA ALA G 161 -29.72 43.90 23.25
C ALA G 161 -28.32 43.30 23.46
N PHE G 162 -27.30 44.17 23.62
CA PHE G 162 -25.90 43.80 23.83
C PHE G 162 -25.52 43.92 25.30
N ALA G 163 -24.67 43.00 25.79
CA ALA G 163 -24.18 42.98 27.17
C ALA G 163 -23.31 44.21 27.49
N TYR G 164 -22.51 44.68 26.51
CA TYR G 164 -21.67 45.86 26.59
C TYR G 164 -22.01 46.76 25.43
N SER G 165 -22.57 47.95 25.72
CA SER G 165 -22.97 48.92 24.70
C SER G 165 -22.91 50.37 25.24
N LYS G 166 -22.95 51.34 24.34
CA LYS G 166 -22.92 52.77 24.65
C LYS G 166 -23.88 53.51 23.73
N THR G 167 -24.78 54.33 24.30
CA THR G 167 -25.71 55.16 23.51
C THR G 167 -25.20 56.59 23.42
N GLN G 168 -25.50 57.27 22.32
CA GLN G 168 -25.10 58.65 22.06
C GLN G 168 -26.20 59.36 21.28
N ALA G 169 -26.84 60.37 21.91
CA ALA G 169 -27.90 61.15 21.27
C ALA G 169 -27.32 62.17 20.30
N VAL G 170 -27.77 62.12 19.04
CA VAL G 170 -27.37 63.04 17.97
C VAL G 170 -28.68 63.66 17.48
N GLY G 171 -29.08 64.74 18.14
CA GLY G 171 -30.34 65.43 17.87
C GLY G 171 -31.50 64.61 18.40
N SER G 172 -32.47 64.30 17.52
CA SER G 172 -33.67 63.50 17.86
C SER G 172 -33.40 61.99 17.73
N ARG G 173 -32.17 61.65 17.32
CA ARG G 173 -31.68 60.31 17.02
C ARG G 173 -30.77 59.78 18.16
N VAL G 174 -30.80 58.44 18.39
CA VAL G 174 -29.98 57.77 19.42
C VAL G 174 -29.10 56.67 18.78
N ASP G 175 -27.81 56.96 18.61
CA ASP G 175 -26.81 56.04 18.06
C ASP G 175 -26.47 54.90 19.04
N LEU G 176 -26.15 53.72 18.51
CA LEU G 176 -25.77 52.54 19.32
C LEU G 176 -24.34 52.12 19.01
N TYR G 177 -23.49 52.10 20.04
CA TYR G 177 -22.09 51.74 19.93
C TYR G 177 -21.87 50.41 20.62
N TYR G 178 -21.37 49.42 19.86
CA TYR G 178 -21.12 48.07 20.33
C TYR G 178 -19.94 47.48 19.58
N LEU G 179 -19.51 46.28 19.99
CA LEU G 179 -18.40 45.54 19.41
C LEU G 179 -18.86 44.16 18.94
N SER G 180 -18.27 43.67 17.83
CA SER G 180 -18.56 42.34 17.27
C SER G 180 -17.24 41.62 16.97
N ALA G 181 -17.24 40.29 17.08
CA ALA G 181 -16.04 39.51 16.84
C ALA G 181 -16.30 38.29 15.94
N ILE G 182 -15.44 38.12 14.93
CA ILE G 182 -15.47 37.02 13.95
C ILE G 182 -14.10 36.32 14.01
N THR G 183 -14.00 35.07 13.57
CA THR G 183 -12.72 34.33 13.57
C THR G 183 -12.03 34.35 12.21
N GLN G 184 -10.74 34.06 12.19
CA GLN G 184 -9.95 33.89 10.98
C GLN G 184 -9.51 32.43 10.90
N ARG G 185 -9.25 31.92 9.68
CA ARG G 185 -8.73 30.56 9.42
C ARG G 185 -7.23 30.61 9.73
N LYS G 186 -6.90 30.95 10.99
CA LYS G 186 -5.54 31.13 11.49
C LYS G 186 -5.49 30.61 12.90
N ARG G 187 -4.57 29.67 13.15
CA ARG G 187 -4.39 29.07 14.46
C ARG G 187 -2.91 28.91 14.80
N VAL G 188 -2.60 28.83 16.09
CA VAL G 188 -1.24 28.63 16.55
C VAL G 188 -1.19 27.57 17.69
N ILE G 189 -0.29 26.58 17.54
CA ILE G 189 -0.08 25.51 18.53
C ILE G 189 1.25 25.81 19.26
N VAL G 190 1.12 26.21 20.53
CA VAL G 190 2.20 26.65 21.42
C VAL G 190 2.48 25.61 22.52
N PRO G 191 3.78 25.30 22.85
CA PRO G 191 4.05 24.38 23.98
C PRO G 191 3.57 25.06 25.27
N SER G 192 2.90 24.31 26.17
CA SER G 192 2.30 24.83 27.41
C SER G 192 3.24 25.69 28.28
N SER G 193 4.57 25.42 28.25
CA SER G 193 5.58 26.18 28.98
C SER G 193 5.69 27.64 28.49
N ASN G 194 5.44 27.88 27.19
CA ASN G 194 5.45 29.21 26.55
C ASN G 194 4.04 29.81 26.38
N ALA G 195 2.99 29.03 26.73
CA ALA G 195 1.60 29.46 26.59
C ALA G 195 1.28 30.71 27.40
N VAL G 196 0.54 31.62 26.77
CA VAL G 196 0.11 32.89 27.34
C VAL G 196 -1.36 32.79 27.78
N THR G 197 -1.76 33.54 28.82
CA THR G 197 -3.15 33.55 29.30
C THR G 197 -4.01 34.23 28.21
N PRO G 198 -5.01 33.54 27.61
CA PRO G 198 -5.81 34.18 26.56
C PRO G 198 -6.80 35.19 27.11
N LEU G 199 -7.05 36.25 26.32
CA LEU G 199 -8.05 37.26 26.66
C LEU G 199 -9.43 36.66 26.34
N ASP G 200 -10.47 37.11 27.04
CA ASP G 200 -11.84 36.65 26.79
C ASP G 200 -12.68 37.82 26.27
N TRP G 201 -13.90 37.52 25.73
CA TRP G 201 -14.77 38.50 25.09
C TRP G 201 -15.20 39.66 26.02
N ASP G 202 -15.58 39.36 27.29
CA ASP G 202 -15.98 40.42 28.22
C ASP G 202 -14.83 41.37 28.53
N THR G 203 -13.59 40.84 28.75
CA THR G 203 -12.39 41.67 28.98
C THR G 203 -12.13 42.59 27.79
N VAL G 204 -12.13 42.01 26.56
CA VAL G 204 -11.92 42.75 25.31
C VAL G 204 -12.96 43.87 25.17
N GLN G 205 -14.24 43.59 25.46
CA GLN G 205 -15.30 44.61 25.39
C GLN G 205 -15.16 45.69 26.46
N ARG G 206 -14.87 45.31 27.72
CA ARG G 206 -14.67 46.22 28.85
C ARG G 206 -13.53 47.20 28.58
N ASN G 207 -12.42 46.70 28.03
CA ASN G 207 -11.25 47.51 27.76
C ASN G 207 -11.26 48.27 26.44
N VAL G 208 -11.68 47.62 25.32
CA VAL G 208 -11.68 48.26 24.01
C VAL G 208 -12.79 49.33 23.92
N LEU G 209 -14.06 48.95 24.17
CA LEU G 209 -15.19 49.88 24.07
C LEU G 209 -15.38 50.75 25.31
N MET G 210 -15.73 50.12 26.45
CA MET G 210 -16.07 50.77 27.71
C MET G 210 -14.97 51.67 28.28
N GLU G 211 -13.71 51.24 28.25
CA GLU G 211 -12.60 52.02 28.81
C GLU G 211 -11.79 52.86 27.82
N ASN G 212 -11.69 52.44 26.54
CA ASN G 212 -10.84 53.15 25.57
C ASN G 212 -11.60 53.85 24.41
N TYR G 213 -12.92 54.07 24.54
CA TYR G 213 -13.64 54.78 23.50
C TYR G 213 -14.73 55.70 24.05
N ASN G 214 -14.71 56.98 23.62
CA ASN G 214 -15.68 57.99 24.00
C ASN G 214 -16.55 58.41 22.80
N PRO G 215 -17.85 57.98 22.77
CA PRO G 215 -18.72 58.32 21.63
C PRO G 215 -18.96 59.81 21.40
N GLY G 216 -19.00 60.59 22.51
CA GLY G 216 -19.22 62.03 22.53
C GLY G 216 -18.20 62.85 21.75
N SER G 217 -16.92 62.52 21.93
CA SER G 217 -15.80 63.19 21.26
C SER G 217 -15.27 62.39 20.05
N ASN G 218 -15.74 61.12 19.87
CA ASN G 218 -15.27 60.16 18.85
C ASN G 218 -13.73 60.05 18.98
N SER G 219 -13.28 59.70 20.19
CA SER G 219 -11.87 59.60 20.51
C SER G 219 -11.60 58.57 21.61
N GLY G 220 -10.34 58.21 21.76
CA GLY G 220 -9.82 57.24 22.72
C GLY G 220 -8.64 56.55 22.08
N HIS G 221 -8.59 55.21 22.18
CA HIS G 221 -7.49 54.48 21.53
C HIS G 221 -7.71 54.33 20.03
N PHE G 222 -8.93 54.63 19.55
CA PHE G 222 -9.34 54.61 18.15
C PHE G 222 -10.50 55.59 17.88
N SER G 223 -10.74 55.90 16.61
CA SER G 223 -11.85 56.77 16.19
C SER G 223 -12.40 56.33 14.83
N PHE G 224 -13.72 56.51 14.63
CA PHE G 224 -14.39 56.19 13.38
C PHE G 224 -14.10 57.28 12.35
N ASP G 225 -14.15 56.94 11.07
CA ASP G 225 -13.97 57.87 9.97
C ASP G 225 -15.34 58.01 9.29
N TRP G 226 -16.09 59.04 9.68
CA TRP G 226 -17.43 59.29 9.13
C TRP G 226 -17.44 59.65 7.62
N SER G 227 -16.27 59.84 6.98
CA SER G 227 -16.20 60.14 5.55
C SER G 227 -16.61 58.95 4.66
N ALA G 228 -16.77 57.75 5.26
CA ALA G 228 -17.20 56.50 4.62
C ALA G 228 -18.58 56.67 3.96
N TYR G 229 -19.46 57.49 4.57
CA TYR G 229 -20.79 57.83 4.09
C TYR G 229 -20.78 58.46 2.69
N ASN G 230 -19.69 59.13 2.31
CA ASN G 230 -19.59 59.80 1.01
C ASN G 230 -18.62 59.12 0.03
N ASP G 231 -17.99 58.01 0.44
CA ASP G 231 -17.09 57.25 -0.44
C ASP G 231 -17.83 56.03 -1.02
N PRO G 232 -17.99 55.92 -2.36
CA PRO G 232 -18.69 54.75 -2.92
C PRO G 232 -17.86 53.46 -2.77
N HIS G 233 -16.53 53.61 -2.69
CA HIS G 233 -15.59 52.49 -2.51
C HIS G 233 -15.67 51.94 -1.08
N ARG G 234 -16.28 52.71 -0.15
CA ARG G 234 -16.40 52.32 1.25
C ARG G 234 -17.86 52.19 1.72
N ARG G 235 -18.78 51.96 0.76
CA ARG G 235 -20.20 51.74 1.02
C ARG G 235 -20.65 50.41 0.42
N TYR G 236 -21.49 49.63 1.15
CA TYR G 236 -21.96 48.33 0.67
C TYR G 236 -23.48 48.22 0.64
N SER H 1 7.90 55.22 -0.22
CA SER H 1 7.63 56.33 -1.13
C SER H 1 8.76 56.49 -2.17
N GLY H 2 9.82 57.22 -1.82
CA GLY H 2 11.00 57.44 -2.67
C GLY H 2 11.80 56.17 -2.92
N ARG H 3 11.37 55.06 -2.29
CA ARG H 3 11.93 53.71 -2.38
C ARG H 3 11.67 53.15 -3.78
N PHE H 4 10.63 53.67 -4.47
CA PHE H 4 10.23 53.26 -5.80
C PHE H 4 11.26 53.59 -6.85
N ASP H 5 12.05 54.65 -6.64
CA ASP H 5 13.13 55.00 -7.56
C ASP H 5 14.32 54.05 -7.34
N GLN H 6 14.37 53.37 -6.17
CA GLN H 6 15.40 52.39 -5.82
C GLN H 6 15.14 50.99 -6.38
N TYR H 7 13.87 50.66 -6.76
CA TYR H 7 13.52 49.37 -7.35
C TYR H 7 14.09 49.29 -8.79
N PRO H 8 14.69 48.14 -9.19
CA PRO H 8 15.23 48.05 -10.56
C PRO H 8 14.16 47.82 -11.63
N THR H 9 14.57 47.87 -12.91
CA THR H 9 13.70 47.60 -14.05
C THR H 9 14.09 46.24 -14.60
N LYS H 10 13.10 45.35 -14.78
CA LYS H 10 13.29 44.00 -15.28
C LYS H 10 12.49 43.77 -16.57
N LYS H 11 13.04 42.92 -17.47
CA LYS H 11 12.41 42.61 -18.74
C LYS H 11 12.27 41.10 -18.89
N GLY H 12 11.07 40.64 -19.24
CA GLY H 12 10.76 39.23 -19.40
C GLY H 12 10.65 38.46 -18.09
N ASP H 13 10.01 37.28 -18.14
CA ASP H 13 9.78 36.41 -16.99
C ASP H 13 11.02 35.88 -16.33
N PHE H 14 12.12 35.62 -17.08
CA PHE H 14 13.38 35.13 -16.51
C PHE H 14 13.96 36.13 -15.48
N ALA H 15 14.02 37.43 -15.86
CA ALA H 15 14.52 38.52 -15.02
C ALA H 15 13.57 38.85 -13.86
N ILE H 16 12.25 38.97 -14.13
CA ILE H 16 11.22 39.27 -13.13
C ILE H 16 11.15 38.16 -12.07
N ASP H 17 10.89 36.89 -12.50
CA ASP H 17 10.78 35.72 -11.63
C ASP H 17 12.06 35.47 -10.86
N GLY H 18 13.20 35.60 -11.53
CA GLY H 18 14.51 35.41 -10.91
C GLY H 18 14.75 36.39 -9.77
N TYR H 19 14.32 37.65 -9.97
CA TYR H 19 14.44 38.72 -9.00
C TYR H 19 13.50 38.54 -7.80
N LEU H 20 12.18 38.44 -8.05
CA LEU H 20 11.16 38.33 -7.01
C LEU H 20 11.14 36.99 -6.27
N LEU H 21 11.26 35.86 -7.00
CA LEU H 21 11.21 34.51 -6.41
C LEU H 21 12.56 34.07 -5.84
N ASP H 22 12.92 34.66 -4.70
CA ASP H 22 14.15 34.40 -3.96
C ASP H 22 13.73 34.11 -2.52
N TYR H 23 13.80 32.83 -2.10
CA TYR H 23 13.38 32.43 -0.75
C TYR H 23 14.33 32.94 0.33
N SER H 24 15.62 33.15 -0.02
CA SER H 24 16.63 33.65 0.90
C SER H 24 16.46 35.16 1.11
N SER H 25 16.48 35.95 0.01
CA SER H 25 16.35 37.40 0.06
C SER H 25 15.17 37.86 -0.82
N PRO H 26 13.90 37.77 -0.32
CA PRO H 26 12.76 38.21 -1.15
C PRO H 26 12.77 39.70 -1.45
N LYS H 27 12.24 40.07 -2.62
CA LYS H 27 12.18 41.46 -3.05
C LYS H 27 10.77 41.98 -3.14
N GLN H 28 10.53 43.20 -2.67
CA GLN H 28 9.21 43.83 -2.65
C GLN H 28 8.58 43.96 -4.03
N GLY H 29 9.33 44.50 -4.97
CA GLY H 29 8.88 44.72 -6.35
C GLY H 29 9.97 45.16 -7.29
N CYS H 30 9.59 45.37 -8.56
CA CYS H 30 10.47 45.83 -9.64
C CYS H 30 9.65 46.44 -10.76
N TRP H 31 10.21 47.43 -11.47
CA TRP H 31 9.54 48.02 -12.62
C TRP H 31 9.67 47.01 -13.77
N VAL H 32 8.70 47.00 -14.69
CA VAL H 32 8.69 46.06 -15.81
C VAL H 32 8.79 46.79 -17.15
N ASP H 33 9.76 46.38 -17.99
CA ASP H 33 9.94 46.91 -19.34
C ASP H 33 9.07 46.04 -20.25
N GLY H 34 8.03 46.63 -20.81
CA GLY H 34 7.11 45.91 -21.68
C GLY H 34 6.55 46.68 -22.86
N ILE H 35 5.99 45.94 -23.83
CA ILE H 35 5.41 46.50 -25.04
C ILE H 35 4.06 47.16 -24.77
N THR H 36 3.67 48.11 -25.64
CA THR H 36 2.36 48.76 -25.53
C THR H 36 1.46 48.15 -26.60
N VAL H 37 0.19 47.88 -26.24
CA VAL H 37 -0.81 47.35 -27.16
C VAL H 37 -2.00 48.29 -27.19
N TYR H 38 -2.89 48.14 -28.20
CA TYR H 38 -4.11 48.93 -28.31
C TYR H 38 -5.28 48.01 -28.63
N GLY H 39 -6.40 48.23 -27.93
CA GLY H 39 -7.64 47.48 -28.09
C GLY H 39 -8.70 47.88 -27.08
N ASP H 40 -9.92 47.36 -27.25
CA ASP H 40 -11.05 47.67 -26.37
C ASP H 40 -10.89 47.14 -24.94
N ILE H 41 -11.44 47.91 -23.99
CA ILE H 41 -11.58 47.61 -22.56
C ILE H 41 -12.91 48.22 -22.17
N TYR H 42 -13.83 47.40 -21.62
CA TYR H 42 -15.16 47.85 -21.20
C TYR H 42 -15.08 48.51 -19.83
N ILE H 43 -15.43 49.81 -19.76
CA ILE H 43 -15.48 50.58 -18.50
C ILE H 43 -16.81 51.33 -18.45
N GLY H 44 -17.60 51.07 -17.41
CA GLY H 44 -18.89 51.72 -17.18
C GLY H 44 -20.04 51.24 -18.03
N LYS H 45 -20.35 51.98 -19.12
CA LYS H 45 -21.48 51.71 -20.02
C LYS H 45 -21.06 51.35 -21.46
N GLN H 46 -19.74 51.35 -21.78
CA GLN H 46 -19.27 51.02 -23.14
C GLN H 46 -17.80 50.57 -23.14
N ASN H 47 -17.32 50.19 -24.35
CA ASN H 47 -15.92 49.83 -24.60
C ASN H 47 -15.17 51.11 -24.93
N TRP H 48 -13.87 51.14 -24.63
CA TRP H 48 -12.98 52.26 -24.93
C TRP H 48 -11.68 51.70 -25.51
N GLY H 49 -11.14 52.38 -26.53
CA GLY H 49 -9.87 52.01 -27.14
C GLY H 49 -8.78 52.36 -26.16
N THR H 50 -8.18 51.34 -25.55
CA THR H 50 -7.20 51.51 -24.48
C THR H 50 -5.78 51.11 -24.85
N TYR H 51 -4.82 51.90 -24.39
CA TYR H 51 -3.39 51.63 -24.53
C TYR H 51 -2.98 50.96 -23.21
N THR H 52 -2.41 49.76 -23.30
CA THR H 52 -1.99 48.97 -22.13
C THR H 52 -0.55 48.55 -22.27
N ARG H 53 0.23 48.70 -21.18
CA ARG H 53 1.61 48.25 -21.11
C ARG H 53 1.94 47.75 -19.71
N PRO H 54 2.80 46.71 -19.54
CA PRO H 54 3.16 46.28 -18.18
C PRO H 54 4.07 47.36 -17.57
N VAL H 55 3.91 47.68 -16.26
CA VAL H 55 4.73 48.74 -15.62
C VAL H 55 5.48 48.28 -14.39
N PHE H 56 4.87 47.42 -13.56
CA PHE H 56 5.45 47.00 -12.29
C PHE H 56 5.03 45.59 -11.94
N ALA H 57 5.80 44.90 -11.09
CA ALA H 57 5.52 43.55 -10.61
C ALA H 57 5.92 43.50 -9.14
N TYR H 58 5.04 42.99 -8.26
CA TYR H 58 5.32 42.94 -6.83
C TYR H 58 4.79 41.68 -6.16
N LEU H 59 5.32 41.37 -4.96
CA LEU H 59 4.92 40.22 -4.15
C LEU H 59 3.75 40.60 -3.24
N GLN H 60 2.57 40.01 -3.51
CA GLN H 60 1.34 40.20 -2.73
C GLN H 60 1.34 39.19 -1.60
N TYR H 61 0.94 39.61 -0.40
CA TYR H 61 0.89 38.73 0.76
C TYR H 61 -0.23 37.70 0.60
N VAL H 62 0.05 36.43 1.00
CA VAL H 62 -0.92 35.33 0.95
C VAL H 62 -1.25 34.86 2.37
N GLU H 63 -0.27 34.29 3.10
CA GLU H 63 -0.48 33.70 4.44
C GLU H 63 0.82 33.56 5.24
N THR H 64 0.68 33.48 6.58
CA THR H 64 1.77 33.19 7.52
C THR H 64 1.50 31.77 8.05
N ILE H 65 2.48 30.89 7.94
CA ILE H 65 2.39 29.48 8.35
C ILE H 65 3.26 29.22 9.55
N SER H 66 2.71 28.52 10.56
CA SER H 66 3.44 28.17 11.77
C SER H 66 3.53 26.66 11.96
N ILE H 67 4.78 26.12 11.97
CA ILE H 67 5.07 24.71 12.20
C ILE H 67 5.93 24.68 13.47
N PRO H 68 5.39 24.31 14.64
CA PRO H 68 6.20 24.39 15.88
C PRO H 68 7.23 23.27 16.12
N GLN H 69 7.17 22.16 15.34
CA GLN H 69 8.07 21.02 15.56
C GLN H 69 8.79 20.53 14.31
N ASN H 70 9.84 19.69 14.51
CA ASN H 70 10.63 19.07 13.43
C ASN H 70 9.82 17.91 12.82
N VAL H 71 8.71 18.29 12.17
CA VAL H 71 7.74 17.40 11.55
C VAL H 71 7.58 17.80 10.09
N THR H 72 7.65 16.81 9.18
CA THR H 72 7.42 17.02 7.75
C THR H 72 5.91 16.91 7.52
N THR H 73 5.32 17.95 6.92
CA THR H 73 3.88 18.02 6.66
C THR H 73 3.59 18.55 5.24
N THR H 74 2.34 18.39 4.79
CA THR H 74 1.88 18.87 3.48
C THR H 74 0.94 20.07 3.70
N LEU H 75 1.36 21.26 3.22
CA LEU H 75 0.60 22.49 3.41
C LEU H 75 -0.42 22.73 2.35
N SER H 76 -1.49 23.43 2.74
CA SER H 76 -2.59 23.81 1.89
C SER H 76 -2.85 25.30 2.09
N TYR H 77 -2.72 26.09 1.01
CA TYR H 77 -2.92 27.55 1.02
C TYR H 77 -3.70 27.99 -0.22
N GLN H 78 -4.31 29.18 -0.16
CA GLN H 78 -5.15 29.71 -1.23
C GLN H 78 -4.56 30.86 -2.02
N LEU H 79 -4.31 30.61 -3.33
CA LEU H 79 -3.83 31.62 -4.29
C LEU H 79 -5.06 32.05 -5.09
N THR H 80 -4.92 33.05 -5.98
CA THR H 80 -6.02 33.53 -6.84
C THR H 80 -5.61 33.61 -8.32
N LYS H 81 -6.60 33.60 -9.23
CA LYS H 81 -6.48 33.71 -10.69
C LYS H 81 -7.14 35.03 -11.11
N GLY H 82 -6.74 35.57 -12.25
CA GLY H 82 -7.32 36.79 -12.81
C GLY H 82 -6.94 38.06 -12.09
N HIS H 83 -7.82 39.09 -12.16
CA HIS H 83 -7.61 40.39 -11.50
C HIS H 83 -7.51 40.18 -9.99
N THR H 84 -6.77 41.03 -9.30
CA THR H 84 -6.56 40.86 -7.86
C THR H 84 -7.81 41.24 -7.08
N ARG H 85 -7.96 40.69 -5.85
CA ARG H 85 -9.10 41.02 -4.99
C ARG H 85 -9.11 42.51 -4.70
N SER H 86 -7.91 43.11 -4.55
CA SER H 86 -7.65 44.52 -4.28
C SER H 86 -8.05 45.41 -5.48
N PHE H 87 -7.74 44.97 -6.74
CA PHE H 87 -8.16 45.72 -7.93
C PHE H 87 -9.68 45.69 -8.09
N GLU H 88 -10.29 44.50 -7.94
CA GLU H 88 -11.74 44.27 -8.08
C GLU H 88 -12.57 45.23 -7.21
N THR H 89 -12.19 45.43 -5.94
CA THR H 89 -12.90 46.32 -5.03
C THR H 89 -12.62 47.82 -5.32
N SER H 90 -11.43 48.13 -5.90
CA SER H 90 -11.00 49.50 -6.22
C SER H 90 -11.79 50.16 -7.38
N VAL H 91 -12.59 49.38 -8.15
CA VAL H 91 -13.40 49.83 -9.29
C VAL H 91 -14.88 49.73 -8.94
N ASN H 92 -15.65 50.80 -9.23
CA ASN H 92 -17.09 50.82 -8.96
C ASN H 92 -17.93 50.61 -10.24
N ALA H 93 -17.42 51.04 -11.40
CA ALA H 93 -18.09 50.84 -12.67
C ALA H 93 -17.94 49.38 -13.16
N LYS H 94 -18.72 48.99 -14.18
CA LYS H 94 -18.63 47.67 -14.80
C LYS H 94 -17.27 47.63 -15.53
N TYR H 95 -16.47 46.58 -15.29
CA TYR H 95 -15.13 46.47 -15.87
C TYR H 95 -14.91 45.10 -16.49
N SER H 96 -14.61 45.07 -17.80
CA SER H 96 -14.40 43.82 -18.53
C SER H 96 -13.32 43.96 -19.61
N VAL H 97 -12.40 42.98 -19.68
CA VAL H 97 -11.29 42.92 -20.64
C VAL H 97 -11.40 41.63 -21.49
N GLY H 98 -11.17 41.76 -22.79
CA GLY H 98 -11.17 40.62 -23.70
C GLY H 98 -9.85 39.87 -23.58
N ALA H 99 -9.90 38.53 -23.48
CA ALA H 99 -8.75 37.63 -23.32
C ALA H 99 -7.60 37.86 -24.33
N ASN H 100 -7.90 38.41 -25.52
CA ASN H 100 -6.91 38.71 -26.56
C ASN H 100 -5.88 39.78 -26.18
N ILE H 101 -6.09 40.49 -25.05
CA ILE H 101 -5.18 41.51 -24.50
C ILE H 101 -3.85 40.87 -24.07
N ASP H 102 -3.82 39.53 -23.85
CA ASP H 102 -2.64 38.79 -23.41
C ASP H 102 -1.43 38.92 -24.38
N ILE H 103 -1.60 39.66 -25.50
CA ILE H 103 -0.52 39.96 -26.45
C ILE H 103 0.53 40.84 -25.76
N VAL H 104 0.09 41.69 -24.74
CA VAL H 104 1.00 42.49 -23.87
C VAL H 104 2.00 41.52 -23.25
N ASN H 105 1.51 40.43 -22.66
CA ASN H 105 2.33 39.43 -22.00
C ASN H 105 3.25 38.69 -22.95
N VAL H 106 2.72 38.12 -24.05
CA VAL H 106 3.52 37.39 -25.05
C VAL H 106 4.62 38.30 -25.60
N GLY H 107 4.23 39.51 -26.03
CA GLY H 107 5.14 40.53 -26.57
C GLY H 107 6.18 41.05 -25.60
N SER H 108 5.87 41.07 -24.29
CA SER H 108 6.75 41.53 -23.21
C SER H 108 7.50 40.35 -22.54
N GLU H 109 7.42 39.14 -23.15
CA GLU H 109 8.04 37.89 -22.69
C GLU H 109 7.59 37.49 -21.27
N ILE H 110 6.29 37.59 -21.02
CA ILE H 110 5.64 37.24 -19.75
C ILE H 110 4.57 36.17 -20.03
N SER H 111 4.50 35.17 -19.14
CA SER H 111 3.51 34.09 -19.15
C SER H 111 2.98 34.00 -17.73
N THR H 112 1.66 34.28 -17.55
CA THR H 112 1.01 34.25 -16.23
C THR H 112 1.02 32.88 -15.56
N GLY H 113 0.92 31.81 -16.36
CA GLY H 113 0.85 30.44 -15.87
C GLY H 113 -0.59 29.96 -15.84
N PHE H 114 -1.52 30.84 -16.23
CA PHE H 114 -2.96 30.57 -16.34
C PHE H 114 -3.36 30.70 -17.80
N THR H 115 -4.56 30.21 -18.14
CA THR H 115 -5.08 30.29 -19.50
C THR H 115 -5.44 31.73 -19.82
N ARG H 116 -5.41 32.09 -21.11
CA ARG H 116 -5.73 33.42 -21.63
C ARG H 116 -7.01 34.01 -20.99
N SER H 117 -8.08 33.19 -20.90
CA SER H 117 -9.36 33.61 -20.30
C SER H 117 -9.28 33.73 -18.76
N GLU H 118 -8.60 32.78 -18.08
CA GLU H 118 -8.42 32.76 -16.62
C GLU H 118 -7.68 34.03 -16.15
N SER H 119 -6.56 34.36 -16.85
CA SER H 119 -5.63 35.46 -16.59
C SER H 119 -6.24 36.85 -16.44
N TRP H 120 -7.20 37.22 -17.30
CA TRP H 120 -7.77 38.55 -17.34
C TRP H 120 -9.23 38.67 -16.87
N SER H 121 -9.78 37.64 -16.21
CA SER H 121 -11.16 37.71 -15.74
C SER H 121 -11.25 37.98 -14.23
N THR H 122 -12.44 37.75 -13.62
CA THR H 122 -12.70 37.98 -12.19
C THR H 122 -11.80 37.14 -11.29
N THR H 123 -11.53 37.66 -10.07
CA THR H 123 -10.70 36.99 -9.08
C THR H 123 -11.33 35.64 -8.68
N GLN H 124 -10.57 34.54 -8.81
CA GLN H 124 -11.00 33.19 -8.47
C GLN H 124 -9.96 32.50 -7.59
N SER H 125 -10.36 32.04 -6.41
CA SER H 125 -9.47 31.33 -5.48
C SER H 125 -9.24 29.90 -5.96
N PHE H 126 -8.08 29.34 -5.59
CA PHE H 126 -7.71 27.96 -5.91
C PHE H 126 -6.71 27.44 -4.88
N THR H 127 -6.69 26.12 -4.66
CA THR H 127 -5.79 25.50 -3.69
C THR H 127 -4.47 25.06 -4.31
N ASP H 128 -3.36 25.36 -3.63
CA ASP H 128 -2.02 24.92 -4.01
C ASP H 128 -1.43 24.21 -2.79
N THR H 129 -0.48 23.30 -3.04
CA THR H 129 0.11 22.48 -1.99
C THR H 129 1.64 22.47 -2.05
N THR H 130 2.29 22.40 -0.86
CA THR H 130 3.76 22.36 -0.70
C THR H 130 4.14 21.49 0.50
N GLU H 131 5.16 20.63 0.32
CA GLU H 131 5.70 19.78 1.37
C GLU H 131 6.67 20.64 2.19
N MET H 132 6.39 20.79 3.49
CA MET H 132 7.17 21.64 4.40
C MET H 132 7.57 20.94 5.68
N LYS H 133 8.80 21.18 6.17
CA LYS H 133 9.26 20.64 7.44
C LYS H 133 9.64 21.75 8.41
N GLY H 134 9.22 21.60 9.66
CA GLY H 134 9.51 22.59 10.70
C GLY H 134 10.72 22.23 11.53
N PRO H 135 10.98 22.92 12.67
CA PRO H 135 10.21 24.04 13.24
C PRO H 135 10.48 25.37 12.56
N GLY H 136 9.48 26.23 12.53
CA GLY H 136 9.60 27.56 11.92
C GLY H 136 8.30 28.23 11.53
N THR H 137 8.40 29.54 11.27
CA THR H 137 7.31 30.38 10.80
C THR H 137 7.69 30.83 9.39
N PHE H 138 6.71 30.79 8.46
CA PHE H 138 6.94 31.09 7.04
C PHE H 138 5.89 32.02 6.50
N VAL H 139 6.26 32.82 5.49
CA VAL H 139 5.38 33.78 4.82
C VAL H 139 5.28 33.37 3.36
N ILE H 140 4.05 33.34 2.82
CA ILE H 140 3.77 33.01 1.42
C ILE H 140 3.35 34.28 0.70
N TYR H 141 3.94 34.51 -0.48
CA TYR H 141 3.66 35.64 -1.35
C TYR H 141 3.32 35.12 -2.73
N GLN H 142 2.47 35.86 -3.47
CA GLN H 142 2.11 35.53 -4.85
C GLN H 142 2.43 36.73 -5.74
N VAL H 143 3.02 36.48 -6.92
CA VAL H 143 3.40 37.53 -7.86
C VAL H 143 2.17 38.20 -8.49
N VAL H 144 2.16 39.54 -8.48
CA VAL H 144 1.12 40.37 -9.08
C VAL H 144 1.77 41.20 -10.21
N LEU H 145 1.11 41.27 -11.39
CA LEU H 145 1.56 42.06 -12.54
C LEU H 145 0.70 43.31 -12.65
N VAL H 146 1.34 44.48 -12.67
CA VAL H 146 0.68 45.79 -12.74
C VAL H 146 0.77 46.34 -14.17
N TYR H 147 -0.37 46.85 -14.68
CA TYR H 147 -0.48 47.42 -16.02
C TYR H 147 -0.96 48.84 -15.93
N ALA H 148 -0.43 49.70 -16.80
CA ALA H 148 -0.85 51.10 -16.88
C ALA H 148 -1.75 51.20 -18.10
N HIS H 149 -2.90 51.88 -17.95
CA HIS H 149 -3.87 52.00 -19.03
C HIS H 149 -4.23 53.43 -19.36
N ASN H 150 -4.49 53.67 -20.64
CA ASN H 150 -5.01 54.93 -21.17
C ASN H 150 -6.30 54.60 -21.88
N ALA H 151 -7.42 54.63 -21.14
CA ALA H 151 -8.75 54.38 -21.69
C ALA H 151 -9.21 55.68 -22.30
N THR H 152 -8.97 55.79 -23.62
CA THR H 152 -9.27 56.97 -24.42
C THR H 152 -10.77 57.36 -24.39
N SER H 153 -11.04 58.66 -24.09
CA SER H 153 -12.37 59.30 -24.01
C SER H 153 -13.20 58.89 -22.76
N ALA H 154 -12.67 57.97 -21.93
CA ALA H 154 -13.36 57.45 -20.74
C ALA H 154 -13.38 58.41 -19.54
N GLY H 155 -12.46 59.36 -19.50
CA GLY H 155 -12.29 60.32 -18.41
C GLY H 155 -13.53 61.10 -17.99
N ARG H 156 -14.37 61.50 -18.96
CA ARG H 156 -15.59 62.27 -18.70
C ARG H 156 -16.64 61.41 -17.96
N GLN H 157 -16.78 60.14 -18.35
CA GLN H 157 -17.75 59.22 -17.76
C GLN H 157 -17.26 58.48 -16.51
N ASN H 158 -16.03 57.92 -16.54
CA ASN H 158 -15.52 57.07 -15.47
C ASN H 158 -14.31 57.61 -14.69
N ALA H 159 -14.25 58.95 -14.45
CA ALA H 159 -13.15 59.53 -13.67
C ALA H 159 -13.21 59.04 -12.23
N ASN H 160 -14.41 59.11 -11.64
CA ASN H 160 -14.77 58.72 -10.27
C ASN H 160 -14.87 57.19 -10.05
N ALA H 161 -14.85 56.38 -11.14
CA ALA H 161 -14.94 54.91 -11.10
C ALA H 161 -13.79 54.25 -10.34
N PHE H 162 -12.56 54.75 -10.54
CA PHE H 162 -11.34 54.22 -9.92
C PHE H 162 -10.92 55.09 -8.73
N ALA H 163 -10.39 54.45 -7.67
CA ALA H 163 -9.91 55.12 -6.46
C ALA H 163 -8.70 56.01 -6.75
N TYR H 164 -7.81 55.58 -7.68
CA TYR H 164 -6.63 56.32 -8.12
C TYR H 164 -6.67 56.42 -9.63
N SER H 165 -6.84 57.63 -10.16
CA SER H 165 -6.93 57.89 -11.61
C SER H 165 -6.41 59.28 -11.99
N LYS H 166 -6.16 59.50 -13.28
CA LYS H 166 -5.68 60.79 -13.82
C LYS H 166 -6.38 61.06 -15.15
N THR H 167 -6.98 62.25 -15.30
CA THR H 167 -7.61 62.66 -16.56
C THR H 167 -6.67 63.57 -17.36
N GLN H 168 -6.78 63.53 -18.69
CA GLN H 168 -5.96 64.32 -19.60
C GLN H 168 -6.79 64.69 -20.83
N ALA H 169 -7.07 65.99 -21.00
CA ALA H 169 -7.84 66.48 -22.15
C ALA H 169 -6.97 66.54 -23.41
N VAL H 170 -7.43 65.86 -24.48
CA VAL H 170 -6.77 65.82 -25.80
C VAL H 170 -7.83 66.34 -26.78
N GLY H 171 -7.86 67.66 -26.93
CA GLY H 171 -8.86 68.35 -27.75
C GLY H 171 -10.21 68.35 -27.06
N SER H 172 -11.25 67.85 -27.77
CA SER H 172 -12.63 67.74 -27.27
C SER H 172 -12.84 66.44 -26.47
N ARG H 173 -11.79 65.61 -26.38
CA ARG H 173 -11.74 64.29 -25.76
C ARG H 173 -11.04 64.33 -24.39
N VAL H 174 -11.48 63.47 -23.44
CA VAL H 174 -10.90 63.35 -22.09
C VAL H 174 -10.41 61.90 -21.81
N ASP H 175 -9.09 61.69 -21.89
CA ASP H 175 -8.44 60.40 -21.64
C ASP H 175 -8.46 60.03 -20.15
N LEU H 176 -8.55 58.71 -19.85
CA LEU H 176 -8.55 58.19 -18.48
C LEU H 176 -7.32 57.33 -18.24
N TYR H 177 -6.50 57.70 -17.25
CA TYR H 177 -5.28 56.99 -16.89
C TYR H 177 -5.48 56.33 -15.55
N TYR H 178 -5.33 55.00 -15.52
CA TYR H 178 -5.49 54.19 -14.32
C TYR H 178 -4.54 52.98 -14.39
N LEU H 179 -4.51 52.20 -13.31
CA LEU H 179 -3.69 51.00 -13.15
C LEU H 179 -4.56 49.79 -12.84
N SER H 180 -4.16 48.61 -13.36
CA SER H 180 -4.83 47.34 -13.11
C SER H 180 -3.82 46.26 -12.73
N ALA H 181 -4.27 45.31 -11.90
CA ALA H 181 -3.46 44.20 -11.40
C ALA H 181 -4.10 42.84 -11.64
N ILE H 182 -3.27 41.87 -12.07
CA ILE H 182 -3.61 40.46 -12.30
C ILE H 182 -2.55 39.61 -11.58
N THR H 183 -2.86 38.37 -11.20
CA THR H 183 -1.90 37.49 -10.52
C THR H 183 -1.22 36.55 -11.50
N GLN H 184 -0.12 35.93 -11.06
CA GLN H 184 0.62 34.92 -11.81
C GLN H 184 0.64 33.63 -10.99
N ARG H 185 0.72 32.47 -11.67
CA ARG H 185 0.79 31.15 -11.04
C ARG H 185 2.23 31.00 -10.56
N LYS H 186 2.66 31.92 -9.67
CA LYS H 186 4.00 32.03 -9.13
C LYS H 186 3.92 32.46 -7.68
N ARG H 187 4.47 31.66 -6.79
CA ARG H 187 4.46 31.95 -5.37
C ARG H 187 5.82 31.66 -4.74
N VAL H 188 6.09 32.32 -3.60
CA VAL H 188 7.33 32.12 -2.89
C VAL H 188 7.06 31.92 -1.37
N ILE H 189 7.65 30.87 -0.79
CA ILE H 189 7.53 30.58 0.64
C ILE H 189 8.88 30.92 1.30
N VAL H 190 8.89 32.01 2.07
CA VAL H 190 10.06 32.59 2.72
C VAL H 190 10.04 32.37 4.26
N PRO H 191 11.18 32.00 4.92
CA PRO H 191 11.16 31.91 6.40
C PRO H 191 10.93 33.31 6.97
N SER H 192 10.08 33.44 8.01
CA SER H 192 9.68 34.73 8.61
C SER H 192 10.85 35.66 8.99
N SER H 193 12.03 35.10 9.34
CA SER H 193 13.23 35.86 9.68
C SER H 193 13.77 36.63 8.48
N ASN H 194 13.54 36.11 7.27
CA ASN H 194 13.97 36.72 6.02
C ASN H 194 12.86 37.53 5.37
N ALA H 195 11.60 37.33 5.80
CA ALA H 195 10.40 37.97 5.24
C ALA H 195 10.50 39.48 5.14
N VAL H 196 10.06 40.00 4.00
CA VAL H 196 10.06 41.42 3.69
C VAL H 196 8.62 41.94 3.88
N THR H 197 8.46 43.24 4.12
CA THR H 197 7.13 43.84 4.26
C THR H 197 6.49 43.94 2.86
N PRO H 198 5.33 43.31 2.60
CA PRO H 198 4.75 43.39 1.25
C PRO H 198 4.13 44.73 0.93
N LEU H 199 4.20 45.14 -0.33
CA LEU H 199 3.57 46.37 -0.80
C LEU H 199 2.09 46.03 -0.99
N ASP H 200 1.20 47.02 -0.86
CA ASP H 200 -0.22 46.84 -1.10
C ASP H 200 -0.65 47.64 -2.33
N TRP H 201 -1.85 47.36 -2.87
CA TRP H 201 -2.37 47.98 -4.09
C TRP H 201 -2.44 49.51 -4.05
N ASP H 202 -2.81 50.13 -2.90
CA ASP H 202 -2.88 51.58 -2.81
C ASP H 202 -1.49 52.22 -2.85
N THR H 203 -0.48 51.61 -2.18
CA THR H 203 0.91 52.10 -2.19
C THR H 203 1.43 52.06 -3.63
N VAL H 204 1.20 50.93 -4.33
CA VAL H 204 1.64 50.70 -5.70
C VAL H 204 1.01 51.74 -6.64
N GLN H 205 -0.29 52.03 -6.49
CA GLN H 205 -1.00 53.03 -7.30
C GLN H 205 -0.52 54.46 -7.02
N ARG H 206 -0.35 54.83 -5.72
CA ARG H 206 0.14 56.15 -5.28
C ARG H 206 1.52 56.45 -5.87
N ASN H 207 2.42 55.46 -5.83
CA ASN H 207 3.78 55.62 -6.30
C ASN H 207 4.00 55.42 -7.80
N VAL H 208 3.40 54.38 -8.41
CA VAL H 208 3.59 54.11 -9.83
C VAL H 208 2.85 55.15 -10.70
N LEU H 209 1.54 55.32 -10.51
CA LEU H 209 0.77 56.26 -11.31
C LEU H 209 0.85 57.70 -10.84
N MET H 210 0.33 57.98 -9.62
CA MET H 210 0.23 59.30 -9.03
C MET H 210 1.54 60.06 -8.88
N GLU H 211 2.61 59.38 -8.44
CA GLU H 211 3.91 60.03 -8.23
C GLU H 211 4.93 59.89 -9.36
N ASN H 212 4.90 58.78 -10.13
CA ASN H 212 5.91 58.54 -11.17
C ASN H 212 5.42 58.58 -12.62
N TYR H 213 4.23 59.16 -12.89
CA TYR H 213 3.75 59.28 -14.27
C TYR H 213 3.00 60.57 -14.53
N ASN H 214 3.43 61.28 -15.58
CA ASN H 214 2.82 62.53 -16.01
C ASN H 214 2.11 62.37 -17.38
N PRO H 215 0.75 62.36 -17.38
CA PRO H 215 0.01 62.17 -18.65
C PRO H 215 0.25 63.23 -19.71
N GLY H 216 0.46 64.48 -19.27
CA GLY H 216 0.70 65.65 -20.11
C GLY H 216 1.92 65.55 -21.00
N SER H 217 3.04 65.08 -20.44
CA SER H 217 4.30 64.91 -21.15
C SER H 217 4.56 63.47 -21.58
N ASN H 218 3.72 62.51 -21.10
CA ASN H 218 3.87 61.05 -21.31
C ASN H 218 5.28 60.66 -20.89
N SER H 219 5.61 60.99 -19.63
CA SER H 219 6.93 60.75 -19.04
C SER H 219 6.86 60.54 -17.53
N GLY H 220 7.95 60.04 -16.99
CA GLY H 220 8.15 59.73 -15.58
C GLY H 220 9.05 58.53 -15.49
N HIS H 221 8.68 57.53 -14.66
CA HIS H 221 9.51 56.32 -14.58
C HIS H 221 9.25 55.38 -15.76
N PHE H 222 8.17 55.64 -16.54
CA PHE H 222 7.76 54.90 -17.72
C PHE H 222 6.97 55.80 -18.69
N SER H 223 6.82 55.34 -19.94
CA SER H 223 6.02 56.02 -20.96
C SER H 223 5.34 55.02 -21.91
N PHE H 224 4.14 55.39 -22.40
CA PHE H 224 3.38 54.58 -23.34
C PHE H 224 3.97 54.73 -24.73
N ASP H 225 3.81 53.71 -25.58
CA ASP H 225 4.26 53.73 -26.96
C ASP H 225 3.00 53.78 -27.83
N TRP H 226 2.60 55.00 -28.22
CA TRP H 226 1.40 55.21 -29.04
C TRP H 226 1.48 54.61 -30.46
N SER H 227 2.66 54.08 -30.89
CA SER H 227 2.81 53.45 -32.21
C SER H 227 2.04 52.11 -32.33
N ALA H 228 1.53 51.59 -31.19
CA ALA H 228 0.73 50.37 -31.09
C ALA H 228 -0.54 50.46 -31.95
N TYR H 229 -1.10 51.69 -32.07
CA TYR H 229 -2.29 52.02 -32.87
C TYR H 229 -2.10 51.66 -34.36
N ASN H 230 -0.86 51.67 -34.86
CA ASN H 230 -0.57 51.39 -36.27
C ASN H 230 0.10 50.02 -36.52
N ASP H 231 0.39 49.26 -35.44
CA ASP H 231 0.99 47.92 -35.58
C ASP H 231 -0.09 46.85 -35.48
N PRO H 232 -0.28 46.00 -36.53
CA PRO H 232 -1.31 44.94 -36.44
C PRO H 232 -0.92 43.84 -35.44
N HIS H 233 0.40 43.64 -35.22
CA HIS H 233 0.94 42.68 -34.28
C HIS H 233 0.71 43.13 -32.83
N ARG H 234 0.39 44.42 -32.63
CA ARG H 234 0.15 44.99 -31.30
C ARG H 234 -1.27 45.55 -31.12
N ARG H 235 -2.23 45.03 -31.91
CA ARG H 235 -3.64 45.38 -31.80
C ARG H 235 -4.47 44.12 -31.59
N TYR H 236 -5.47 44.15 -30.68
CA TYR H 236 -6.32 42.99 -30.41
C TYR H 236 -7.80 43.25 -30.64
N SER I 1 24.10 40.19 -29.89
CA SER I 1 24.20 40.58 -31.30
C SER I 1 25.32 39.79 -32.03
N GLY I 2 26.56 40.29 -31.95
CA GLY I 2 27.75 39.66 -32.52
C GLY I 2 28.12 38.34 -31.87
N ARG I 3 27.36 37.97 -30.82
CA ARG I 3 27.46 36.74 -30.04
C ARG I 3 27.04 35.55 -30.90
N PHE I 4 26.20 35.81 -31.93
CA PHE I 4 25.69 34.80 -32.84
C PHE I 4 26.77 34.18 -33.71
N ASP I 5 27.85 34.93 -33.99
CA ASP I 5 28.99 34.38 -34.73
C ASP I 5 29.83 33.48 -33.81
N GLN I 6 29.67 33.63 -32.48
CA GLN I 6 30.36 32.82 -31.47
C GLN I 6 29.66 31.47 -31.18
N TYR I 7 28.36 31.32 -31.52
CA TYR I 7 27.62 30.08 -31.31
C TYR I 7 28.12 29.00 -32.29
N PRO I 8 28.32 27.74 -31.86
CA PRO I 8 28.79 26.71 -32.79
C PRO I 8 27.73 26.19 -33.73
N THR I 9 28.13 25.37 -34.72
CA THR I 9 27.23 24.71 -35.66
C THR I 9 27.19 23.24 -35.27
N LYS I 10 25.96 22.70 -35.10
CA LYS I 10 25.73 21.31 -34.72
C LYS I 10 24.90 20.58 -35.78
N LYS I 11 25.15 19.27 -35.93
CA LYS I 11 24.44 18.43 -36.92
C LYS I 11 23.92 17.16 -36.23
N GLY I 12 22.62 16.96 -36.36
CA GLY I 12 21.93 15.80 -35.80
C GLY I 12 21.61 15.98 -34.34
N ASP I 13 20.50 15.34 -33.87
CA ASP I 13 20.01 15.35 -32.51
C ASP I 13 21.06 15.07 -31.44
N PHE I 14 21.99 14.12 -31.67
CA PHE I 14 23.04 13.78 -30.72
C PHE I 14 23.89 15.00 -30.35
N ALA I 15 24.32 15.78 -31.38
CA ALA I 15 25.15 16.97 -31.23
C ALA I 15 24.35 18.13 -30.66
N ILE I 16 23.13 18.39 -31.20
CA ILE I 16 22.24 19.47 -30.74
C ILE I 16 21.82 19.26 -29.26
N ASP I 17 21.19 18.10 -28.95
CA ASP I 17 20.71 17.74 -27.62
C ASP I 17 21.84 17.67 -26.61
N GLY I 18 22.97 17.10 -27.01
CA GLY I 18 24.15 17.00 -26.15
C GLY I 18 24.66 18.36 -25.73
N TYR I 19 24.66 19.32 -26.69
CA TYR I 19 25.10 20.69 -26.48
C TYR I 19 24.14 21.47 -25.59
N LEU I 20 22.84 21.53 -26.00
CA LEU I 20 21.77 22.28 -25.33
C LEU I 20 21.34 21.73 -23.97
N LEU I 21 21.25 20.38 -23.83
CA LEU I 21 20.84 19.72 -22.58
C LEU I 21 22.05 19.32 -21.70
N ASP I 22 22.56 20.31 -20.94
CA ASP I 22 23.66 20.21 -19.99
C ASP I 22 23.22 21.02 -18.76
N TYR I 23 22.79 20.33 -17.68
CA TYR I 23 22.27 20.97 -16.46
C TYR I 23 23.35 21.77 -15.70
N SER I 24 24.62 21.37 -15.87
CA SER I 24 25.75 22.05 -15.21
C SER I 24 26.08 23.35 -15.93
N SER I 25 26.34 23.29 -17.25
CA SER I 25 26.67 24.48 -18.03
C SER I 25 25.72 24.61 -19.24
N PRO I 26 24.50 25.18 -19.06
CA PRO I 26 23.58 25.31 -20.20
C PRO I 26 24.06 26.31 -21.24
N LYS I 27 23.57 26.17 -22.49
CA LYS I 27 23.95 27.03 -23.59
C LYS I 27 22.76 27.61 -24.31
N GLN I 28 22.84 28.91 -24.58
CA GLN I 28 21.79 29.71 -25.20
C GLN I 28 21.23 29.14 -26.49
N GLY I 29 22.12 28.80 -27.42
CA GLY I 29 21.74 28.28 -28.73
C GLY I 29 22.92 27.79 -29.55
N CYS I 30 22.62 27.31 -30.76
CA CYS I 30 23.59 26.79 -31.73
C CYS I 30 23.00 26.80 -33.13
N TRP I 31 23.85 26.98 -34.15
CA TRP I 31 23.41 26.92 -35.54
C TRP I 31 23.23 25.43 -35.88
N VAL I 32 22.30 25.12 -36.79
CA VAL I 32 22.00 23.74 -37.16
C VAL I 32 22.34 23.48 -38.64
N ASP I 33 23.13 22.43 -38.90
CA ASP I 33 23.46 22.00 -40.26
C ASP I 33 22.37 20.99 -40.68
N GLY I 34 21.58 21.37 -41.66
CA GLY I 34 20.49 20.51 -42.13
C GLY I 34 20.22 20.61 -43.62
N ILE I 35 19.46 19.64 -44.11
CA ILE I 35 19.07 19.54 -45.53
C ILE I 35 18.01 20.60 -45.90
N THR I 36 17.78 20.79 -47.20
CA THR I 36 16.75 21.70 -47.71
C THR I 36 15.72 20.80 -48.36
N VAL I 37 14.44 21.16 -48.20
CA VAL I 37 13.32 20.39 -48.74
C VAL I 37 12.39 21.34 -49.49
N TYR I 38 11.64 20.82 -50.48
CA TYR I 38 10.70 21.67 -51.22
C TYR I 38 9.29 21.08 -51.19
N GLY I 39 8.32 21.94 -50.89
CA GLY I 39 6.92 21.57 -50.81
C GLY I 39 6.03 22.73 -50.40
N ASP I 40 4.70 22.53 -50.45
CA ASP I 40 3.71 23.55 -50.11
C ASP I 40 3.70 23.95 -48.64
N ILE I 41 3.42 25.24 -48.38
CA ILE I 41 3.18 25.87 -47.08
C ILE I 41 2.09 26.91 -47.34
N TYR I 42 0.99 26.83 -46.59
CA TYR I 42 -0.14 27.75 -46.75
C TYR I 42 0.13 29.04 -46.01
N ILE I 43 0.18 30.17 -46.74
CA ILE I 43 0.37 31.51 -46.17
C ILE I 43 -0.67 32.45 -46.79
N GLY I 44 -1.49 33.06 -45.94
CA GLY I 44 -2.51 34.01 -46.35
C GLY I 44 -3.75 33.41 -46.99
N LYS I 45 -3.80 33.43 -48.33
CA LYS I 45 -4.97 32.96 -49.11
C LYS I 45 -4.68 31.74 -49.98
N GLN I 46 -3.44 31.21 -50.01
CA GLN I 46 -3.10 30.04 -50.83
C GLN I 46 -1.84 29.33 -50.32
N ASN I 47 -1.49 28.20 -50.99
CA ASN I 47 -0.27 27.43 -50.74
C ASN I 47 0.83 28.05 -51.60
N TRP I 48 2.07 27.93 -51.15
CA TRP I 48 3.26 28.41 -51.86
C TRP I 48 4.34 27.32 -51.79
N GLY I 49 5.05 27.11 -52.89
CA GLY I 49 6.14 26.16 -52.96
C GLY I 49 7.29 26.74 -52.16
N THR I 50 7.56 26.17 -50.98
CA THR I 50 8.53 26.70 -50.04
C THR I 50 9.78 25.82 -49.87
N TYR I 51 10.95 26.47 -49.78
CA TYR I 51 12.22 25.83 -49.48
C TYR I 51 12.41 25.99 -47.98
N THR I 52 12.57 24.86 -47.27
CA THR I 52 12.69 24.84 -45.82
C THR I 52 13.96 24.15 -45.42
N ARG I 53 14.73 24.77 -44.50
CA ARG I 53 15.94 24.15 -43.98
C ARG I 53 16.11 24.44 -42.46
N PRO I 54 16.63 23.50 -41.64
CA PRO I 54 16.88 23.82 -40.21
C PRO I 54 18.08 24.78 -40.12
N VAL I 55 17.96 25.86 -39.34
CA VAL I 55 19.07 26.83 -39.26
C VAL I 55 19.63 27.02 -37.84
N PHE I 56 18.75 27.00 -36.82
CA PHE I 56 19.15 27.27 -35.44
C PHE I 56 18.32 26.46 -34.43
N ALA I 57 18.86 26.31 -33.21
CA ALA I 57 18.18 25.64 -32.10
C ALA I 57 18.55 26.38 -30.81
N TYR I 58 17.56 26.74 -29.98
CA TYR I 58 17.82 27.47 -28.75
C TYR I 58 16.94 27.04 -27.57
N LEU I 59 17.36 27.38 -26.34
CA LEU I 59 16.63 27.08 -25.10
C LEU I 59 15.62 28.20 -24.79
N GLN I 60 14.32 27.87 -24.89
CA GLN I 60 13.21 28.78 -24.58
C GLN I 60 12.92 28.67 -23.09
N TYR I 61 12.67 29.81 -22.45
CA TYR I 61 12.34 29.83 -21.03
C TYR I 61 10.96 29.24 -20.78
N VAL I 62 10.84 28.44 -19.70
CA VAL I 62 9.57 27.82 -19.28
C VAL I 62 9.11 28.39 -17.93
N GLU I 63 9.87 28.15 -16.85
CA GLU I 63 9.49 28.55 -15.50
C GLU I 63 10.68 28.59 -14.52
N THR I 64 10.53 29.37 -13.42
CA THR I 64 11.47 29.44 -12.30
C THR I 64 10.76 28.73 -11.12
N ILE I 65 11.44 27.74 -10.53
CA ILE I 65 10.91 26.93 -9.43
C ILE I 65 11.69 27.21 -8.15
N SER I 66 10.95 27.42 -7.04
CA SER I 66 11.54 27.68 -5.74
C SER I 66 11.17 26.62 -4.71
N ILE I 67 12.18 25.89 -4.19
CA ILE I 67 12.03 24.87 -3.14
C ILE I 67 12.85 25.38 -1.95
N PRO I 68 12.23 25.94 -0.89
CA PRO I 68 13.03 26.53 0.19
C PRO I 68 13.67 25.55 1.20
N GLN I 69 13.27 24.26 1.21
CA GLN I 69 13.78 23.29 2.18
C GLN I 69 14.31 21.99 1.58
N ASN I 70 15.07 21.22 2.39
CA ASN I 70 15.62 19.91 2.02
C ASN I 70 14.49 18.86 2.05
N VAL I 71 13.54 19.02 1.12
CA VAL I 71 12.35 18.22 0.96
C VAL I 71 12.31 17.67 -0.47
N THR I 72 12.07 16.36 -0.62
CA THR I 72 11.90 15.72 -1.93
C THR I 72 10.41 15.92 -2.30
N THR I 73 10.15 16.63 -3.41
CA THR I 73 8.81 16.98 -3.88
C THR I 73 8.60 16.48 -5.33
N THR I 74 7.37 16.66 -5.87
CA THR I 74 7.02 16.29 -7.25
C THR I 74 6.62 17.55 -7.99
N LEU I 75 7.38 17.93 -9.03
CA LEU I 75 7.13 19.14 -9.82
C LEU I 75 6.16 18.92 -10.95
N SER I 76 5.41 19.97 -11.25
CA SER I 76 4.44 20.00 -12.32
C SER I 76 4.61 21.33 -13.04
N TYR I 77 4.94 21.28 -14.33
CA TYR I 77 5.17 22.46 -15.18
C TYR I 77 4.52 22.22 -16.55
N GLN I 78 4.29 23.30 -17.30
CA GLN I 78 3.66 23.24 -18.63
C GLN I 78 4.65 23.46 -19.77
N LEU I 79 4.68 22.50 -20.72
CA LEU I 79 5.50 22.59 -21.93
C LEU I 79 4.53 22.76 -23.09
N THR I 80 5.03 22.99 -24.31
CA THR I 80 4.14 23.12 -25.47
C THR I 80 4.55 22.18 -26.62
N LYS I 81 3.61 21.87 -27.53
CA LYS I 81 3.75 21.05 -28.75
C LYS I 81 3.52 21.97 -29.95
N GLY I 82 4.08 21.61 -31.10
CA GLY I 82 3.89 22.35 -32.34
C GLY I 82 4.65 23.66 -32.41
N HIS I 83 4.13 24.62 -33.21
CA HIS I 83 4.73 25.95 -33.36
C HIS I 83 4.79 26.66 -32.02
N THR I 84 5.79 27.52 -31.81
CA THR I 84 5.94 28.22 -30.54
C THR I 84 4.85 29.27 -30.35
N ARG I 85 4.56 29.63 -29.07
CA ARG I 85 3.57 30.66 -28.74
C ARG I 85 4.05 32.00 -29.34
N SER I 86 5.39 32.24 -29.34
CA SER I 86 6.03 33.41 -29.93
C SER I 86 5.85 33.46 -31.46
N PHE I 87 6.06 32.32 -32.16
CA PHE I 87 5.86 32.28 -33.61
C PHE I 87 4.39 32.55 -33.98
N GLU I 88 3.44 31.88 -33.28
CA GLU I 88 2.00 32.01 -33.51
C GLU I 88 1.51 33.45 -33.50
N THR I 89 1.96 34.26 -32.51
CA THR I 89 1.56 35.67 -32.43
C THR I 89 2.31 36.55 -33.45
N SER I 90 3.51 36.14 -33.89
CA SER I 90 4.34 36.87 -34.84
C SER I 90 3.80 36.87 -36.30
N VAL I 91 2.78 36.02 -36.60
CA VAL I 91 2.13 35.89 -37.92
C VAL I 91 0.69 36.41 -37.85
N ASN I 92 0.29 37.23 -38.83
CA ASN I 92 -1.07 37.77 -38.90
C ASN I 92 -1.92 37.07 -39.98
N ALA I 93 -1.28 36.54 -41.04
CA ALA I 93 -1.98 35.80 -42.08
C ALA I 93 -2.30 34.37 -41.62
N LYS I 94 -3.19 33.65 -42.36
CA LYS I 94 -3.51 32.24 -42.10
C LYS I 94 -2.24 31.45 -42.43
N TYR I 95 -1.81 30.57 -41.50
CA TYR I 95 -0.57 29.83 -41.68
C TYR I 95 -0.76 28.35 -41.37
N SER I 96 -0.49 27.49 -42.34
CA SER I 96 -0.66 26.04 -42.20
C SER I 96 0.40 25.25 -42.94
N VAL I 97 0.96 24.22 -42.29
CA VAL I 97 2.01 23.35 -42.85
C VAL I 97 1.52 21.88 -42.82
N GLY I 98 1.76 21.16 -43.91
CA GLY I 98 1.42 19.75 -44.01
C GLY I 98 2.45 18.92 -43.27
N ALA I 99 1.99 17.96 -42.45
CA ALA I 99 2.82 17.07 -41.61
C ALA I 99 3.97 16.37 -42.34
N ASN I 100 3.86 16.18 -43.68
CA ASN I 100 4.88 15.55 -44.51
C ASN I 100 6.19 16.34 -44.62
N ILE I 101 6.20 17.62 -44.16
CA ILE I 101 7.37 18.49 -44.11
C ILE I 101 8.46 17.90 -43.21
N ASP I 102 8.06 17.01 -42.25
CA ASP I 102 8.96 16.33 -41.32
C ASP I 102 10.07 15.49 -41.99
N ILE I 103 10.09 15.44 -43.34
CA ILE I 103 11.19 14.82 -44.10
C ILE I 103 12.47 15.64 -43.82
N VAL I 104 12.28 16.98 -43.58
CA VAL I 104 13.31 17.94 -43.23
C VAL I 104 14.07 17.46 -41.97
N ASN I 105 13.33 17.02 -40.96
CA ASN I 105 13.93 16.54 -39.72
C ASN I 105 14.58 15.18 -39.89
N VAL I 106 13.89 14.22 -40.53
CA VAL I 106 14.43 12.88 -40.77
C VAL I 106 15.79 12.98 -41.52
N GLY I 107 15.81 13.76 -42.60
CA GLY I 107 16.99 14.01 -43.41
C GLY I 107 18.12 14.73 -42.68
N SER I 108 17.78 15.57 -41.67
CA SER I 108 18.74 16.35 -40.87
C SER I 108 19.08 15.68 -39.53
N GLU I 109 18.67 14.39 -39.38
CA GLU I 109 18.88 13.56 -38.18
C GLU I 109 18.17 14.13 -36.93
N ILE I 110 17.07 14.87 -37.12
CA ILE I 110 16.29 15.46 -36.03
C ILE I 110 14.96 14.71 -35.83
N SER I 111 14.58 14.51 -34.56
CA SER I 111 13.34 13.89 -34.08
C SER I 111 12.82 14.81 -32.98
N THR I 112 11.64 15.43 -33.19
CA THR I 112 11.04 16.34 -32.23
C THR I 112 10.63 15.69 -30.91
N GLY I 113 10.20 14.43 -30.97
CA GLY I 113 9.73 13.69 -29.81
C GLY I 113 8.22 13.68 -29.74
N PHE I 114 7.56 14.36 -30.71
CA PHE I 114 6.13 14.44 -30.87
C PHE I 114 5.76 13.76 -32.19
N THR I 115 4.46 13.48 -32.40
CA THR I 115 3.98 12.86 -33.63
C THR I 115 4.09 13.85 -34.78
N ARG I 116 4.23 13.34 -36.01
CA ARG I 116 4.35 14.14 -37.24
C ARG I 116 3.31 15.28 -37.30
N SER I 117 2.04 14.98 -36.96
CA SER I 117 0.97 15.97 -36.97
C SER I 117 1.05 16.95 -35.79
N GLU I 118 1.41 16.46 -34.57
CA GLU I 118 1.56 17.28 -33.35
C GLU I 118 2.67 18.35 -33.56
N SER I 119 3.83 17.91 -34.10
CA SER I 119 5.07 18.67 -34.35
C SER I 119 4.92 19.98 -35.12
N TRP I 120 4.11 19.98 -36.17
CA TRP I 120 3.99 21.14 -37.07
C TRP I 120 2.64 21.85 -37.02
N SER I 121 1.81 21.60 -36.00
CA SER I 121 0.51 22.28 -35.91
C SER I 121 0.52 23.40 -34.86
N THR I 122 -0.67 23.89 -34.45
CA THR I 122 -0.84 24.99 -33.50
C THR I 122 -0.24 24.67 -32.13
N THR I 123 0.19 25.71 -31.40
CA THR I 123 0.77 25.57 -30.07
C THR I 123 -0.25 24.95 -29.10
N GLN I 124 0.14 23.84 -28.45
CA GLN I 124 -0.70 23.13 -27.48
C GLN I 124 0.08 22.87 -26.20
N SER I 125 -0.43 23.33 -25.06
CA SER I 125 0.20 23.12 -23.75
C SER I 125 -0.02 21.69 -23.27
N PHE I 126 0.90 21.17 -22.47
CA PHE I 126 0.83 19.84 -21.87
C PHE I 126 1.62 19.80 -20.57
N THR I 127 1.24 18.93 -19.63
CA THR I 127 1.91 18.82 -18.35
C THR I 127 3.00 17.76 -18.35
N ASP I 128 4.16 18.11 -17.80
CA ASP I 128 5.29 17.20 -17.61
C ASP I 128 5.65 17.25 -16.13
N THR I 129 6.26 16.17 -15.62
CA THR I 129 6.55 16.00 -14.21
C THR I 129 8.01 15.57 -13.98
N THR I 130 8.61 16.06 -12.86
CA THR I 130 9.98 15.75 -12.43
C THR I 130 10.06 15.69 -10.91
N GLU I 131 10.76 14.68 -10.38
CA GLU I 131 11.01 14.51 -8.94
C GLU I 131 12.19 15.41 -8.59
N MET I 132 11.98 16.37 -7.69
CA MET I 132 13.00 17.35 -7.30
C MET I 132 13.20 17.49 -5.80
N LYS I 133 14.45 17.65 -5.35
CA LYS I 133 14.74 17.87 -3.93
C LYS I 133 15.44 19.21 -3.71
N GLY I 134 15.01 19.94 -2.70
CA GLY I 134 15.59 21.24 -2.37
C GLY I 134 16.66 21.15 -1.28
N PRO I 135 17.12 22.30 -0.72
CA PRO I 135 16.73 23.69 -1.02
C PRO I 135 17.39 24.23 -2.29
N GLY I 136 16.70 25.13 -2.96
CA GLY I 136 17.22 25.75 -4.18
C GLY I 136 16.19 26.36 -5.09
N THR I 137 16.67 27.17 -6.03
CA THR I 137 15.90 27.82 -7.08
C THR I 137 16.39 27.23 -8.40
N PHE I 138 15.44 26.87 -9.30
CA PHE I 138 15.73 26.21 -10.56
C PHE I 138 15.02 26.88 -11.72
N VAL I 139 15.63 26.79 -12.91
CA VAL I 139 15.07 27.35 -14.14
C VAL I 139 14.85 26.19 -15.12
N ILE I 140 13.68 26.16 -15.76
CA ILE I 140 13.30 25.14 -16.73
C ILE I 140 13.30 25.78 -18.10
N TYR I 141 13.96 25.12 -19.08
CA TYR I 141 14.03 25.53 -20.48
C TYR I 141 13.55 24.40 -21.36
N GLN I 142 12.97 24.73 -22.52
CA GLN I 142 12.52 23.75 -23.51
C GLN I 142 13.19 24.07 -24.84
N VAL I 143 13.66 23.04 -25.55
CA VAL I 143 14.35 23.16 -26.82
C VAL I 143 13.38 23.60 -27.93
N VAL I 144 13.78 24.64 -28.67
CA VAL I 144 13.05 25.18 -29.82
C VAL I 144 13.91 24.97 -31.08
N LEU I 145 13.30 24.52 -32.19
CA LEU I 145 13.95 24.33 -33.48
C LEU I 145 13.50 25.44 -34.44
N VAL I 146 14.46 26.18 -35.00
CA VAL I 146 14.23 27.29 -35.91
C VAL I 146 14.48 26.85 -37.35
N TYR I 147 13.56 27.22 -38.26
CA TYR I 147 13.64 26.89 -39.68
C TYR I 147 13.62 28.15 -40.50
N ALA I 148 14.37 28.14 -41.60
CA ALA I 148 14.42 29.27 -42.54
C ALA I 148 13.60 28.87 -43.73
N HIS I 149 12.72 29.76 -44.19
CA HIS I 149 11.84 29.47 -45.30
C HIS I 149 11.94 30.46 -46.44
N ASN I 150 11.77 29.95 -47.68
CA ASN I 150 11.67 30.75 -48.89
C ASN I 150 10.34 30.38 -49.52
N ALA I 151 9.28 31.11 -49.14
CA ALA I 151 7.94 30.91 -49.67
C ALA I 151 7.90 31.66 -50.99
N THR I 152 8.16 30.93 -52.07
CA THR I 152 8.22 31.42 -53.44
C THR I 152 6.92 32.10 -53.89
N SER I 153 7.03 33.34 -54.44
CA SER I 153 5.95 34.20 -54.96
C SER I 153 5.05 34.82 -53.86
N ALA I 154 5.28 34.46 -52.58
CA ALA I 154 4.47 34.91 -51.44
C ALA I 154 4.74 36.36 -50.97
N GLY I 155 5.90 36.90 -51.36
CA GLY I 155 6.36 38.24 -50.98
C GLY I 155 5.43 39.41 -51.28
N ARG I 156 4.73 39.37 -52.42
CA ARG I 156 3.81 40.43 -52.82
C ARG I 156 2.57 40.47 -51.91
N GLN I 157 2.03 39.30 -51.57
CA GLN I 157 0.82 39.15 -50.76
C GLN I 157 1.06 39.17 -49.24
N ASN I 158 2.13 38.49 -48.78
CA ASN I 158 2.37 38.33 -47.34
C ASN I 158 3.69 38.91 -46.80
N ALA I 159 4.16 40.06 -47.34
CA ALA I 159 5.38 40.71 -46.84
C ALA I 159 5.17 41.21 -45.41
N ASN I 160 4.04 41.92 -45.20
CA ASN I 160 3.59 42.51 -43.94
C ASN I 160 3.01 41.49 -42.93
N ALA I 161 2.77 40.23 -43.35
CA ALA I 161 2.22 39.14 -42.52
C ALA I 161 3.11 38.79 -41.33
N PHE I 162 4.44 38.73 -41.54
CA PHE I 162 5.45 38.40 -40.54
C PHE I 162 6.12 39.65 -39.99
N ALA I 163 6.44 39.65 -38.68
CA ALA I 163 7.11 40.77 -38.01
C ALA I 163 8.52 40.99 -38.53
N TYR I 164 9.23 39.90 -38.87
CA TYR I 164 10.58 39.92 -39.45
C TYR I 164 10.55 39.09 -40.73
N SER I 165 10.76 39.77 -41.87
CA SER I 165 10.75 39.14 -43.19
C SER I 165 11.66 39.87 -44.20
N LYS I 166 11.97 39.20 -45.31
CA LYS I 166 12.80 39.75 -46.39
C LYS I 166 12.24 39.35 -47.74
N THR I 167 12.02 40.33 -48.65
CA THR I 167 11.54 40.06 -50.00
C THR I 167 12.69 40.05 -50.99
N GLN I 168 12.58 39.26 -52.06
CA GLN I 168 13.59 39.14 -53.11
C GLN I 168 12.90 38.90 -54.44
N ALA I 169 13.01 39.86 -55.37
CA ALA I 169 12.42 39.75 -56.70
C ALA I 169 13.27 38.85 -57.60
N VAL I 170 12.64 37.80 -58.16
CA VAL I 170 13.26 36.83 -59.07
C VAL I 170 12.40 36.91 -60.34
N GLY I 171 12.75 37.85 -61.23
CA GLY I 171 12.01 38.11 -62.44
C GLY I 171 10.71 38.83 -62.13
N SER I 172 9.58 38.26 -62.60
CA SER I 172 8.23 38.81 -62.38
C SER I 172 7.64 38.33 -61.03
N ARG I 173 8.41 37.51 -60.31
CA ARG I 173 8.05 36.85 -59.06
C ARG I 173 8.73 37.52 -57.86
N VAL I 174 8.05 37.51 -56.68
CA VAL I 174 8.57 38.10 -55.42
C VAL I 174 8.61 37.02 -54.30
N ASP I 175 9.81 36.50 -54.01
CA ASP I 175 10.05 35.49 -52.96
C ASP I 175 9.92 36.10 -51.55
N LEU I 176 9.45 35.29 -50.58
CA LEU I 176 9.29 35.71 -49.19
C LEU I 176 10.20 34.88 -48.30
N TYR I 177 11.09 35.56 -47.56
CA TYR I 177 12.04 34.93 -46.66
C TYR I 177 11.65 35.26 -45.23
N TYR I 178 11.38 34.22 -44.44
CA TYR I 178 10.97 34.33 -43.04
C TYR I 178 11.50 33.14 -42.25
N LEU I 179 11.30 33.17 -40.93
CA LEU I 179 11.72 32.14 -39.99
C LEU I 179 10.52 31.61 -39.20
N SER I 180 10.54 30.31 -38.88
CA SER I 180 9.49 29.66 -38.09
C SER I 180 10.11 28.82 -37.00
N ALA I 181 9.40 28.68 -35.88
CA ALA I 181 9.91 27.91 -34.75
C ALA I 181 8.88 26.93 -34.23
N ILE I 182 9.32 25.69 -34.01
CA ILE I 182 8.54 24.59 -33.44
C ILE I 182 9.34 24.13 -32.25
N THR I 183 8.68 23.50 -31.30
CA THR I 183 9.28 23.00 -30.07
C THR I 183 9.58 21.49 -30.12
N GLN I 184 10.51 21.03 -29.29
CA GLN I 184 10.87 19.61 -29.16
C GLN I 184 10.45 19.09 -27.76
N ARG I 185 10.25 17.77 -27.61
CA ARG I 185 9.91 17.13 -26.34
C ARG I 185 11.21 16.95 -25.57
N LYS I 186 11.92 18.07 -25.36
CA LYS I 186 13.22 18.09 -24.68
C LYS I 186 13.29 19.29 -23.77
N ARG I 187 13.63 19.05 -22.51
CA ARG I 187 13.68 20.11 -21.52
C ARG I 187 14.87 19.93 -20.59
N VAL I 188 15.33 21.03 -20.01
CA VAL I 188 16.44 20.96 -19.05
C VAL I 188 16.08 21.81 -17.83
N ILE I 189 16.32 21.25 -16.64
CA ILE I 189 16.11 21.92 -15.37
C ILE I 189 17.52 22.22 -14.84
N VAL I 190 17.85 23.51 -14.76
CA VAL I 190 19.17 24.02 -14.35
C VAL I 190 19.09 24.77 -12.99
N PRO I 191 20.04 24.58 -12.05
CA PRO I 191 20.01 25.39 -10.80
C PRO I 191 20.22 26.86 -11.17
N SER I 192 19.47 27.79 -10.54
CA SER I 192 19.50 29.23 -10.86
C SER I 192 20.92 29.87 -10.89
N SER I 193 21.88 29.33 -10.11
CA SER I 193 23.27 29.82 -10.09
C SER I 193 23.99 29.56 -11.42
N ASN I 194 23.60 28.48 -12.13
CA ASN I 194 24.15 28.05 -13.42
C ASN I 194 23.24 28.49 -14.59
N ALA I 195 22.08 29.11 -14.28
CA ALA I 195 21.12 29.55 -15.29
C ALA I 195 21.67 30.58 -16.24
N VAL I 196 21.40 30.39 -17.52
CA VAL I 196 21.83 31.27 -18.60
C VAL I 196 20.64 32.14 -19.05
N THR I 197 20.91 33.37 -19.52
CA THR I 197 19.85 34.26 -20.00
C THR I 197 19.28 33.67 -21.30
N PRO I 198 17.97 33.32 -21.36
CA PRO I 198 17.45 32.74 -22.60
C PRO I 198 17.27 33.75 -23.72
N LEU I 199 17.45 33.28 -24.96
CA LEU I 199 17.23 34.09 -26.15
C LEU I 199 15.71 34.11 -26.38
N ASP I 200 15.20 35.18 -26.99
CA ASP I 200 13.78 35.27 -27.32
C ASP I 200 13.60 35.28 -28.83
N TRP I 201 12.35 35.09 -29.32
CA TRP I 201 12.02 34.98 -30.74
C TRP I 201 12.40 36.20 -31.56
N ASP I 202 12.30 37.43 -30.99
CA ASP I 202 12.67 38.63 -31.74
C ASP I 202 14.19 38.73 -31.90
N THR I 203 14.98 38.39 -30.85
CA THR I 203 16.45 38.36 -30.90
C THR I 203 16.94 37.35 -31.96
N VAL I 204 16.40 36.13 -31.93
CA VAL I 204 16.74 35.04 -32.86
C VAL I 204 16.46 35.47 -34.31
N GLN I 205 15.31 36.14 -34.57
CA GLN I 205 14.96 36.58 -35.92
C GLN I 205 15.85 37.70 -36.43
N ARG I 206 16.15 38.69 -35.56
CA ARG I 206 16.99 39.85 -35.86
C ARG I 206 18.39 39.39 -36.26
N ASN I 207 18.95 38.42 -35.52
CA ASN I 207 20.29 37.93 -35.75
C ASN I 207 20.41 36.84 -36.80
N VAL I 208 19.52 35.83 -36.80
CA VAL I 208 19.62 34.72 -37.77
C VAL I 208 19.23 35.18 -39.19
N LEU I 209 18.02 35.75 -39.35
CA LEU I 209 17.57 36.19 -40.67
C LEU I 209 18.10 37.56 -41.09
N MET I 210 17.69 38.62 -40.36
CA MET I 210 17.99 40.03 -40.66
C MET I 210 19.48 40.36 -40.73
N GLU I 211 20.30 39.84 -39.80
CA GLU I 211 21.73 40.15 -39.77
C GLU I 211 22.65 39.12 -40.42
N ASN I 212 22.29 37.82 -40.41
CA ASN I 212 23.17 36.76 -40.93
C ASN I 212 22.71 36.06 -42.21
N TYR I 213 21.75 36.65 -42.96
CA TYR I 213 21.32 36.04 -44.22
C TYR I 213 21.00 37.07 -45.31
N ASN I 214 21.62 36.89 -46.48
CA ASN I 214 21.43 37.74 -47.64
C ASN I 214 20.69 36.98 -48.77
N PRO I 215 19.40 37.30 -49.02
CA PRO I 215 18.63 36.60 -50.06
C PRO I 215 19.17 36.73 -51.48
N GLY I 216 19.76 37.89 -51.80
CA GLY I 216 20.34 38.23 -53.09
C GLY I 216 21.47 37.32 -53.54
N SER I 217 22.40 37.03 -52.63
CA SER I 217 23.55 36.17 -52.88
C SER I 217 23.34 34.73 -52.35
N ASN I 218 22.24 34.49 -51.58
CA ASN I 218 21.94 33.21 -50.89
C ASN I 218 23.17 32.81 -50.06
N SER I 219 23.60 33.74 -49.18
CA SER I 219 24.77 33.55 -48.35
C SER I 219 24.64 34.30 -47.03
N GLY I 220 25.53 33.94 -46.11
CA GLY I 220 25.63 34.49 -44.77
C GLY I 220 26.13 33.41 -43.85
N HIS I 221 25.47 33.23 -42.69
CA HIS I 221 25.90 32.15 -41.79
C HIS I 221 25.37 30.80 -42.24
N PHE I 222 24.42 30.81 -43.21
CA PHE I 222 23.79 29.62 -43.82
C PHE I 222 23.31 29.94 -45.25
N SER I 223 23.04 28.89 -46.03
CA SER I 223 22.49 29.02 -47.38
C SER I 223 21.54 27.85 -47.70
N PHE I 224 20.50 28.14 -48.51
CA PHE I 224 19.54 27.14 -48.95
C PHE I 224 20.16 26.30 -50.05
N ASP I 225 19.70 25.05 -50.19
CA ASP I 225 20.14 24.14 -51.24
C ASP I 225 18.97 23.97 -52.19
N TRP I 226 18.95 24.77 -53.28
CA TRP I 226 17.88 24.75 -54.27
C TRP I 226 17.76 23.43 -55.05
N SER I 227 18.73 22.49 -54.89
CA SER I 227 18.69 21.19 -55.57
C SER I 227 17.56 20.27 -55.05
N ALA I 228 16.90 20.67 -53.94
CA ALA I 228 15.76 20.00 -53.32
C ALA I 228 14.58 19.87 -54.31
N TYR I 229 14.42 20.86 -55.21
CA TYR I 229 13.41 20.92 -56.26
C TYR I 229 13.49 19.72 -57.22
N ASN I 230 14.68 19.14 -57.39
CA ASN I 230 14.87 18.02 -58.32
C ASN I 230 15.11 16.67 -57.63
N ASP I 231 15.14 16.64 -56.28
CA ASP I 231 15.31 15.41 -55.51
C ASP I 231 13.94 14.90 -55.02
N PRO I 232 13.51 13.67 -55.44
CA PRO I 232 12.20 13.16 -54.97
C PRO I 232 12.22 12.82 -53.47
N HIS I 233 13.43 12.48 -52.94
CA HIS I 233 13.65 12.16 -51.53
C HIS I 233 13.55 13.43 -50.66
N ARG I 234 13.62 14.62 -51.29
CA ARG I 234 13.56 15.90 -50.58
C ARG I 234 12.38 16.78 -51.02
N ARG I 235 11.32 16.15 -51.55
CA ARG I 235 10.08 16.81 -51.94
C ARG I 235 8.89 16.16 -51.20
N TYR I 236 7.95 16.96 -50.65
CA TYR I 236 6.79 16.43 -49.93
C TYR I 236 5.45 16.86 -50.52
N GLN J 1 26.20 -14.57 -63.40
CA GLN J 1 26.65 -15.49 -62.34
C GLN J 1 25.53 -15.89 -61.35
N PRO J 2 24.68 -14.99 -60.76
CA PRO J 2 23.62 -15.48 -59.86
C PRO J 2 22.38 -15.96 -60.62
N GLN J 3 21.84 -17.14 -60.24
CA GLN J 3 20.63 -17.73 -60.86
C GLN J 3 19.39 -16.92 -60.49
N SER J 4 18.33 -16.99 -61.32
CA SER J 4 17.09 -16.25 -61.10
C SER J 4 15.84 -16.85 -61.72
N HIS J 5 14.67 -16.38 -61.24
CA HIS J 5 13.34 -16.72 -61.73
C HIS J 5 12.62 -15.43 -62.19
N SER J 6 13.17 -14.27 -61.77
CA SER J 6 12.62 -12.92 -62.01
C SER J 6 12.65 -12.44 -63.45
N ILE J 7 11.58 -11.74 -63.83
CA ILE J 7 11.34 -11.12 -65.13
C ILE J 7 10.53 -9.83 -64.93
N GLU J 8 10.75 -8.82 -65.79
CA GLU J 8 10.00 -7.55 -65.77
C GLU J 8 8.61 -7.80 -66.33
N LEU J 9 7.56 -7.31 -65.64
CA LEU J 9 6.17 -7.52 -66.09
C LEU J 9 5.52 -6.26 -66.64
N GLN K 1 20.73 -54.41 -38.40
CA GLN K 1 20.66 -54.69 -36.97
C GLN K 1 19.35 -54.22 -36.26
N PRO K 2 18.79 -53.00 -36.48
CA PRO K 2 17.56 -52.64 -35.74
C PRO K 2 16.29 -53.20 -36.37
N GLN K 3 15.41 -53.81 -35.54
CA GLN K 3 14.12 -54.37 -35.97
C GLN K 3 13.17 -53.24 -36.34
N SER K 4 12.16 -53.53 -37.20
CA SER K 4 11.18 -52.51 -37.61
C SER K 4 9.81 -53.05 -38.01
N HIS K 5 8.80 -52.15 -38.00
CA HIS K 5 7.43 -52.36 -38.41
C HIS K 5 7.09 -51.46 -39.62
N SER K 6 7.95 -50.44 -39.86
CA SER K 6 7.80 -49.42 -40.89
C SER K 6 7.97 -49.91 -42.30
N ILE K 7 7.11 -49.40 -43.18
CA ILE K 7 7.12 -49.67 -44.63
C ILE K 7 6.74 -48.38 -45.36
N GLU K 8 7.34 -48.15 -46.54
CA GLU K 8 7.07 -47.00 -47.40
C GLU K 8 5.64 -47.17 -47.95
N LEU K 9 4.83 -46.11 -47.85
CA LEU K 9 3.43 -46.11 -48.29
C LEU K 9 3.24 -45.23 -49.51
N GLN L 1 2.87 -70.27 2.63
CA GLN L 1 2.97 -69.56 3.92
C GLN L 1 1.97 -68.39 4.07
N PRO L 2 1.81 -67.42 3.11
CA PRO L 2 0.83 -66.34 3.34
C PRO L 2 -0.60 -66.72 2.97
N GLN L 3 -1.56 -66.39 3.86
CA GLN L 3 -2.98 -66.66 3.65
C GLN L 3 -3.56 -65.79 2.53
N SER L 4 -4.65 -66.25 1.89
CA SER L 4 -5.30 -65.51 0.81
C SER L 4 -6.79 -65.81 0.62
N HIS L 5 -7.47 -64.87 -0.06
CA HIS L 5 -8.88 -64.93 -0.44
C HIS L 5 -8.98 -64.83 -1.98
N SER L 6 -7.88 -64.40 -2.63
CA SER L 6 -7.76 -64.18 -4.07
C SER L 6 -7.88 -65.43 -4.90
N ILE L 7 -8.87 -65.40 -5.82
CA ILE L 7 -9.20 -66.44 -6.78
C ILE L 7 -8.86 -65.84 -8.15
N GLU L 8 -7.91 -66.47 -8.87
CA GLU L 8 -7.44 -66.05 -10.18
C GLU L 8 -8.53 -66.29 -11.24
N LEU L 9 -9.11 -65.19 -11.76
CA LEU L 9 -10.19 -65.21 -12.76
C LEU L 9 -9.63 -65.10 -14.18
N PRO M 2 -18.46 -50.51 40.52
CA PRO M 2 -19.03 -49.28 39.97
C PRO M 2 -20.52 -49.40 39.66
N GLN M 3 -21.31 -48.37 40.04
CA GLN M 3 -22.76 -48.33 39.79
C GLN M 3 -23.05 -48.15 38.29
N SER M 4 -24.23 -48.61 37.84
CA SER M 4 -24.65 -48.52 36.44
C SER M 4 -26.14 -48.67 36.22
N HIS M 5 -26.59 -48.21 35.02
CA HIS M 5 -27.94 -48.32 34.49
C HIS M 5 -27.95 -49.12 33.19
N SER M 6 -26.76 -49.31 32.60
CA SER M 6 -26.52 -49.99 31.33
C SER M 6 -26.77 -51.50 31.30
N ILE M 7 -27.35 -51.96 30.18
CA ILE M 7 -27.70 -53.34 29.83
C ILE M 7 -27.55 -53.55 28.32
N GLU M 8 -27.26 -54.79 27.88
CA GLU M 8 -27.18 -55.16 26.45
C GLU M 8 -28.60 -55.24 25.90
N LEU M 9 -28.87 -54.62 24.74
CA LEU M 9 -30.20 -54.60 24.11
C LEU M 9 -30.25 -55.47 22.85
N PRO N 2 -32.50 -9.96 58.05
CA PRO N 2 -32.72 -9.30 56.76
C PRO N 2 -34.19 -9.28 56.35
N GLN N 3 -34.69 -8.09 55.95
CA GLN N 3 -36.07 -7.88 55.51
C GLN N 3 -36.34 -8.58 54.18
N SER N 4 -37.61 -8.92 53.89
CA SER N 4 -37.98 -9.60 52.64
C SER N 4 -39.42 -9.38 52.18
N HIS N 5 -39.64 -9.65 50.88
CA HIS N 5 -40.91 -9.60 50.18
C HIS N 5 -41.18 -10.98 49.55
N SER N 6 -40.14 -11.83 49.48
CA SER N 6 -40.15 -13.17 48.86
C SER N 6 -40.98 -14.23 49.59
N ILE N 7 -41.65 -15.07 48.80
CA ILE N 7 -42.52 -16.17 49.25
C ILE N 7 -42.28 -17.41 48.38
N GLU N 8 -42.35 -18.62 48.97
CA GLU N 8 -42.23 -19.87 48.23
C GLU N 8 -43.58 -20.12 47.54
N LEU N 9 -43.56 -20.47 46.24
CA LEU N 9 -44.77 -20.72 45.46
C LEU N 9 -44.93 -22.19 45.10
N GLN O 1 -34.77 35.32 49.64
CA GLN O 1 -33.60 35.89 48.97
C GLN O 1 -33.63 35.63 47.42
N PRO O 2 -33.75 34.38 46.89
CA PRO O 2 -33.79 34.23 45.42
C PRO O 2 -35.18 34.41 44.82
N GLN O 3 -35.30 35.21 43.74
CA GLN O 3 -36.58 35.41 43.04
C GLN O 3 -36.99 34.14 42.28
N SER O 4 -38.30 33.96 42.02
CA SER O 4 -38.79 32.77 41.30
C SER O 4 -40.12 32.97 40.55
N HIS O 5 -40.39 32.05 39.62
CA HIS O 5 -41.62 31.95 38.84
C HIS O 5 -42.33 30.60 39.14
N SER O 6 -41.58 29.67 39.77
CA SER O 6 -42.00 28.31 40.09
C SER O 6 -43.08 28.19 41.15
N ILE O 7 -44.00 27.25 40.90
CA ILE O 7 -45.11 26.85 41.76
C ILE O 7 -45.35 25.35 41.61
N GLU O 8 -45.71 24.69 42.73
CA GLU O 8 -46.04 23.27 42.77
C GLU O 8 -47.42 23.08 42.10
N LEU O 9 -47.53 22.11 41.18
CA LEU O 9 -48.78 21.79 40.47
C LEU O 9 -49.29 20.42 40.88
N GLN P 1 -21.03 64.50 15.00
CA GLN P 1 -21.96 64.69 13.91
C GLN P 1 -21.80 63.63 12.77
N PRO P 2 -22.14 62.33 13.00
CA PRO P 2 -22.06 61.36 11.90
C PRO P 2 -23.32 61.38 11.00
N GLN P 3 -23.13 61.41 9.67
CA GLN P 3 -24.23 61.42 8.70
C GLN P 3 -24.99 60.09 8.71
N SER P 4 -26.28 60.11 8.29
CA SER P 4 -27.13 58.91 8.28
C SER P 4 -28.32 58.99 7.33
N HIS P 5 -28.88 57.81 7.01
CA HIS P 5 -30.08 57.62 6.20
C HIS P 5 -31.16 56.90 7.04
N SER P 6 -30.73 56.33 8.18
CA SER P 6 -31.56 55.55 9.11
C SER P 6 -32.59 56.36 9.89
N ILE P 7 -33.78 55.75 10.07
CA ILE P 7 -34.92 56.29 10.81
C ILE P 7 -35.62 55.14 11.53
N GLU P 8 -36.15 55.42 12.72
CA GLU P 8 -36.84 54.44 13.55
C GLU P 8 -38.22 54.16 12.92
N LEU P 9 -38.58 52.86 12.75
CA LEU P 9 -39.86 52.45 12.15
C LEU P 9 -40.79 51.81 13.18
N GLN Q 1 -1.99 64.02 -28.77
CA GLN Q 1 -0.86 63.16 -29.11
C GLN Q 1 -1.26 61.68 -29.37
N PRO Q 2 -2.02 60.94 -28.50
CA PRO Q 2 -2.36 59.55 -28.84
C PRO Q 2 -3.57 59.42 -29.76
N GLN Q 3 -3.45 58.59 -30.82
CA GLN Q 3 -4.53 58.33 -31.78
C GLN Q 3 -5.67 57.53 -31.13
N SER Q 4 -6.90 57.64 -31.68
CA SER Q 4 -8.07 56.94 -31.15
C SER Q 4 -9.20 56.71 -32.14
N HIS Q 5 -10.10 55.77 -31.79
CA HIS Q 5 -11.32 55.43 -32.52
C HIS Q 5 -12.54 55.64 -31.59
N SER Q 6 -12.29 55.80 -30.28
CA SER Q 6 -13.27 55.94 -29.23
C SER Q 6 -14.05 57.25 -29.22
N ILE Q 7 -15.35 57.14 -28.91
CA ILE Q 7 -16.33 58.22 -28.79
C ILE Q 7 -17.33 57.87 -27.69
N GLU Q 8 -17.80 58.88 -26.94
CA GLU Q 8 -18.81 58.71 -25.91
C GLU Q 8 -20.17 58.56 -26.61
N LEU Q 9 -20.97 57.57 -26.18
CA LEU Q 9 -22.29 57.30 -26.77
C LEU Q 9 -23.44 57.69 -25.85
N GLN R 1 17.44 32.46 -59.58
CA GLN R 1 18.22 31.28 -59.19
C GLN R 1 17.36 30.13 -58.59
N PRO R 2 16.41 30.31 -57.63
CA PRO R 2 15.66 29.15 -57.14
C PRO R 2 14.47 28.78 -58.03
N GLN R 3 14.33 27.48 -58.38
CA GLN R 3 13.24 26.96 -59.23
C GLN R 3 11.90 27.02 -58.47
N SER R 4 10.79 27.10 -59.22
CA SER R 4 9.44 27.16 -58.65
C SER R 4 8.33 26.74 -59.61
N HIS R 5 7.17 26.42 -59.02
CA HIS R 5 5.92 26.06 -59.69
C HIS R 5 4.81 27.04 -59.27
N SER R 6 5.07 27.82 -58.19
CA SER R 6 4.14 28.78 -57.58
C SER R 6 3.83 30.02 -58.40
N ILE R 7 2.55 30.43 -58.36
CA ILE R 7 1.97 31.60 -59.02
C ILE R 7 0.88 32.21 -58.14
N GLU R 8 0.68 33.55 -58.25
CA GLU R 8 -0.37 34.26 -57.51
C GLU R 8 -1.72 33.96 -58.18
N LEU R 9 -2.75 33.61 -57.39
CA LEU R 9 -4.08 33.27 -57.92
C LEU R 9 -5.12 34.35 -57.60
ZN ZN S . 19.88 -27.42 -47.09
ZN ZN T . 24.65 12.23 -42.38
ZN ZN U . 8.64 -14.89 -57.12
ZN ZN V . 10.27 -53.79 -19.47
ZN ZN W . 26.89 -21.60 -37.07
ZN ZN X . 3.58 -47.02 -36.86
ZN ZN Y . -6.25 -55.57 16.04
ZN ZN Z . 19.41 -45.32 -13.26
ZN ZN AA . -10.81 -58.93 -3.00
ZN ZN BA . -22.69 -31.72 43.16
ZN ZN CA . 4.92 -47.12 17.98
ZN ZN DA . -27.88 -44.55 28.75
ZN ZN EA . -30.69 6.83 48.97
ZN ZN FA . -9.36 -26.80 41.53
ZN ZN GA . -40.00 -9.88 43.27
ZN ZN HA . -27.15 41.32 30.45
ZN ZN IA . -17.05 6.35 47.75
ZN ZN JA . -40.94 27.37 34.02
ZN ZN KA . -13.26 56.41 -3.29
ZN ZN LA . -14.07 36.93 32.00
ZN ZN MA . -30.79 51.01 5.16
ZN ZN NA . 4.40 44.71 -36.55
ZN ZN OA . -1.62 50.94 2.73
ZN ZN PA . -13.93 49.96 -29.99
ZN ZN QA . 17.61 11.46 -54.07
ZN ZN RA . 13.03 40.85 -26.93
ZN ZN SA . 1.70 23.69 -54.83
#